data_4G1E
#
_entry.id   4G1E
#
_cell.length_a   128.558
_cell.length_b   128.558
_cell.length_c   352.859
_cell.angle_alpha   90.00
_cell.angle_beta   90.00
_cell.angle_gamma   120.00
#
_symmetry.space_group_name_H-M   'P 32 2 1'
#
loop_
_entity.id
_entity.type
_entity.pdbx_description
1 polymer 'Integrin alpha-V'
2 polymer 'Integrin beta-3'
3 branched alpha-D-mannopyranose-(1-6)-beta-D-mannopyranose-(1-4)-2-acetamido-2-deoxy-beta-D-glucopyranose-(1-4)-2-acetamido-2-deoxy-beta-D-glucopyranose
4 branched beta-D-mannopyranose-(1-4)-2-acetamido-2-deoxy-beta-D-glucopyranose-(1-4)-2-acetamido-2-deoxy-beta-D-glucopyranose
5 branched alpha-D-mannopyranose-(1-2)-alpha-D-mannopyranose-(1-3)-alpha-D-mannopyranose-(1-6)-[alpha-D-mannopyranose-(1-3)-alpha-D-mannopyranose-(1-3)]beta-D-mannopyranose-(1-4)-2-acetamido-2-deoxy-beta-D-glucopyranose-(1-4)-2-acetamido-2-deoxy-beta-D-glucopyranose
6 branched alpha-D-mannopyranose-(1-3)-beta-D-mannopyranose-(1-4)-2-acetamido-2-deoxy-beta-D-glucopyranose-(1-4)-2-acetamido-2-deoxy-beta-D-glucopyranose
7 branched 2-acetamido-2-deoxy-beta-D-glucopyranose-(1-4)-2-acetamido-2-deoxy-beta-D-glucopyranose
8 branched alpha-D-mannopyranose-(1-3)-alpha-D-mannopyranose-(1-6)-[alpha-D-mannopyranose-(1-3)]beta-D-mannopyranose-(1-4)-2-acetamido-2-deoxy-beta-D-glucopyranose-(1-4)-2-acetamido-2-deoxy-beta-D-glucopyranose
9 non-polymer 'CALCIUM ION'
10 non-polymer 2-acetamido-2-deoxy-beta-D-glucopyranose
11 non-polymer 'SULFATE ION'
12 non-polymer 'CHLORIDE ION'
13 non-polymer 'NICKEL (II) ION'
14 water water
#
loop_
_entity_poly.entity_id
_entity_poly.type
_entity_poly.pdbx_seq_one_letter_code
_entity_poly.pdbx_strand_id
1 'polypeptide(L)'
;FNLDVDSPAEYSGPEGSYFGFAVDFFVPSASSRMFLLVGAPKANTTQPGIVEGGQVLKCDWSSTRRCQPIEFDATGNRDY
AKDDPLEFKSHQWFGASVRSKQDKILACAPLYHWRTEMKQEREPVGTCFLQDGTKTVEYAPCRSQDIDADGQGFCQGGFS
IDFTKADRVLLGGPGSFYWQGQLISDQVAEIVSKYDPNVYSIKYNNQLATRTAQAIFDDSYLGYSVAVGDFNGDGIDDFV
SGVPRAARTLGMVYIYDGKNMSSLYNFTGEQMAAYFGFSVAATDINGDDYADVFIGAPLFMDRGSDGKLQEVGQVSVSLQ
RASGDFQTTKLNGFEVFARFGSAIAPLGDLDQDGFNDIAIAAPYGGEDKKGIVYIFNGRSTGLNAVPSQILEGQWAARSM
PPSFGYSMKGATDIDKNGYPDLIVGAFGVDRAILYRARPVITVNAGLEVYPSILNQDNKTCSLPGTALKVSCFNVRFCLK
ADGKGVLPRKLNFQVELLLDKLKQKGAIRRALFLYSRSPSHSKNMTISRGGLMQCEELIAYLRDESEFRDKLTPITIFME
YRLDYRTAADTTGLQPILNQFTPANISRQAHILLDCGEDNVCKPKLEVSVDSDQKKIYIGDDNPLTLIVKAQNQGEGAYE
AELIVSIPLQADFIGVVRNNEALARLSCAFKTENQTRQVVCDLGNPMKAGTQLLAGLRFSVHQQSEMDTSVKFDLQIQSS
NLFDKVSPVVSHKVDLAVLAAVEIRGVSSPDHVFLPIPNWEHKENPETEEDVGPVVQHIYELRNNGPSSFSKAMLHLQWP
YKYNNNTLLYILHYDIDGPMNCTSDMEINPLRIKISSLQTTEKNDTVAGQGERDHLITKRDLALSEGDIHTLGCGVAQCL
KIVCQVGRLDRGKSAILYVKSLLWTETFMNKENQNHSYSLKSSASFNVIEFPYKNLPIEDITNSTLVTTNVTWGIQPAPM
GSGGENAQCEKELQALEKENAQLEWELQALEKELQALC
;
A
2 'polypeptide(L)'
;GPNICTTRGVSSCQQCLAVSPMCAWCSDEALPLGSPRCDLKENLLKDNCAPESIEFPVSEARVLEDRPLSDKGSGDSSQV
TQVSPQRIALRLRPDDSKNFSIQVRQVEDYPVDIYYLMDLSYSMKDDLWSIQNLGTKLATQMRKLTSNLRIGFGAFVDKP
VSPYMYISPPEALENPCYDMKTTCLPMFGYKHVLTLTDQVTRFNEEVKKQSVSRNRDAPEGGFDAIMQATVCDEKIGWRN
DASHLLVFTTDAKTHIALDGRLAGIVQPNDGQCHVGSDNHYSASTTMDYPSLGLMTEKLSQKNINLIFAVTENVVNLYQN
YSELIPGTTVGVLSMDSSNVLQLIVDAYGKIRSKVELEVRDLPEELSLSFNATCLNNEVIPGLKSCMGLKIGDTVSFSIE
AKVRGCPQEKEKSFTIKPVGFKDSLIVQVTFDCDCACQAQAEPNSHRCNNGNGTFECGVCRCGPGWLGSQCECSEEDYRP
SQQDECSPREGQPVCSQRGECLCGQCVCHSSDFGKITGKYCECDDFSCVRYKGEMCSGHGQCSCGDCLCDSDWTGYYCNC
TTRTDTCMSSNGLLCSGRGKCECGSCVCIQPGSYGDTCEKCPTCPDACTFKKECVECKKFDRGALHDENTCNRYCRDEIE
SVKELKDTGKDAVNCTYKNEDDCVVRFQYYEDSSGKSILYVVEEPECPKGPESMENLYFQSGGKNAQCKKKLQALKKKNA
QLKWKLQALCTGHHHHHH
;
B
#
# COMPACT_ATOMS: atom_id res chain seq x y z
N PHE A 1 -14.90 2.33 22.18
CA PHE A 1 -16.17 3.05 21.91
C PHE A 1 -16.91 3.41 23.20
N ASN A 2 -16.51 2.80 24.31
CA ASN A 2 -17.19 3.00 25.58
C ASN A 2 -16.55 4.09 26.45
N LEU A 3 -15.44 4.65 25.98
CA LEU A 3 -14.77 5.72 26.73
C LEU A 3 -15.68 6.94 26.83
N ASP A 4 -15.68 7.57 28.01
CA ASP A 4 -16.52 8.74 28.23
C ASP A 4 -15.78 10.02 27.86
N VAL A 5 -16.18 10.62 26.75
CA VAL A 5 -15.63 11.90 26.33
C VAL A 5 -16.53 13.03 26.81
N ASP A 6 -17.63 12.67 27.46
CA ASP A 6 -18.59 13.64 27.95
C ASP A 6 -17.92 14.67 28.85
N SER A 7 -17.38 14.21 29.98
CA SER A 7 -16.74 15.09 30.94
C SER A 7 -15.50 14.46 31.54
N PRO A 8 -14.41 14.42 30.77
CA PRO A 8 -13.13 13.86 31.22
C PRO A 8 -12.40 14.82 32.17
N ALA A 9 -11.47 14.29 32.97
CA ALA A 9 -10.71 15.11 33.90
C ALA A 9 -9.48 15.69 33.22
N GLU A 10 -9.22 16.97 33.44
CA GLU A 10 -8.10 17.65 32.81
C GLU A 10 -7.09 18.15 33.86
N TYR A 11 -5.81 17.92 33.58
CA TYR A 11 -4.75 18.31 34.49
C TYR A 11 -3.72 19.16 33.73
N SER A 12 -3.16 20.15 34.41
CA SER A 12 -2.26 21.09 33.78
C SER A 12 -0.95 21.24 34.55
N GLY A 13 0.04 21.85 33.89
CA GLY A 13 1.33 22.10 34.50
C GLY A 13 1.94 23.39 33.98
N PRO A 14 3.04 23.84 34.60
CA PRO A 14 3.73 25.07 34.22
C PRO A 14 3.99 25.16 32.72
N GLU A 15 3.58 26.26 32.11
CA GLU A 15 3.77 26.45 30.67
C GLU A 15 5.24 26.39 30.30
N GLY A 16 5.54 25.66 29.22
CA GLY A 16 6.91 25.52 28.75
C GLY A 16 7.67 24.44 29.50
N SER A 17 6.95 23.66 30.31
CA SER A 17 7.56 22.60 31.09
C SER A 17 7.34 21.24 30.44
N TYR A 18 6.66 21.24 29.30
CA TYR A 18 6.34 20.01 28.60
C TYR A 18 5.59 19.05 29.51
N PHE A 19 4.70 19.60 30.32
CA PHE A 19 3.84 18.81 31.20
C PHE A 19 2.97 17.87 30.38
N GLY A 20 3.16 16.57 30.56
CA GLY A 20 2.39 15.58 29.82
C GLY A 20 3.18 14.98 28.67
N PHE A 21 4.50 15.06 28.77
CA PHE A 21 5.37 14.45 27.78
C PHE A 21 5.48 12.94 28.02
N ALA A 22 5.31 12.55 29.28
CA ALA A 22 5.32 11.14 29.66
C ALA A 22 4.27 10.92 30.74
N VAL A 23 3.59 9.78 30.70
CA VAL A 23 2.51 9.52 31.63
C VAL A 23 2.41 8.05 32.02
N ASP A 24 1.79 7.79 33.17
CA ASP A 24 1.58 6.44 33.67
C ASP A 24 0.69 6.47 34.91
N PHE A 25 0.11 5.33 35.26
CA PHE A 25 -0.70 5.20 36.47
C PHE A 25 0.18 4.94 37.69
N PHE A 26 -0.32 5.28 38.86
CA PHE A 26 0.34 4.91 40.11
C PHE A 26 -0.60 4.08 40.98
N VAL A 27 -0.26 2.81 41.16
CA VAL A 27 -1.09 1.91 41.93
C VAL A 27 -0.26 1.19 42.99
N PRO A 28 -0.21 1.76 44.21
CA PRO A 28 0.49 1.10 45.32
C PRO A 28 -0.14 -0.22 45.71
N SER A 29 -1.29 -0.53 45.10
CA SER A 29 -2.00 -1.78 45.35
C SER A 29 -2.56 -1.79 46.77
N ALA A 30 -2.79 -2.99 47.30
CA ALA A 30 -3.45 -3.12 48.60
C ALA A 30 -4.75 -2.33 48.58
N SER A 31 -5.39 -2.28 47.42
CA SER A 31 -6.59 -1.47 47.23
C SER A 31 -6.44 -0.12 47.92
N SER A 32 -5.64 0.75 47.32
CA SER A 32 -5.25 2.01 47.95
C SER A 32 -5.45 3.21 47.02
N ARG A 33 -5.63 4.37 47.63
CA ARG A 33 -5.68 5.65 46.91
C ARG A 33 -4.99 5.61 45.55
N MET A 34 -5.61 6.27 44.57
CA MET A 34 -5.09 6.28 43.21
C MET A 34 -4.50 7.64 42.84
N PHE A 35 -3.53 7.63 41.93
CA PHE A 35 -2.92 8.86 41.44
C PHE A 35 -2.54 8.74 39.97
N LEU A 36 -2.33 9.88 39.34
CA LEU A 36 -1.78 9.93 37.99
C LEU A 36 -0.37 10.49 38.06
N LEU A 37 0.50 9.97 37.21
CA LEU A 37 1.89 10.42 37.16
C LEU A 37 2.17 11.11 35.84
N VAL A 38 2.66 12.35 35.91
CA VAL A 38 2.94 13.13 34.71
C VAL A 38 4.37 13.69 34.76
N GLY A 39 5.13 13.44 33.69
CA GLY A 39 6.49 13.92 33.59
C GLY A 39 6.59 15.25 32.87
N ALA A 40 7.38 16.16 33.43
CA ALA A 40 7.56 17.49 32.85
C ALA A 40 9.05 17.81 32.77
N PRO A 41 9.71 17.36 31.69
CA PRO A 41 11.17 17.46 31.54
C PRO A 41 11.71 18.88 31.55
N LYS A 42 10.92 19.86 31.11
CA LYS A 42 11.39 21.24 31.05
C LYS A 42 10.87 22.07 32.22
N ALA A 43 10.38 21.41 33.26
CA ALA A 43 9.87 22.11 34.43
C ALA A 43 11.01 22.66 35.29
N ASN A 44 10.96 23.95 35.58
CA ASN A 44 11.94 24.57 36.47
C ASN A 44 11.80 24.02 37.89
N THR A 45 12.92 23.54 38.44
CA THR A 45 12.91 22.93 39.76
C THR A 45 13.49 23.87 40.81
N THR A 46 13.36 23.46 42.08
CA THR A 46 13.89 24.25 43.18
C THR A 46 15.34 23.86 43.47
N GLN A 47 15.87 22.91 42.71
CA GLN A 47 17.24 22.45 42.90
C GLN A 47 18.20 23.60 42.65
N PRO A 48 19.05 23.92 43.65
CA PRO A 48 19.93 25.09 43.57
C PRO A 48 20.75 25.16 42.29
N GLY A 49 20.72 26.30 41.62
CA GLY A 49 21.51 26.53 40.44
C GLY A 49 21.22 25.56 39.32
N ILE A 50 19.96 25.18 39.18
CA ILE A 50 19.55 24.26 38.13
C ILE A 50 18.28 24.74 37.44
N VAL A 51 18.38 25.01 36.15
CA VAL A 51 17.25 25.53 35.38
C VAL A 51 16.60 24.41 34.57
N GLU A 52 15.27 24.36 34.60
CA GLU A 52 14.50 23.35 33.90
C GLU A 52 15.06 21.97 34.19
N GLY A 53 15.34 21.70 35.47
CA GLY A 53 15.85 20.42 35.89
C GLY A 53 14.87 19.30 35.57
N GLY A 54 13.60 19.65 35.41
CA GLY A 54 12.57 18.68 35.12
C GLY A 54 12.06 18.04 36.40
N GLN A 55 10.78 17.65 36.38
CA GLN A 55 10.16 17.05 37.56
C GLN A 55 8.98 16.18 37.15
N VAL A 56 8.61 15.25 38.02
CA VAL A 56 7.45 14.40 37.80
C VAL A 56 6.41 14.67 38.87
N LEU A 57 5.20 15.02 38.45
CA LEU A 57 4.14 15.40 39.37
C LEU A 57 3.13 14.29 39.62
N LYS A 58 2.62 14.24 40.85
CA LYS A 58 1.61 13.27 41.24
C LYS A 58 0.26 13.95 41.33
N CYS A 59 -0.59 13.73 40.33
CA CYS A 59 -1.88 14.38 40.27
C CYS A 59 -2.95 13.59 41.01
N ASP A 60 -3.61 14.26 41.96
CA ASP A 60 -4.70 13.65 42.70
C ASP A 60 -5.94 13.57 41.82
N TRP A 61 -6.40 12.34 41.57
CA TRP A 61 -7.57 12.13 40.71
C TRP A 61 -8.86 12.43 41.46
N SER A 62 -8.99 11.85 42.64
CA SER A 62 -10.21 12.02 43.45
C SER A 62 -10.48 13.50 43.71
N SER A 63 -11.71 13.92 43.38
CA SER A 63 -12.15 15.30 43.64
C SER A 63 -11.26 16.33 42.94
N THR A 64 -10.66 17.23 43.73
CA THR A 64 -9.89 18.33 43.17
C THR A 64 -8.76 17.83 42.28
N ARG A 65 -8.50 18.57 41.21
CA ARG A 65 -7.41 18.25 40.30
C ARG A 65 -6.22 19.15 40.61
N ARG A 66 -5.30 18.63 41.43
CA ARG A 66 -4.10 19.39 41.79
C ARG A 66 -2.87 18.49 41.76
N CYS A 67 -1.87 18.92 41.01
CA CYS A 67 -0.65 18.14 40.84
C CYS A 67 0.41 18.55 41.85
N GLN A 68 0.87 17.57 42.63
CA GLN A 68 1.90 17.81 43.64
C GLN A 68 3.21 17.13 43.22
N PRO A 69 4.20 17.95 42.83
CA PRO A 69 5.49 17.42 42.36
C PRO A 69 6.14 16.44 43.33
N ILE A 70 6.58 15.30 42.82
CA ILE A 70 7.35 14.35 43.61
C ILE A 70 8.84 14.64 43.45
N GLU A 71 9.50 15.00 44.54
CA GLU A 71 10.91 15.36 44.49
C GLU A 71 11.81 14.17 44.81
N PHE A 72 12.54 13.71 43.81
CA PHE A 72 13.49 12.62 43.97
C PHE A 72 14.82 13.18 44.47
N ASP A 73 15.21 14.31 43.90
CA ASP A 73 16.48 14.94 44.24
C ASP A 73 16.30 16.45 44.39
N ALA A 74 16.59 16.96 45.58
CA ALA A 74 16.47 18.39 45.87
C ALA A 74 17.82 19.08 45.72
N THR A 75 18.90 18.31 45.76
CA THR A 75 20.24 18.88 45.72
C THR A 75 20.57 19.44 44.35
N GLY A 76 21.64 20.24 44.28
CA GLY A 76 22.11 20.78 43.02
C GLY A 76 23.15 19.87 42.39
N ASN A 77 24.09 20.46 41.66
CA ASN A 77 25.16 19.69 41.04
C ASN A 77 26.28 19.39 42.02
N ARG A 78 26.53 18.10 42.24
CA ARG A 78 27.63 17.68 43.11
C ARG A 78 28.96 18.15 42.53
N ASP A 79 30.00 18.16 43.37
CA ASP A 79 31.29 18.68 42.95
C ASP A 79 32.36 17.59 42.85
N TYR A 80 33.12 17.64 41.76
CA TYR A 80 34.27 16.77 41.58
C TYR A 80 35.45 17.35 42.33
N ALA A 81 35.46 18.67 42.47
CA ALA A 81 36.49 19.38 43.21
C ALA A 81 36.04 20.83 43.43
N LYS A 82 36.87 21.60 44.13
CA LYS A 82 36.55 23.00 44.39
C LYS A 82 36.38 23.75 43.08
N ASP A 83 35.24 24.41 42.92
CA ASP A 83 34.93 25.14 41.70
C ASP A 83 35.00 24.21 40.50
N ASP A 84 34.63 22.95 40.70
CA ASP A 84 34.67 21.95 39.63
C ASP A 84 33.44 21.04 39.70
N PRO A 85 32.33 21.48 39.10
CA PRO A 85 31.08 20.70 39.09
C PRO A 85 31.27 19.28 38.56
N LEU A 86 30.74 18.31 39.28
CA LEU A 86 30.81 16.92 38.89
C LEU A 86 29.75 16.58 37.85
N GLU A 87 28.58 17.20 37.99
CA GLU A 87 27.45 16.90 37.13
C GLU A 87 26.75 18.16 36.67
N PHE A 88 25.81 18.00 35.73
CA PHE A 88 25.04 19.11 35.23
C PHE A 88 23.58 18.69 35.05
N LYS A 89 22.72 19.19 35.93
CA LYS A 89 21.32 18.77 35.94
C LYS A 89 20.41 19.77 35.23
N SER A 90 20.97 20.89 34.78
CA SER A 90 20.20 21.88 34.05
C SER A 90 19.81 21.33 32.68
N HIS A 91 18.52 21.43 32.36
CA HIS A 91 18.02 20.93 31.08
C HIS A 91 18.28 19.45 30.93
N GLN A 92 18.31 18.72 32.04
CA GLN A 92 18.57 17.29 32.03
C GLN A 92 17.34 16.50 31.60
N TRP A 93 16.22 17.19 31.44
CA TRP A 93 14.99 16.56 30.98
C TRP A 93 14.56 15.42 31.91
N PHE A 94 14.54 15.68 33.20
CA PHE A 94 14.05 14.70 34.15
C PHE A 94 12.54 14.61 34.09
N GLY A 95 12.04 13.41 33.83
CA GLY A 95 10.61 13.20 33.66
C GLY A 95 10.27 12.93 32.20
N ALA A 96 11.30 12.79 31.37
CA ALA A 96 11.11 12.48 29.97
C ALA A 96 10.54 11.08 29.81
N SER A 97 10.84 10.22 30.78
CA SER A 97 10.31 8.86 30.80
C SER A 97 9.93 8.48 32.23
N VAL A 98 8.69 8.05 32.40
CA VAL A 98 8.19 7.66 33.71
C VAL A 98 7.44 6.35 33.65
N ARG A 99 7.77 5.43 34.54
CA ARG A 99 7.10 4.13 34.61
C ARG A 99 6.88 3.74 36.07
N SER A 100 5.72 3.13 36.35
CA SER A 100 5.37 2.75 37.71
C SER A 100 4.75 1.37 37.78
N LYS A 101 5.17 0.60 38.78
CA LYS A 101 4.59 -0.71 39.06
C LYS A 101 4.46 -0.89 40.56
N GLN A 102 3.25 -1.24 41.01
CA GLN A 102 2.98 -1.38 42.43
C GLN A 102 3.40 -0.12 43.17
N ASP A 103 4.10 -0.27 44.29
CA ASP A 103 4.56 0.86 45.07
C ASP A 103 5.92 1.37 44.60
N LYS A 104 6.33 0.95 43.42
CA LYS A 104 7.61 1.37 42.86
C LYS A 104 7.40 2.36 41.71
N ILE A 105 8.27 3.36 41.64
CA ILE A 105 8.20 4.37 40.58
C ILE A 105 9.59 4.73 40.09
N LEU A 106 9.73 4.84 38.77
CA LEU A 106 11.02 5.16 38.17
C LEU A 106 10.90 6.29 37.14
N ALA A 107 11.65 7.37 37.36
CA ALA A 107 11.71 8.47 36.42
C ALA A 107 13.17 8.71 36.03
N CYS A 108 13.39 9.19 34.80
CA CYS A 108 14.74 9.34 34.29
C CYS A 108 15.00 10.73 33.69
N ALA A 109 16.27 11.08 33.60
CA ALA A 109 16.70 12.33 32.99
C ALA A 109 17.71 12.02 31.88
N PRO A 110 17.20 11.70 30.68
CA PRO A 110 18.03 11.28 29.54
C PRO A 110 19.10 12.29 29.14
N LEU A 111 18.92 13.56 29.49
CA LEU A 111 19.87 14.60 29.12
C LEU A 111 20.80 14.99 30.26
N TYR A 112 20.80 14.20 31.33
CA TYR A 112 21.72 14.41 32.45
C TYR A 112 23.15 14.19 31.96
N HIS A 113 24.04 15.12 32.33
CA HIS A 113 25.43 15.04 31.87
C HIS A 113 26.39 14.56 32.96
N TRP A 114 27.65 14.39 32.57
CA TRP A 114 28.64 13.72 33.40
C TRP A 114 30.03 14.29 33.12
N ARG A 115 30.87 14.33 34.14
CA ARG A 115 32.21 14.92 34.01
C ARG A 115 33.27 13.88 33.64
N THR A 116 32.87 12.61 33.63
CA THR A 116 33.75 11.48 33.33
C THR A 116 34.63 11.09 34.52
N GLU A 117 34.77 11.98 35.48
CA GLU A 117 35.53 11.69 36.70
C GLU A 117 37.02 11.47 36.41
N MET A 118 37.47 11.95 35.26
CA MET A 118 38.87 11.80 34.87
C MET A 118 39.39 13.13 34.32
N LYS A 119 38.78 13.56 33.23
CA LYS A 119 39.12 14.84 32.59
C LYS A 119 37.87 15.70 32.51
N GLN A 120 38.05 17.00 32.34
CA GLN A 120 36.94 17.93 32.25
C GLN A 120 36.16 17.70 30.96
N GLU A 121 34.92 17.24 31.10
CA GLU A 121 34.09 16.94 29.93
C GLU A 121 32.60 16.98 30.26
N ARG A 122 31.77 17.05 29.23
CA ARG A 122 30.33 16.99 29.38
C ARG A 122 29.79 15.85 28.54
N GLU A 123 29.46 14.74 29.19
CA GLU A 123 28.97 13.57 28.47
C GLU A 123 27.57 13.16 28.98
N PRO A 124 26.59 13.14 28.07
CA PRO A 124 25.22 12.77 28.42
C PRO A 124 25.05 11.26 28.63
N VAL A 125 25.41 10.79 29.81
CA VAL A 125 25.23 9.39 30.18
C VAL A 125 23.79 9.15 30.60
N GLY A 126 23.13 10.19 31.09
CA GLY A 126 21.76 10.07 31.57
C GLY A 126 21.71 9.43 32.95
N THR A 127 20.68 9.76 33.72
CA THR A 127 20.50 9.19 35.04
C THR A 127 19.03 8.92 35.30
N CYS A 128 18.75 8.16 36.35
CA CYS A 128 17.37 7.90 36.76
C CYS A 128 17.25 7.88 38.28
N PHE A 129 16.03 8.01 38.77
CA PHE A 129 15.77 7.99 40.20
C PHE A 129 14.62 7.04 40.51
N LEU A 130 14.93 5.99 41.26
CA LEU A 130 13.94 5.00 41.65
C LEU A 130 13.44 5.30 43.06
N GLN A 131 12.13 5.15 43.26
CA GLN A 131 11.54 5.36 44.57
C GLN A 131 10.60 4.19 44.91
N ASP A 132 10.96 3.43 45.92
CA ASP A 132 10.14 2.30 46.37
C ASP A 132 9.75 2.49 47.83
N GLY A 133 8.48 2.78 48.07
CA GLY A 133 7.98 2.96 49.41
C GLY A 133 8.73 4.04 50.16
N THR A 134 9.48 3.64 51.18
CA THR A 134 10.16 4.59 52.05
C THR A 134 11.55 4.94 51.53
N LYS A 135 12.04 4.17 50.56
CA LYS A 135 13.39 4.38 50.03
C LYS A 135 13.38 5.08 48.68
N THR A 136 14.39 5.91 48.47
CA THR A 136 14.58 6.60 47.19
C THR A 136 16.07 6.62 46.83
N VAL A 137 16.39 6.02 45.69
CA VAL A 137 17.78 5.91 45.26
C VAL A 137 17.96 6.33 43.81
N GLU A 138 19.18 6.71 43.46
CA GLU A 138 19.51 7.07 42.08
C GLU A 138 20.04 5.85 41.34
N TYR A 139 19.51 5.63 40.14
CA TYR A 139 19.96 4.53 39.29
C TYR A 139 20.47 5.07 37.96
N ALA A 140 21.76 4.87 37.71
CA ALA A 140 22.38 5.34 36.47
C ALA A 140 23.47 4.37 36.02
N PRO A 141 23.08 3.31 35.31
CA PRO A 141 24.00 2.26 34.87
C PRO A 141 24.99 2.73 33.79
N CYS A 142 24.54 3.62 32.92
CA CYS A 142 25.41 4.14 31.87
C CYS A 142 26.49 5.06 32.43
N ARG A 143 26.25 5.58 33.63
CA ARG A 143 27.25 6.38 34.31
C ARG A 143 28.29 5.47 34.93
N SER A 144 29.42 5.31 34.24
CA SER A 144 30.44 4.37 34.65
C SER A 144 31.82 4.84 34.21
N GLN A 145 32.81 3.99 34.43
CA GLN A 145 34.19 4.31 34.05
C GLN A 145 34.45 3.98 32.59
N ASP A 146 33.38 3.58 31.87
CA ASP A 146 33.44 3.42 30.43
C ASP A 146 32.82 4.66 29.78
N ILE A 147 33.67 5.51 29.19
CA ILE A 147 33.27 6.86 28.84
C ILE A 147 33.37 7.17 27.35
N ASP A 148 33.11 8.43 27.01
CA ASP A 148 33.19 8.91 25.64
C ASP A 148 32.18 8.19 24.74
N ALA A 149 32.27 8.44 23.44
CA ALA A 149 31.35 7.86 22.48
C ALA A 149 31.50 6.34 22.44
N ASP A 150 32.74 5.87 22.33
CA ASP A 150 33.03 4.45 22.26
C ASP A 150 32.40 3.70 23.44
N GLY A 151 32.29 4.40 24.57
CA GLY A 151 31.70 3.79 25.75
C GLY A 151 30.26 4.22 25.95
N GLN A 152 29.85 4.30 27.21
CA GLN A 152 28.48 4.67 27.55
C GLN A 152 28.39 6.15 27.88
N GLY A 153 29.47 6.89 27.57
CA GLY A 153 29.54 8.31 27.88
C GLY A 153 28.35 9.09 27.33
N PHE A 154 27.95 8.77 26.11
CA PHE A 154 26.83 9.46 25.47
C PHE A 154 25.57 8.61 25.47
N CYS A 155 25.57 7.56 26.28
CA CYS A 155 24.47 6.60 26.31
C CYS A 155 23.10 7.27 26.38
N GLN A 156 22.93 8.17 27.34
CA GLN A 156 21.63 8.74 27.64
C GLN A 156 20.68 7.65 28.10
N GLY A 157 21.09 6.91 29.11
CA GLY A 157 20.27 5.84 29.66
C GLY A 157 19.00 6.40 30.27
N GLY A 158 17.91 5.66 30.12
CA GLY A 158 16.62 6.07 30.66
C GLY A 158 15.73 6.70 29.60
N PHE A 159 16.25 6.81 28.38
CA PHE A 159 15.47 7.37 27.28
C PHE A 159 14.12 6.69 27.21
N SER A 160 14.13 5.38 27.46
CA SER A 160 12.90 4.59 27.50
C SER A 160 13.06 3.51 28.56
N ILE A 161 12.02 3.30 29.36
CA ILE A 161 12.08 2.35 30.46
C ILE A 161 10.79 1.54 30.58
N ASP A 162 10.85 0.46 31.35
CA ASP A 162 9.69 -0.39 31.58
C ASP A 162 10.03 -1.48 32.59
N PHE A 163 9.01 -2.03 33.25
CA PHE A 163 9.21 -3.09 34.24
C PHE A 163 8.84 -4.45 33.67
N THR A 164 9.12 -5.49 34.45
CA THR A 164 8.71 -6.85 34.10
C THR A 164 7.96 -7.46 35.27
N LYS A 165 7.13 -8.48 34.99
CA LYS A 165 6.37 -9.13 36.05
C LYS A 165 7.29 -9.76 37.08
N ALA A 166 8.56 -9.92 36.73
CA ALA A 166 9.57 -10.45 37.64
C ALA A 166 10.24 -9.32 38.43
N ASP A 167 9.64 -8.14 38.40
CA ASP A 167 10.18 -6.99 39.11
C ASP A 167 11.61 -6.69 38.68
N ARG A 168 11.86 -6.75 37.37
CA ARG A 168 13.15 -6.38 36.81
C ARG A 168 12.97 -5.19 35.89
N VAL A 169 13.95 -4.29 35.88
CA VAL A 169 13.86 -3.06 35.10
C VAL A 169 14.51 -3.22 33.73
N LEU A 170 13.84 -2.69 32.70
CA LEU A 170 14.39 -2.67 31.35
C LEU A 170 14.62 -1.23 30.92
N LEU A 171 15.88 -0.82 30.87
CA LEU A 171 16.23 0.54 30.53
C LEU A 171 17.14 0.56 29.30
N GLY A 172 16.79 1.40 28.33
CA GLY A 172 17.57 1.50 27.10
C GLY A 172 18.16 2.88 26.90
N GLY A 173 19.26 2.95 26.16
CA GLY A 173 19.92 4.21 25.86
C GLY A 173 20.60 4.15 24.50
N PRO A 174 20.21 5.05 23.58
CA PRO A 174 20.68 5.01 22.19
C PRO A 174 22.18 5.29 22.01
N GLY A 175 22.74 6.14 22.86
CA GLY A 175 24.06 6.69 22.62
C GLY A 175 25.24 5.76 22.89
N SER A 176 24.99 4.65 23.57
CA SER A 176 26.06 3.73 23.92
C SER A 176 26.80 3.25 22.67
N PHE A 177 28.12 3.24 22.75
CA PHE A 177 28.94 2.66 21.69
C PHE A 177 28.69 3.34 20.35
N TYR A 178 29.10 4.60 20.24
CA TYR A 178 28.90 5.36 19.02
C TYR A 178 27.46 5.24 18.54
N TRP A 179 26.53 5.40 19.47
CA TRP A 179 25.11 5.45 19.17
C TRP A 179 24.58 4.18 18.53
N GLN A 180 25.22 3.06 18.84
CA GLN A 180 24.67 1.75 18.47
C GLN A 180 23.41 1.53 19.28
N GLY A 181 23.43 2.00 20.52
CA GLY A 181 22.33 1.80 21.44
C GLY A 181 22.63 0.64 22.37
N GLN A 182 21.89 0.56 23.47
CA GLN A 182 22.13 -0.47 24.46
C GLN A 182 20.90 -0.74 25.31
N LEU A 183 20.74 -1.99 25.74
CA LEU A 183 19.66 -2.36 26.65
C LEU A 183 20.26 -2.90 27.93
N ILE A 184 19.91 -2.27 29.06
CA ILE A 184 20.41 -2.69 30.36
C ILE A 184 19.26 -3.08 31.27
N SER A 185 19.39 -4.24 31.90
CA SER A 185 18.35 -4.74 32.79
C SER A 185 18.92 -5.07 34.17
N ASP A 186 18.21 -4.65 35.21
CA ASP A 186 18.65 -4.88 36.58
C ASP A 186 17.49 -5.23 37.50
N GLN A 187 17.78 -6.07 38.49
CA GLN A 187 16.80 -6.43 39.50
C GLN A 187 16.60 -5.24 40.43
N VAL A 188 15.34 -4.83 40.61
CA VAL A 188 15.04 -3.68 41.46
C VAL A 188 15.70 -3.84 42.82
N ALA A 189 15.73 -5.06 43.33
CA ALA A 189 16.33 -5.34 44.63
C ALA A 189 17.76 -4.83 44.66
N GLU A 190 18.55 -5.21 43.66
CA GLU A 190 19.94 -4.79 43.57
C GLU A 190 20.06 -3.28 43.39
N ILE A 191 19.18 -2.72 42.56
CA ILE A 191 19.22 -1.30 42.27
C ILE A 191 19.22 -0.46 43.54
N VAL A 192 18.45 -0.90 44.54
CA VAL A 192 18.34 -0.18 45.80
C VAL A 192 19.34 -0.68 46.84
N SER A 193 19.54 -1.99 46.89
CA SER A 193 20.41 -2.58 47.90
C SER A 193 21.89 -2.35 47.60
N LYS A 194 22.20 -2.10 46.33
CA LYS A 194 23.58 -1.86 45.92
C LYS A 194 23.88 -0.37 45.80
N TYR A 195 22.92 0.46 46.18
CA TYR A 195 23.09 1.90 46.04
C TYR A 195 23.91 2.52 47.16
N ASP A 196 25.02 3.15 46.80
CA ASP A 196 25.83 3.90 47.74
C ASP A 196 25.97 5.34 47.26
N PRO A 197 25.53 6.30 48.08
CA PRO A 197 25.58 7.71 47.69
C PRO A 197 27.01 8.19 47.44
N ASN A 198 27.96 7.61 48.16
CA ASN A 198 29.36 7.98 48.02
C ASN A 198 30.00 7.38 46.77
N VAL A 199 29.29 6.47 46.12
CA VAL A 199 29.79 5.83 44.91
C VAL A 199 28.99 6.28 43.69
N TYR A 200 29.69 6.78 42.69
CA TYR A 200 29.04 7.31 41.49
C TYR A 200 28.84 6.22 40.44
N SER A 201 29.84 5.36 40.29
CA SER A 201 29.75 4.24 39.37
C SER A 201 29.51 2.95 40.15
N ILE A 202 28.31 2.40 40.02
CA ILE A 202 27.92 1.22 40.80
C ILE A 202 27.89 -0.04 39.94
N LYS A 203 28.32 -1.15 40.53
CA LYS A 203 28.29 -2.44 39.86
C LYS A 203 27.21 -3.34 40.45
N TYR A 204 26.49 -4.05 39.59
CA TYR A 204 25.40 -4.90 40.03
C TYR A 204 25.67 -6.37 39.71
N ASN A 205 25.65 -7.20 40.75
CA ASN A 205 25.96 -8.63 40.60
C ASN A 205 25.23 -9.26 39.43
N ASN A 206 23.93 -9.00 39.33
CA ASN A 206 23.11 -9.55 38.27
C ASN A 206 22.56 -8.45 37.36
N GLN A 207 23.19 -8.29 36.20
CA GLN A 207 22.75 -7.30 35.24
C GLN A 207 22.86 -7.83 33.82
N LEU A 208 21.82 -7.59 33.03
CA LEU A 208 21.82 -7.97 31.63
C LEU A 208 22.07 -6.74 30.78
N ALA A 209 22.96 -6.86 29.81
CA ALA A 209 23.32 -5.73 28.96
C ALA A 209 23.77 -6.17 27.58
N THR A 210 23.47 -5.36 26.57
CA THR A 210 23.91 -5.65 25.21
C THR A 210 25.35 -5.17 25.03
N ARG A 211 26.16 -5.96 24.34
CA ARG A 211 27.57 -5.66 24.16
C ARG A 211 27.79 -4.79 22.92
N THR A 212 28.97 -4.19 22.84
CA THR A 212 29.36 -3.42 21.67
C THR A 212 29.43 -4.33 20.45
N ALA A 213 28.96 -3.81 19.31
CA ALA A 213 29.00 -4.56 18.06
C ALA A 213 29.94 -3.88 17.09
N GLN A 214 29.93 -4.34 15.84
CA GLN A 214 30.78 -3.78 14.81
C GLN A 214 30.42 -2.32 14.58
N ALA A 215 31.38 -1.55 14.04
CA ALA A 215 31.17 -0.13 13.81
C ALA A 215 30.04 0.11 12.81
N ILE A 216 29.69 -0.92 12.04
CA ILE A 216 28.64 -0.82 11.04
C ILE A 216 27.26 -0.59 11.67
N PHE A 217 27.14 -0.85 12.97
CA PHE A 217 25.87 -0.70 13.66
C PHE A 217 25.77 0.65 14.37
N ASP A 218 26.77 1.49 14.19
CA ASP A 218 26.78 2.81 14.83
C ASP A 218 25.60 3.65 14.38
N ASP A 219 25.13 4.50 15.27
CA ASP A 219 24.00 5.39 14.98
C ASP A 219 22.74 4.59 14.68
N SER A 220 22.55 3.48 15.40
CA SER A 220 21.38 2.64 15.22
C SER A 220 20.27 3.02 16.20
N TYR A 221 20.67 3.58 17.34
CA TYR A 221 19.73 4.05 18.36
C TYR A 221 18.92 2.91 18.99
N LEU A 222 19.58 1.79 19.27
CA LEU A 222 18.95 0.71 20.01
C LEU A 222 18.54 1.20 21.39
N GLY A 223 17.30 0.96 21.77
CA GLY A 223 16.79 1.40 23.05
C GLY A 223 16.00 2.70 22.94
N TYR A 224 15.68 3.08 21.72
CA TYR A 224 14.88 4.28 21.48
C TYR A 224 13.53 4.11 22.17
N SER A 225 12.98 2.91 22.09
CA SER A 225 11.74 2.57 22.77
C SER A 225 11.87 1.18 23.36
N VAL A 226 11.08 0.89 24.39
CA VAL A 226 11.11 -0.42 25.01
C VAL A 226 9.73 -0.91 25.42
N ALA A 227 9.57 -2.23 25.47
CA ALA A 227 8.35 -2.88 25.91
C ALA A 227 8.71 -4.26 26.39
N VAL A 228 7.82 -4.88 27.16
CA VAL A 228 8.10 -6.20 27.73
C VAL A 228 7.03 -7.22 27.38
N GLY A 229 7.43 -8.48 27.30
CA GLY A 229 6.52 -9.56 26.98
C GLY A 229 7.27 -10.87 26.79
N ASP A 230 6.62 -11.98 27.11
CA ASP A 230 7.26 -13.28 27.02
C ASP A 230 7.00 -13.92 25.65
N PHE A 231 8.07 -14.23 24.93
CA PHE A 231 7.95 -14.80 23.60
C PHE A 231 8.55 -16.20 23.51
N ASN A 232 8.87 -16.79 24.65
CA ASN A 232 9.34 -18.16 24.71
C ASN A 232 8.73 -18.91 25.90
N GLY A 233 9.01 -20.20 25.97
CA GLY A 233 8.41 -21.05 26.98
C GLY A 233 8.36 -20.43 28.36
N ASP A 234 9.52 -20.14 28.94
CA ASP A 234 9.60 -19.62 30.30
C ASP A 234 8.65 -18.45 30.49
N GLY A 235 8.22 -18.23 31.74
CA GLY A 235 7.32 -17.15 32.07
C GLY A 235 8.02 -15.82 32.12
N ILE A 236 9.34 -15.84 31.92
CA ILE A 236 10.14 -14.62 31.98
C ILE A 236 9.79 -13.67 30.85
N ASP A 237 9.57 -12.40 31.21
CA ASP A 237 9.32 -11.38 30.20
C ASP A 237 10.61 -11.09 29.44
N ASP A 238 10.51 -11.09 28.11
CA ASP A 238 11.66 -10.84 27.27
C ASP A 238 11.68 -9.39 26.80
N PHE A 239 12.87 -8.90 26.46
CA PHE A 239 13.06 -7.49 26.15
C PHE A 239 12.76 -7.18 24.69
N VAL A 240 12.02 -6.10 24.46
CA VAL A 240 11.71 -5.63 23.11
C VAL A 240 12.10 -4.17 22.98
N SER A 241 12.89 -3.85 21.96
CA SER A 241 13.39 -2.49 21.79
C SER A 241 13.40 -2.06 20.33
N GLY A 242 12.91 -0.86 20.07
CA GLY A 242 12.94 -0.29 18.74
C GLY A 242 14.32 0.22 18.40
N VAL A 243 14.71 0.04 17.13
CA VAL A 243 16.00 0.49 16.65
C VAL A 243 15.80 1.20 15.31
N PRO A 244 15.36 2.47 15.37
CA PRO A 244 14.84 3.22 14.22
C PRO A 244 15.85 3.46 13.08
N ARG A 245 17.11 3.69 13.41
CA ARG A 245 18.11 3.99 12.38
C ARG A 245 18.89 2.75 11.92
N ALA A 246 18.48 1.58 12.40
CA ALA A 246 19.17 0.34 12.04
C ALA A 246 18.97 0.02 10.57
N ALA A 247 19.92 -0.72 10.00
CA ALA A 247 19.82 -1.17 8.61
C ALA A 247 19.70 0.00 7.65
N ARG A 248 20.78 0.76 7.49
CA ARG A 248 20.78 1.92 6.61
C ARG A 248 19.52 2.75 6.83
N THR A 249 19.23 3.03 8.09
CA THR A 249 18.06 3.83 8.47
C THR A 249 16.76 3.25 7.93
N LEU A 250 16.71 1.92 7.82
CA LEU A 250 15.49 1.25 7.38
C LEU A 250 14.62 0.95 8.59
N GLY A 251 15.25 0.87 9.76
CA GLY A 251 14.54 0.62 11.00
C GLY A 251 14.46 -0.86 11.33
N MET A 252 14.65 -1.16 12.61
CA MET A 252 14.54 -2.54 13.09
C MET A 252 14.03 -2.56 14.52
N VAL A 253 13.62 -3.74 14.97
CA VAL A 253 13.22 -3.93 16.36
C VAL A 253 13.85 -5.21 16.89
N TYR A 254 14.75 -5.05 17.86
CA TYR A 254 15.46 -6.19 18.43
C TYR A 254 14.70 -6.76 19.63
N ILE A 255 14.67 -8.09 19.72
CA ILE A 255 14.08 -8.77 20.86
C ILE A 255 15.13 -9.64 21.54
N TYR A 256 15.36 -9.38 22.82
CA TYR A 256 16.34 -10.15 23.59
C TYR A 256 15.65 -11.02 24.63
N ASP A 257 16.29 -12.14 24.96
CA ASP A 257 15.76 -13.05 25.98
C ASP A 257 15.80 -12.35 27.34
N GLY A 258 14.75 -12.58 28.14
CA GLY A 258 14.68 -11.99 29.47
C GLY A 258 15.67 -12.61 30.43
N LYS A 259 16.22 -13.76 30.06
CA LYS A 259 17.14 -14.49 30.92
C LYS A 259 18.60 -14.13 30.62
N ASN A 260 19.08 -14.55 29.45
CA ASN A 260 20.49 -14.38 29.10
C ASN A 260 20.74 -13.27 28.08
N MET A 261 19.73 -12.41 27.87
CA MET A 261 19.87 -11.31 26.92
C MET A 261 20.37 -11.82 25.57
N SER A 262 19.88 -12.98 25.16
CA SER A 262 20.21 -13.54 23.85
C SER A 262 19.12 -13.20 22.85
N SER A 263 19.53 -12.68 21.70
CA SER A 263 18.58 -12.26 20.67
C SER A 263 17.65 -13.39 20.28
N LEU A 264 16.35 -13.12 20.31
CA LEU A 264 15.35 -14.12 19.94
C LEU A 264 14.83 -13.87 18.52
N TYR A 265 14.25 -12.69 18.30
CA TYR A 265 13.69 -12.34 17.01
C TYR A 265 14.10 -10.94 16.58
N ASN A 266 13.94 -10.66 15.29
CA ASN A 266 14.24 -9.33 14.75
C ASN A 266 13.13 -8.86 13.81
N PHE A 267 12.99 -7.55 13.68
CA PHE A 267 12.07 -6.96 12.73
C PHE A 267 12.77 -5.88 11.93
N THR A 268 12.26 -5.59 10.73
CA THR A 268 12.86 -4.58 9.88
C THR A 268 11.79 -3.83 9.10
N GLY A 269 11.92 -2.51 9.03
CA GLY A 269 10.96 -1.68 8.34
C GLY A 269 11.01 -1.87 6.84
N GLU A 270 9.91 -1.53 6.17
CA GLU A 270 9.82 -1.65 4.72
C GLU A 270 10.39 -0.40 4.04
N GLN A 271 10.09 0.77 4.62
CA GLN A 271 10.52 2.04 4.04
C GLN A 271 11.58 2.70 4.90
N MET A 272 12.61 3.23 4.24
CA MET A 272 13.68 3.94 4.94
C MET A 272 13.18 5.27 5.48
N ALA A 273 13.72 5.67 6.62
CA ALA A 273 13.38 6.95 7.25
C ALA A 273 11.96 6.98 7.80
N ALA A 274 11.21 5.89 7.62
CA ALA A 274 9.87 5.79 8.17
C ALA A 274 9.95 5.73 9.69
N TYR A 275 11.16 5.49 10.19
CA TYR A 275 11.40 5.40 11.62
C TYR A 275 10.67 4.20 12.21
N PHE A 276 10.69 3.09 11.47
CA PHE A 276 10.15 1.83 11.96
C PHE A 276 10.84 1.46 13.26
N GLY A 277 10.07 1.40 14.34
CA GLY A 277 10.61 1.10 15.65
C GLY A 277 10.71 2.35 16.51
N PHE A 278 9.99 3.39 16.13
CA PHE A 278 9.94 4.61 16.92
C PHE A 278 9.35 4.30 18.29
N SER A 279 8.28 3.50 18.30
CA SER A 279 7.63 3.10 19.54
C SER A 279 7.23 1.64 19.44
N VAL A 280 7.27 0.94 20.57
CA VAL A 280 6.92 -0.47 20.61
C VAL A 280 6.01 -0.78 21.80
N ALA A 281 5.13 -1.76 21.63
CA ALA A 281 4.22 -2.18 22.69
C ALA A 281 3.88 -3.66 22.53
N ALA A 282 3.46 -4.30 23.62
CA ALA A 282 3.15 -5.73 23.60
C ALA A 282 1.92 -6.07 24.44
N THR A 283 0.97 -6.76 23.81
CA THR A 283 -0.24 -7.20 24.48
C THR A 283 -0.84 -8.38 23.73
N ASP A 284 -1.61 -9.21 24.41
CA ASP A 284 -2.30 -10.30 23.74
C ASP A 284 -3.70 -9.88 23.33
N ILE A 285 -3.84 -9.48 22.07
CA ILE A 285 -5.11 -8.96 21.56
C ILE A 285 -6.13 -10.05 21.25
N ASN A 286 -5.67 -11.18 20.73
CA ASN A 286 -6.57 -12.26 20.35
C ASN A 286 -6.84 -13.23 21.50
N GLY A 287 -6.36 -12.89 22.68
CA GLY A 287 -6.62 -13.68 23.87
C GLY A 287 -6.07 -15.10 23.78
N ASP A 288 -4.98 -15.25 23.04
CA ASP A 288 -4.32 -16.56 22.92
C ASP A 288 -3.24 -16.73 23.99
N ASP A 289 -3.14 -15.74 24.89
CA ASP A 289 -2.11 -15.73 25.93
C ASP A 289 -0.69 -15.56 25.38
N TYR A 290 -0.57 -15.47 24.06
CA TYR A 290 0.72 -15.19 23.43
C TYR A 290 0.83 -13.70 23.11
N ALA A 291 1.86 -13.07 23.65
CA ALA A 291 2.07 -11.64 23.47
C ALA A 291 2.19 -11.27 22.00
N ASP A 292 1.39 -10.30 21.57
CA ASP A 292 1.43 -9.84 20.19
C ASP A 292 2.22 -8.53 20.09
N VAL A 293 2.97 -8.37 19.01
CA VAL A 293 3.89 -7.24 18.88
C VAL A 293 3.32 -6.11 18.03
N PHE A 294 3.68 -4.89 18.39
CA PHE A 294 3.25 -3.70 17.66
C PHE A 294 4.42 -2.74 17.47
N ILE A 295 4.66 -2.33 16.24
CA ILE A 295 5.77 -1.43 15.93
C ILE A 295 5.27 -0.20 15.19
N GLY A 296 5.62 0.98 15.69
CA GLY A 296 5.21 2.22 15.08
C GLY A 296 6.22 2.75 14.07
N ALA A 297 5.71 3.23 12.94
CA ALA A 297 6.54 3.86 11.92
C ALA A 297 5.84 5.13 11.45
N PRO A 298 5.87 6.17 12.31
CA PRO A 298 5.11 7.41 12.12
C PRO A 298 5.37 8.10 10.79
N LEU A 299 6.58 7.96 10.27
CA LEU A 299 6.97 8.66 9.05
C LEU A 299 6.79 7.80 7.80
N PHE A 300 6.20 6.62 7.97
CA PHE A 300 5.93 5.74 6.84
C PHE A 300 5.00 6.43 5.84
N MET A 301 5.20 6.16 4.56
CA MET A 301 4.38 6.77 3.52
C MET A 301 3.75 5.69 2.64
N ASP A 302 2.46 5.48 2.81
CA ASP A 302 1.73 4.55 1.95
C ASP A 302 1.45 5.25 0.64
N ARG A 303 0.85 4.54 -0.31
CA ARG A 303 0.51 5.13 -1.59
C ARG A 303 -0.99 5.35 -1.70
N GLY A 304 -1.36 6.61 -1.92
CA GLY A 304 -2.76 6.96 -2.08
C GLY A 304 -3.36 6.28 -3.30
N SER A 305 -4.66 6.40 -3.46
CA SER A 305 -5.35 5.78 -4.59
C SER A 305 -4.76 6.25 -5.91
N ASP A 306 -4.23 7.47 -5.93
CA ASP A 306 -3.64 8.04 -7.13
C ASP A 306 -2.27 7.45 -7.43
N GLY A 307 -1.71 6.72 -6.47
CA GLY A 307 -0.39 6.14 -6.62
C GLY A 307 0.69 7.05 -6.09
N LYS A 308 0.27 8.21 -5.58
CA LYS A 308 1.21 9.18 -5.02
C LYS A 308 1.58 8.76 -3.60
N LEU A 309 2.83 9.00 -3.23
CA LEU A 309 3.29 8.73 -1.87
C LEU A 309 2.80 9.80 -0.91
N GLN A 310 2.30 9.37 0.24
CA GLN A 310 1.78 10.29 1.25
C GLN A 310 2.14 9.78 2.63
N GLU A 311 2.70 10.66 3.46
CA GLU A 311 3.11 10.28 4.80
C GLU A 311 1.90 10.18 5.73
N VAL A 312 1.49 8.95 6.02
CA VAL A 312 0.40 8.71 6.94
C VAL A 312 0.87 7.90 8.14
N GLY A 313 2.12 7.45 8.10
CA GLY A 313 2.65 6.60 9.16
C GLY A 313 2.05 5.22 9.08
N GLN A 314 2.68 4.25 9.75
CA GLN A 314 2.22 2.87 9.70
C GLN A 314 2.55 2.12 10.97
N VAL A 315 1.71 1.17 11.33
CA VAL A 315 1.92 0.33 12.51
C VAL A 315 1.76 -1.14 12.15
N SER A 316 2.81 -1.92 12.37
CA SER A 316 2.78 -3.34 12.05
C SER A 316 2.31 -4.18 13.24
N VAL A 317 1.24 -4.93 13.04
CA VAL A 317 0.70 -5.79 14.08
C VAL A 317 1.12 -7.24 13.85
N SER A 318 1.96 -7.76 14.73
CA SER A 318 2.47 -9.11 14.60
C SER A 318 1.89 -10.03 15.67
N LEU A 319 1.10 -11.00 15.23
CA LEU A 319 0.54 -11.99 16.14
C LEU A 319 1.56 -13.10 16.38
N GLN A 320 1.71 -13.49 17.65
CA GLN A 320 2.65 -14.55 18.00
C GLN A 320 2.00 -15.93 17.90
N ARG A 321 2.38 -16.66 16.86
CA ARG A 321 1.91 -18.03 16.68
C ARG A 321 2.74 -18.97 17.55
N ALA A 322 2.07 -19.89 18.22
CA ALA A 322 2.75 -20.86 19.08
C ALA A 322 3.97 -21.46 18.37
N SER A 323 3.76 -21.90 17.14
CA SER A 323 4.84 -22.44 16.32
C SER A 323 6.06 -21.53 16.33
N GLY A 324 5.83 -20.23 16.38
CA GLY A 324 6.90 -19.25 16.40
C GLY A 324 6.90 -18.37 15.18
N ASP A 325 6.07 -18.71 14.20
CA ASP A 325 5.99 -17.95 12.96
C ASP A 325 4.96 -16.83 13.07
N PHE A 326 5.44 -15.61 13.20
CA PHE A 326 4.56 -14.46 13.39
C PHE A 326 3.75 -14.14 12.13
N GLN A 327 2.43 -14.13 12.27
CA GLN A 327 1.56 -13.69 11.20
C GLN A 327 1.30 -12.20 11.40
N THR A 328 1.83 -11.40 10.48
CA THR A 328 1.83 -9.95 10.68
C THR A 328 1.02 -9.21 9.61
N THR A 329 0.36 -8.14 10.05
CA THR A 329 -0.38 -7.27 9.13
C THR A 329 0.01 -5.81 9.39
N LYS A 330 -0.23 -4.96 8.41
CA LYS A 330 0.14 -3.55 8.52
C LYS A 330 -1.09 -2.66 8.68
N LEU A 331 -0.89 -1.48 9.24
CA LEU A 331 -1.98 -0.52 9.44
C LEU A 331 -1.52 0.90 9.13
N ASN A 332 -2.05 1.48 8.05
CA ASN A 332 -1.68 2.83 7.65
C ASN A 332 -2.50 3.89 8.39
N GLY A 333 -1.94 5.08 8.52
CA GLY A 333 -2.64 6.20 9.15
C GLY A 333 -3.75 6.72 8.27
N PHE A 334 -4.47 7.73 8.76
CA PHE A 334 -5.64 8.23 8.07
C PHE A 334 -5.48 9.68 7.61
N GLU A 335 -4.36 10.31 7.96
CA GLU A 335 -4.12 11.70 7.57
C GLU A 335 -2.64 11.96 7.32
N VAL A 336 -2.37 13.03 6.58
CA VAL A 336 -1.00 13.38 6.21
C VAL A 336 -0.32 14.18 7.32
N PHE A 337 0.94 13.84 7.58
CA PHE A 337 1.75 14.52 8.57
C PHE A 337 1.16 14.42 9.97
N ALA A 338 0.13 13.61 10.14
CA ALA A 338 -0.47 13.39 11.45
C ALA A 338 0.46 12.50 12.28
N ARG A 339 1.41 11.88 11.61
CA ARG A 339 2.38 11.00 12.25
C ARG A 339 1.68 9.94 13.08
N PHE A 340 0.73 9.26 12.45
CA PHE A 340 0.00 8.16 13.08
C PHE A 340 0.96 7.03 13.42
N GLY A 341 0.91 6.58 14.67
CA GLY A 341 1.79 5.52 15.15
C GLY A 341 2.89 6.05 16.04
N SER A 342 2.71 7.27 16.55
CA SER A 342 3.70 7.87 17.44
C SER A 342 3.59 7.28 18.85
N ALA A 343 2.41 6.80 19.20
CA ALA A 343 2.19 6.22 20.52
C ALA A 343 1.23 5.04 20.45
N ILE A 344 1.65 3.91 21.00
CA ILE A 344 0.84 2.70 21.03
C ILE A 344 0.60 2.29 22.48
N ALA A 345 -0.65 2.39 22.91
CA ALA A 345 -0.99 2.14 24.32
C ALA A 345 -1.94 0.97 24.51
N PRO A 346 -1.46 -0.10 25.16
CA PRO A 346 -2.31 -1.22 25.60
C PRO A 346 -3.45 -0.73 26.48
N LEU A 347 -4.67 -1.15 26.17
CA LEU A 347 -5.83 -0.76 26.96
C LEU A 347 -6.33 -1.93 27.79
N GLY A 348 -5.64 -3.06 27.69
CA GLY A 348 -6.16 -4.30 28.25
C GLY A 348 -7.49 -4.55 27.60
N ASP A 349 -8.38 -5.26 28.28
CA ASP A 349 -9.71 -5.49 27.74
C ASP A 349 -10.62 -4.33 28.14
N LEU A 350 -10.83 -3.40 27.20
CA LEU A 350 -11.59 -2.19 27.46
C LEU A 350 -13.09 -2.47 27.58
N ASP A 351 -13.64 -3.15 26.58
CA ASP A 351 -15.07 -3.44 26.57
C ASP A 351 -15.38 -4.76 27.28
N GLN A 352 -14.36 -5.36 27.88
CA GLN A 352 -14.53 -6.62 28.60
C GLN A 352 -15.20 -7.67 27.73
N ASP A 353 -14.86 -7.66 26.45
CA ASP A 353 -15.42 -8.64 25.52
C ASP A 353 -14.61 -9.93 25.55
N GLY A 354 -13.49 -9.92 26.26
CA GLY A 354 -12.63 -11.08 26.36
C GLY A 354 -11.40 -10.99 25.48
N PHE A 355 -11.16 -9.80 24.92
CA PHE A 355 -10.02 -9.60 24.04
C PHE A 355 -9.38 -8.24 24.32
N ASN A 356 -8.10 -8.26 24.67
CA ASN A 356 -7.37 -7.01 24.93
C ASN A 356 -7.44 -6.08 23.74
N ASP A 357 -7.60 -4.78 24.04
CA ASP A 357 -7.71 -3.77 23.01
C ASP A 357 -6.46 -2.89 23.05
N ILE A 358 -6.44 -1.85 22.22
CA ILE A 358 -5.26 -1.00 22.11
C ILE A 358 -5.62 0.37 21.53
N ALA A 359 -4.72 1.33 21.70
CA ALA A 359 -4.92 2.67 21.18
C ALA A 359 -3.69 3.18 20.44
N ILE A 360 -3.91 3.83 19.30
CA ILE A 360 -2.82 4.40 18.52
C ILE A 360 -3.06 5.89 18.31
N ALA A 361 -2.00 6.68 18.38
CA ALA A 361 -2.13 8.13 18.36
C ALA A 361 -1.47 8.79 17.15
N ALA A 362 -2.11 9.84 16.64
CA ALA A 362 -1.55 10.68 15.60
C ALA A 362 -1.53 12.12 16.11
N PRO A 363 -0.52 12.46 16.92
CA PRO A 363 -0.43 13.71 17.68
C PRO A 363 -0.66 14.98 16.86
N TYR A 364 -0.40 14.91 15.55
CA TYR A 364 -0.51 16.10 14.71
C TYR A 364 -1.67 15.96 13.73
N GLY A 365 -2.53 14.98 13.98
CA GLY A 365 -3.67 14.74 13.12
C GLY A 365 -4.87 15.58 13.51
N GLY A 366 -5.90 15.54 12.67
CA GLY A 366 -7.13 16.29 12.92
C GLY A 366 -7.03 17.71 12.44
N GLU A 367 -8.18 18.31 12.11
CA GLU A 367 -8.23 19.69 11.68
C GLU A 367 -7.56 20.58 12.73
N ASP A 368 -6.89 21.63 12.26
CA ASP A 368 -6.12 22.50 13.14
C ASP A 368 -4.87 21.79 13.67
N LYS A 369 -4.70 20.53 13.28
CA LYS A 369 -3.51 19.76 13.64
C LYS A 369 -3.29 19.74 15.16
N LYS A 370 -4.37 19.56 15.91
CA LYS A 370 -4.28 19.48 17.37
C LYS A 370 -3.77 18.11 17.79
N GLY A 371 -4.56 17.08 17.51
CA GLY A 371 -4.17 15.71 17.84
C GLY A 371 -5.36 14.76 17.81
N ILE A 372 -5.09 13.50 17.52
CA ILE A 372 -6.13 12.48 17.46
C ILE A 372 -5.61 11.14 17.97
N VAL A 373 -6.46 10.40 18.67
CA VAL A 373 -6.11 9.06 19.13
C VAL A 373 -7.18 8.06 18.71
N TYR A 374 -6.76 7.01 18.01
CA TYR A 374 -7.68 5.99 17.53
C TYR A 374 -7.67 4.78 18.45
N ILE A 375 -8.84 4.22 18.70
CA ILE A 375 -8.98 3.05 19.55
C ILE A 375 -9.38 1.83 18.72
N PHE A 376 -8.71 0.71 18.96
CA PHE A 376 -8.96 -0.51 18.20
C PHE A 376 -9.23 -1.69 19.13
N ASN A 377 -10.32 -2.41 18.86
CA ASN A 377 -10.70 -3.57 19.66
C ASN A 377 -10.14 -4.87 19.09
N GLY A 378 -9.73 -5.78 19.96
CA GLY A 378 -9.20 -7.06 19.55
C GLY A 378 -10.29 -8.12 19.56
N ARG A 379 -10.06 -9.21 18.83
CA ARG A 379 -11.02 -10.30 18.77
C ARG A 379 -10.33 -11.60 18.31
N SER A 380 -11.13 -12.65 18.12
CA SER A 380 -10.60 -13.95 17.73
C SER A 380 -9.65 -13.83 16.55
N THR A 381 -10.13 -13.23 15.47
CA THR A 381 -9.34 -13.09 14.26
C THR A 381 -8.09 -12.26 14.50
N GLY A 382 -8.20 -11.28 15.41
CA GLY A 382 -7.09 -10.42 15.73
C GLY A 382 -7.58 -9.02 16.08
N LEU A 383 -6.77 -8.01 15.79
CA LEU A 383 -7.17 -6.63 16.03
C LEU A 383 -8.05 -6.14 14.88
N ASN A 384 -9.24 -5.66 15.20
CA ASN A 384 -10.15 -5.14 14.19
C ASN A 384 -9.55 -3.94 13.48
N ALA A 385 -9.50 -4.01 12.15
CA ALA A 385 -8.86 -2.98 11.34
C ALA A 385 -9.35 -1.58 11.71
N VAL A 386 -10.61 -1.29 11.41
CA VAL A 386 -11.16 0.04 11.65
C VAL A 386 -11.28 0.34 13.14
N PRO A 387 -10.98 1.58 13.55
CA PRO A 387 -11.08 1.99 14.95
C PRO A 387 -12.52 2.14 15.40
N SER A 388 -12.81 1.80 16.65
CA SER A 388 -14.17 1.85 17.16
C SER A 388 -14.48 3.18 17.84
N GLN A 389 -13.46 4.02 18.01
CA GLN A 389 -13.64 5.32 18.64
C GLN A 389 -12.52 6.28 18.28
N ILE A 390 -12.77 7.57 18.43
CA ILE A 390 -11.78 8.59 18.12
C ILE A 390 -11.76 9.68 19.18
N LEU A 391 -10.57 10.08 19.60
CA LEU A 391 -10.40 11.15 20.57
C LEU A 391 -9.84 12.40 19.89
N GLU A 392 -10.34 13.56 20.30
CA GLU A 392 -9.93 14.83 19.70
C GLU A 392 -9.26 15.75 20.73
N GLY A 393 -8.26 16.49 20.28
CA GLY A 393 -7.60 17.46 21.14
C GLY A 393 -8.44 18.71 21.29
N GLN A 394 -8.45 19.28 22.50
CA GLN A 394 -9.26 20.45 22.77
C GLN A 394 -8.44 21.73 22.89
N TRP A 395 -7.14 21.65 22.58
CA TRP A 395 -6.27 22.81 22.67
C TRP A 395 -5.49 23.03 21.37
N ALA A 396 -5.15 24.29 21.10
CA ALA A 396 -4.49 24.66 19.85
C ALA A 396 -3.00 24.94 20.06
N ALA A 397 -2.30 25.26 18.98
CA ALA A 397 -0.87 25.48 19.01
C ALA A 397 -0.52 26.94 19.23
N ARG A 398 0.06 27.25 20.38
CA ARG A 398 0.60 28.59 20.64
C ARG A 398 1.79 28.78 19.71
N SER A 399 2.80 27.92 19.88
CA SER A 399 3.92 27.84 18.97
C SER A 399 4.21 26.37 18.69
N MET A 400 4.55 25.65 19.75
CA MET A 400 4.69 24.19 19.67
C MET A 400 3.31 23.57 19.51
N PRO A 401 3.17 22.62 18.58
CA PRO A 401 1.89 21.93 18.41
C PRO A 401 1.47 21.19 19.68
N PRO A 402 0.16 21.16 19.98
CA PRO A 402 -0.30 20.54 21.23
C PRO A 402 0.30 19.16 21.47
N SER A 403 0.49 18.41 20.39
CA SER A 403 1.08 17.08 20.49
C SER A 403 0.22 16.20 21.39
N PHE A 404 -1.10 16.32 21.23
CA PHE A 404 -2.04 15.53 22.02
C PHE A 404 -1.99 14.06 21.62
N GLY A 405 -1.68 13.20 22.58
CA GLY A 405 -1.59 11.78 22.33
C GLY A 405 -0.16 11.31 22.16
N TYR A 406 0.77 12.26 22.11
CA TYR A 406 2.19 11.96 21.95
C TYR A 406 2.63 10.93 22.99
N SER A 407 2.00 10.98 24.17
CA SER A 407 2.28 10.03 25.23
C SER A 407 0.98 9.67 25.96
N MET A 408 0.75 8.38 26.16
CA MET A 408 -0.46 7.92 26.80
C MET A 408 -0.28 6.55 27.45
N LYS A 409 -1.07 6.27 28.47
CA LYS A 409 -1.02 4.99 29.16
C LYS A 409 -2.42 4.56 29.58
N GLY A 410 -2.76 3.31 29.28
CA GLY A 410 -4.08 2.78 29.62
C GLY A 410 -4.00 1.51 30.43
N ALA A 411 -5.05 0.70 30.34
CA ALA A 411 -5.06 -0.62 30.98
C ALA A 411 -5.01 -0.53 32.50
N THR A 412 -5.86 0.31 33.08
CA THR A 412 -5.98 0.39 34.54
C THR A 412 -7.30 1.02 34.94
N ASP A 413 -8.03 0.32 35.81
CA ASP A 413 -9.31 0.81 36.30
C ASP A 413 -9.10 1.64 37.56
N ILE A 414 -9.11 2.96 37.41
CA ILE A 414 -8.84 3.88 38.51
C ILE A 414 -10.09 4.14 39.35
N ASP A 415 -11.25 4.22 38.70
CA ASP A 415 -12.50 4.52 39.38
C ASP A 415 -13.14 3.25 39.95
N LYS A 416 -12.47 2.12 39.78
CA LYS A 416 -12.97 0.86 40.32
C LYS A 416 -14.31 0.47 39.69
N ASN A 417 -14.57 0.97 38.49
CA ASN A 417 -15.85 0.72 37.82
C ASN A 417 -15.88 -0.63 37.10
N GLY A 418 -14.77 -1.36 37.16
CA GLY A 418 -14.69 -2.66 36.53
C GLY A 418 -14.11 -2.60 35.12
N TYR A 419 -13.97 -1.40 34.59
CA TYR A 419 -13.44 -1.20 33.24
C TYR A 419 -12.16 -0.37 33.30
N PRO A 420 -11.17 -0.71 32.46
CA PRO A 420 -9.91 0.04 32.45
C PRO A 420 -10.10 1.44 31.87
N ASP A 421 -9.17 2.34 32.19
CA ASP A 421 -9.26 3.72 31.74
C ASP A 421 -8.00 4.12 30.98
N LEU A 422 -7.99 5.35 30.45
CA LEU A 422 -6.89 5.80 29.61
C LEU A 422 -6.41 7.19 29.95
N ILE A 423 -5.10 7.34 30.12
CA ILE A 423 -4.48 8.63 30.32
C ILE A 423 -3.81 9.10 29.04
N VAL A 424 -4.24 10.25 28.54
CA VAL A 424 -3.63 10.85 27.35
C VAL A 424 -3.03 12.19 27.74
N GLY A 425 -1.96 12.59 27.07
CA GLY A 425 -1.28 13.82 27.43
C GLY A 425 -0.77 14.62 26.24
N ALA A 426 -0.82 15.95 26.40
CA ALA A 426 -0.34 16.87 25.38
C ALA A 426 0.70 17.81 25.98
N PHE A 427 1.97 17.55 25.70
CA PHE A 427 3.05 18.36 26.27
C PHE A 427 3.14 19.70 25.56
N GLY A 428 2.58 19.79 24.36
CA GLY A 428 2.59 21.02 23.61
C GLY A 428 1.80 22.13 24.29
N VAL A 429 0.75 21.73 25.01
CA VAL A 429 -0.07 22.70 25.74
C VAL A 429 0.04 22.47 27.24
N ASP A 430 0.99 21.63 27.65
CA ASP A 430 1.24 21.35 29.06
C ASP A 430 -0.04 20.92 29.77
N ARG A 431 -0.71 19.90 29.20
CA ARG A 431 -1.96 19.42 29.75
C ARG A 431 -1.98 17.89 29.76
N ALA A 432 -2.90 17.32 30.54
CA ALA A 432 -3.07 15.88 30.60
C ALA A 432 -4.54 15.55 30.86
N ILE A 433 -5.05 14.51 30.22
CA ILE A 433 -6.46 14.17 30.31
C ILE A 433 -6.69 12.70 30.66
N LEU A 434 -7.70 12.45 31.50
CA LEU A 434 -8.08 11.10 31.88
C LEU A 434 -9.43 10.74 31.26
N TYR A 435 -9.51 9.55 30.66
CA TYR A 435 -10.75 9.08 30.06
C TYR A 435 -11.26 7.83 30.77
N ARG A 436 -12.40 7.97 31.44
CA ARG A 436 -13.02 6.87 32.15
C ARG A 436 -13.90 6.06 31.21
N ALA A 437 -13.82 4.74 31.32
CA ALA A 437 -14.62 3.85 30.47
C ALA A 437 -16.03 3.69 31.02
N ARG A 438 -17.00 3.70 30.13
CA ARG A 438 -18.40 3.54 30.50
C ARG A 438 -18.77 2.05 30.47
N PRO A 439 -19.67 1.62 31.37
CA PRO A 439 -20.14 0.24 31.36
C PRO A 439 -20.80 -0.15 30.03
N VAL A 440 -20.41 -1.29 29.47
CA VAL A 440 -20.97 -1.77 28.21
C VAL A 440 -22.13 -2.75 28.46
N ILE A 441 -23.26 -2.48 27.83
CA ILE A 441 -24.44 -3.33 28.00
C ILE A 441 -24.82 -4.02 26.71
N THR A 442 -24.63 -5.33 26.67
CA THR A 442 -25.09 -6.13 25.53
C THR A 442 -26.57 -6.41 25.69
N VAL A 443 -27.31 -6.39 24.59
CA VAL A 443 -28.75 -6.54 24.63
C VAL A 443 -29.29 -7.35 23.45
N ASN A 444 -30.27 -8.21 23.75
CA ASN A 444 -30.95 -9.00 22.73
C ASN A 444 -32.44 -8.68 22.71
N ALA A 445 -32.95 -8.37 21.52
CA ALA A 445 -34.36 -8.05 21.36
C ALA A 445 -35.03 -9.05 20.43
N GLY A 446 -36.35 -9.19 20.55
CA GLY A 446 -37.09 -10.11 19.72
C GLY A 446 -38.51 -9.62 19.46
N LEU A 447 -39.08 -10.05 18.34
CA LEU A 447 -40.45 -9.67 17.99
C LEU A 447 -41.14 -10.79 17.23
N GLU A 448 -42.31 -11.19 17.71
CA GLU A 448 -43.06 -12.29 17.10
C GLU A 448 -44.48 -11.84 16.79
N VAL A 449 -45.03 -12.35 15.69
CA VAL A 449 -46.40 -12.06 15.31
C VAL A 449 -47.06 -13.31 14.76
N TYR A 450 -48.08 -13.81 15.45
CA TYR A 450 -48.77 -15.02 15.03
C TYR A 450 -50.27 -14.92 15.26
N PRO A 451 -51.08 -15.30 14.25
CA PRO A 451 -50.60 -15.77 12.94
C PRO A 451 -50.15 -14.62 12.05
N SER A 452 -49.05 -14.83 11.32
CA SER A 452 -48.51 -13.81 10.43
C SER A 452 -49.51 -13.48 9.33
N ILE A 453 -49.91 -14.50 8.58
CA ILE A 453 -50.95 -14.33 7.55
C ILE A 453 -52.32 -14.21 8.23
N LEU A 454 -53.17 -13.35 7.68
CA LEU A 454 -54.44 -13.04 8.33
C LEU A 454 -55.62 -13.12 7.36
N ASN A 455 -56.58 -13.98 7.69
CA ASN A 455 -57.84 -14.04 6.96
C ASN A 455 -58.76 -12.95 7.45
N GLN A 456 -59.14 -12.04 6.57
CA GLN A 456 -59.96 -10.90 6.94
C GLN A 456 -61.32 -11.34 7.47
N ASP A 457 -61.72 -12.56 7.14
CA ASP A 457 -63.03 -13.07 7.55
C ASP A 457 -62.94 -13.97 8.77
N ASN A 458 -61.77 -14.02 9.40
CA ASN A 458 -61.55 -14.90 10.55
C ASN A 458 -62.52 -14.57 11.68
N LYS A 459 -62.42 -13.35 12.21
CA LYS A 459 -63.34 -12.87 13.24
C LYS A 459 -63.48 -13.85 14.39
N THR A 460 -62.35 -14.22 15.00
CA THR A 460 -62.36 -15.16 16.12
C THR A 460 -62.61 -14.44 17.45
N CYS A 461 -61.58 -13.74 17.93
CA CYS A 461 -61.69 -13.04 19.21
C CYS A 461 -62.71 -11.91 19.11
N SER A 462 -63.29 -11.54 20.25
CA SER A 462 -64.32 -10.51 20.28
C SER A 462 -63.74 -9.16 20.71
N LEU A 463 -64.17 -8.10 20.03
CA LEU A 463 -63.74 -6.75 20.35
C LEU A 463 -64.46 -6.26 21.60
N PRO A 464 -63.71 -6.04 22.69
CA PRO A 464 -64.33 -5.66 23.97
C PRO A 464 -65.06 -4.32 23.92
N GLY A 465 -66.08 -4.17 24.76
CA GLY A 465 -66.83 -2.93 24.84
C GLY A 465 -67.99 -2.88 23.86
N THR A 466 -68.04 -3.85 22.96
CA THR A 466 -69.10 -3.91 21.96
C THR A 466 -69.41 -5.35 21.59
N ALA A 467 -70.40 -5.53 20.71
CA ALA A 467 -70.80 -6.87 20.29
C ALA A 467 -70.08 -7.27 19.01
N LEU A 468 -69.08 -6.50 18.61
CA LEU A 468 -68.36 -6.75 17.37
C LEU A 468 -67.25 -7.77 17.57
N LYS A 469 -67.17 -8.74 16.66
CA LYS A 469 -66.05 -9.68 16.62
C LYS A 469 -65.13 -9.32 15.45
N VAL A 470 -63.83 -9.26 15.72
CA VAL A 470 -62.86 -8.85 14.72
C VAL A 470 -61.78 -9.90 14.53
N SER A 471 -61.17 -9.92 13.35
CA SER A 471 -60.06 -10.82 13.07
C SER A 471 -58.84 -10.35 13.84
N CYS A 472 -58.39 -11.15 14.80
CA CYS A 472 -57.31 -10.74 15.69
C CYS A 472 -56.10 -11.67 15.60
N PHE A 473 -55.11 -11.41 16.45
CA PHE A 473 -53.88 -12.18 16.47
C PHE A 473 -53.07 -11.81 17.72
N ASN A 474 -51.92 -12.44 17.88
CA ASN A 474 -51.07 -12.17 19.03
C ASN A 474 -49.76 -11.52 18.63
N VAL A 475 -49.26 -10.64 19.50
CA VAL A 475 -47.98 -9.98 19.28
C VAL A 475 -47.10 -10.18 20.52
N ARG A 476 -45.89 -10.66 20.31
CA ARG A 476 -45.02 -11.04 21.42
C ARG A 476 -43.61 -10.48 21.21
N PHE A 477 -43.21 -9.57 22.10
CA PHE A 477 -41.89 -8.94 22.00
C PHE A 477 -41.09 -9.24 23.26
N CYS A 478 -39.79 -9.43 23.09
CA CYS A 478 -38.93 -9.84 24.21
C CYS A 478 -37.69 -8.97 24.31
N LEU A 479 -37.18 -8.81 25.53
CA LEU A 479 -35.95 -8.07 25.78
C LEU A 479 -35.10 -8.75 26.85
N LYS A 480 -33.90 -9.17 26.46
CA LYS A 480 -32.94 -9.75 27.39
C LYS A 480 -31.70 -8.88 27.42
N ALA A 481 -31.19 -8.62 28.63
CA ALA A 481 -30.03 -7.74 28.79
C ALA A 481 -28.97 -8.39 29.68
N ASP A 482 -27.73 -7.94 29.51
CA ASP A 482 -26.61 -8.44 30.32
C ASP A 482 -25.44 -7.47 30.22
N GLY A 483 -24.52 -7.57 31.17
CA GLY A 483 -23.35 -6.71 31.20
C GLY A 483 -22.42 -7.05 32.33
N LYS A 484 -21.24 -6.43 32.33
CA LYS A 484 -20.24 -6.69 33.37
C LYS A 484 -19.86 -5.39 34.06
N GLY A 485 -19.23 -5.52 35.24
CA GLY A 485 -18.73 -4.37 35.96
C GLY A 485 -19.69 -3.82 36.99
N VAL A 486 -19.54 -2.54 37.30
CA VAL A 486 -20.37 -1.88 38.31
C VAL A 486 -21.59 -1.22 37.69
N LEU A 487 -22.78 -1.70 38.04
CA LEU A 487 -24.02 -1.15 37.54
C LEU A 487 -25.22 -1.76 38.25
N PRO A 488 -26.34 -1.02 38.32
CA PRO A 488 -27.57 -1.55 38.92
C PRO A 488 -28.03 -2.81 38.21
N ARG A 489 -28.37 -3.85 38.98
CA ARG A 489 -28.82 -5.11 38.40
C ARG A 489 -30.12 -4.93 37.63
N LYS A 490 -30.96 -4.02 38.11
CA LYS A 490 -32.23 -3.72 37.45
C LYS A 490 -32.07 -2.57 36.47
N LEU A 491 -32.52 -2.79 35.24
CA LEU A 491 -32.40 -1.79 34.18
C LEU A 491 -33.76 -1.53 33.53
N ASN A 492 -34.25 -0.30 33.66
CA ASN A 492 -35.54 0.07 33.07
C ASN A 492 -35.39 0.41 31.60
N PHE A 493 -36.45 0.17 30.82
CA PHE A 493 -36.43 0.42 29.39
C PHE A 493 -37.74 1.07 28.94
N GLN A 494 -37.61 2.05 28.05
CA GLN A 494 -38.77 2.69 27.46
C GLN A 494 -39.01 2.08 26.09
N VAL A 495 -40.01 1.19 26.00
CA VAL A 495 -40.29 0.47 24.76
C VAL A 495 -41.57 1.00 24.10
N GLU A 496 -41.49 1.26 22.80
CA GLU A 496 -42.65 1.75 22.07
C GLU A 496 -42.92 0.87 20.85
N LEU A 497 -44.18 0.50 20.67
CA LEU A 497 -44.59 -0.31 19.53
C LEU A 497 -45.60 0.42 18.66
N LEU A 498 -45.39 0.37 17.35
CA LEU A 498 -46.32 0.97 16.40
C LEU A 498 -46.71 -0.06 15.34
N LEU A 499 -48.01 -0.14 15.05
CA LEU A 499 -48.51 -1.09 14.06
C LEU A 499 -48.65 -0.42 12.70
N ASP A 500 -48.31 -1.16 11.64
CA ASP A 500 -48.36 -0.62 10.29
C ASP A 500 -47.51 0.64 10.21
N LYS A 501 -46.26 0.53 10.67
CA LYS A 501 -45.35 1.67 10.73
C LYS A 501 -45.21 2.37 9.38
N LEU A 502 -45.28 1.59 8.30
CA LEU A 502 -45.08 2.13 6.95
C LEU A 502 -46.04 3.27 6.64
N LYS A 503 -47.28 3.16 7.12
CA LYS A 503 -48.26 4.22 6.91
C LYS A 503 -48.11 5.31 7.96
N GLN A 504 -47.55 6.45 7.56
CA GLN A 504 -47.30 7.54 8.48
C GLN A 504 -48.47 8.52 8.53
N LYS A 505 -48.33 9.56 9.34
CA LYS A 505 -49.38 10.56 9.51
C LYS A 505 -49.82 11.07 8.14
N GLY A 506 -51.14 11.26 8.00
CA GLY A 506 -51.72 11.63 6.73
C GLY A 506 -52.33 10.42 6.05
N ALA A 507 -51.82 9.25 6.40
CA ALA A 507 -52.34 7.98 5.89
C ALA A 507 -52.93 7.18 7.03
N ILE A 508 -53.98 6.42 6.73
CA ILE A 508 -54.67 5.63 7.74
C ILE A 508 -53.78 4.50 8.27
N ARG A 509 -53.84 4.25 9.57
CA ARG A 509 -53.16 3.12 10.17
C ARG A 509 -54.13 1.95 10.23
N ARG A 510 -53.77 0.85 9.57
CA ARG A 510 -54.71 -0.25 9.34
C ARG A 510 -54.90 -1.18 10.54
N ALA A 511 -53.95 -1.18 11.47
CA ALA A 511 -54.00 -2.09 12.60
C ALA A 511 -53.86 -1.37 13.94
N LEU A 512 -54.55 -1.88 14.96
CA LEU A 512 -54.45 -1.35 16.31
C LEU A 512 -54.78 -2.42 17.34
N PHE A 513 -54.33 -2.20 18.57
CA PHE A 513 -54.50 -3.21 19.63
C PHE A 513 -55.95 -3.39 20.03
N LEU A 514 -56.25 -4.54 20.61
CA LEU A 514 -57.62 -4.91 20.94
C LEU A 514 -58.23 -4.04 22.04
N TYR A 515 -57.38 -3.47 22.88
CA TYR A 515 -57.85 -2.69 24.02
C TYR A 515 -57.62 -1.20 23.85
N SER A 516 -56.38 -0.81 23.63
CA SER A 516 -56.01 0.60 23.54
C SER A 516 -56.68 1.30 22.35
N ARG A 517 -57.21 0.52 21.42
CA ARG A 517 -57.89 1.08 20.25
C ARG A 517 -56.96 2.01 19.48
N SER A 518 -55.65 1.80 19.64
CA SER A 518 -54.66 2.65 18.99
C SER A 518 -53.46 1.83 18.55
N PRO A 519 -52.77 2.30 17.50
CA PRO A 519 -51.53 1.64 17.04
C PRO A 519 -50.31 2.12 17.83
N SER A 520 -50.47 2.30 19.13
CA SER A 520 -49.39 2.80 19.97
C SER A 520 -49.42 2.16 21.35
N HIS A 521 -48.28 1.63 21.78
CA HIS A 521 -48.18 1.01 23.10
C HIS A 521 -46.91 1.48 23.82
N SER A 522 -47.10 2.23 24.90
CA SER A 522 -45.99 2.75 25.69
C SER A 522 -45.85 1.96 26.98
N LYS A 523 -44.71 1.30 27.16
CA LYS A 523 -44.49 0.45 28.33
C LYS A 523 -43.15 0.71 29.00
N ASN A 524 -43.19 0.86 30.32
CA ASN A 524 -41.98 1.00 31.13
C ASN A 524 -41.57 -0.34 31.69
N MET A 525 -40.63 -1.01 31.03
CA MET A 525 -40.23 -2.35 31.43
C MET A 525 -38.82 -2.38 31.99
N THR A 526 -38.66 -2.98 33.16
CA THR A 526 -37.36 -3.12 33.79
C THR A 526 -36.97 -4.59 33.90
N ILE A 527 -35.78 -4.92 33.39
CA ILE A 527 -35.30 -6.29 33.39
C ILE A 527 -33.91 -6.35 34.04
N SER A 528 -33.49 -7.55 34.42
CA SER A 528 -32.21 -7.73 35.07
C SER A 528 -31.25 -8.54 34.21
N ARG A 529 -29.97 -8.46 34.53
CA ARG A 529 -28.94 -9.17 33.77
C ARG A 529 -29.13 -10.67 33.92
N GLY A 530 -28.79 -11.40 32.86
CA GLY A 530 -28.96 -12.84 32.85
C GLY A 530 -30.11 -13.26 31.96
N GLY A 531 -30.54 -14.52 32.11
CA GLY A 531 -31.63 -15.05 31.31
C GLY A 531 -32.97 -14.83 31.95
N LEU A 532 -33.13 -13.69 32.63
CA LEU A 532 -34.37 -13.37 33.30
C LEU A 532 -35.24 -12.48 32.41
N MET A 533 -35.03 -12.59 31.11
CA MET A 533 -35.83 -11.87 30.12
C MET A 533 -37.32 -12.06 30.39
N GLN A 534 -38.10 -11.01 30.16
CA GLN A 534 -39.53 -11.05 30.48
C GLN A 534 -40.37 -11.48 29.28
N CYS A 535 -40.40 -10.64 28.24
CA CYS A 535 -41.16 -10.93 27.04
C CYS A 535 -42.67 -10.94 27.28
N GLU A 536 -43.29 -9.77 27.16
CA GLU A 536 -44.74 -9.65 27.28
C GLU A 536 -45.41 -9.76 25.92
N GLU A 537 -46.66 -10.21 25.90
CA GLU A 537 -47.43 -10.30 24.65
C GLU A 537 -48.81 -9.69 24.79
N LEU A 538 -49.31 -9.13 23.70
CA LEU A 538 -50.63 -8.51 23.68
C LEU A 538 -51.44 -8.99 22.47
N ILE A 539 -52.74 -8.69 22.48
CA ILE A 539 -53.61 -9.08 21.38
C ILE A 539 -54.02 -7.85 20.57
N ALA A 540 -53.81 -7.92 19.26
CA ALA A 540 -54.22 -6.85 18.36
C ALA A 540 -55.09 -7.41 17.24
N TYR A 541 -55.85 -6.54 16.59
CA TYR A 541 -56.77 -6.97 15.55
C TYR A 541 -56.71 -6.07 14.32
N LEU A 542 -57.52 -6.42 13.32
CA LEU A 542 -57.53 -5.70 12.06
C LEU A 542 -58.90 -5.05 11.82
N ARG A 543 -58.88 -3.84 11.28
CA ARG A 543 -60.11 -3.12 10.99
C ARG A 543 -60.97 -3.85 9.96
N ASP A 544 -62.23 -3.47 9.87
CA ASP A 544 -63.17 -4.09 8.94
C ASP A 544 -62.78 -3.81 7.49
N GLU A 545 -63.12 -4.75 6.61
CA GLU A 545 -62.80 -4.64 5.19
C GLU A 545 -63.32 -3.34 4.59
N SER A 546 -64.47 -2.87 5.09
CA SER A 546 -65.11 -1.68 4.54
C SER A 546 -64.55 -0.39 5.12
N GLU A 547 -63.42 -0.48 5.80
CA GLU A 547 -62.78 0.70 6.37
C GLU A 547 -61.53 1.10 5.57
N PHE A 548 -61.27 0.38 4.49
CA PHE A 548 -60.14 0.67 3.62
C PHE A 548 -60.17 -0.24 2.39
N ARG A 549 -59.42 0.14 1.36
CA ARG A 549 -59.39 -0.64 0.13
C ARG A 549 -58.04 -1.32 -0.10
N ASP A 550 -57.05 -0.99 0.73
CA ASP A 550 -55.71 -1.52 0.56
C ASP A 550 -55.47 -2.75 1.41
N LYS A 551 -55.51 -3.92 0.79
CA LYS A 551 -55.17 -5.17 1.45
C LYS A 551 -53.81 -5.68 0.99
N LEU A 552 -53.15 -4.89 0.13
CA LEU A 552 -51.91 -5.33 -0.50
C LEU A 552 -50.69 -5.05 0.38
N THR A 553 -50.45 -3.77 0.65
CA THR A 553 -49.27 -3.36 1.41
C THR A 553 -49.14 -4.19 2.69
N PRO A 554 -47.94 -4.72 2.95
CA PRO A 554 -47.72 -5.50 4.17
C PRO A 554 -47.76 -4.64 5.43
N ILE A 555 -48.46 -5.11 6.45
CA ILE A 555 -48.55 -4.39 7.72
C ILE A 555 -47.30 -4.62 8.55
N THR A 556 -46.49 -3.58 8.69
CA THR A 556 -45.21 -3.70 9.39
C THR A 556 -45.34 -3.39 10.88
N ILE A 557 -44.98 -4.37 11.71
CA ILE A 557 -45.01 -4.19 13.15
C ILE A 557 -43.63 -3.75 13.62
N PHE A 558 -43.56 -2.57 14.22
CA PHE A 558 -42.29 -1.94 14.56
C PHE A 558 -42.11 -1.82 16.07
N MET A 559 -40.93 -2.20 16.56
CA MET A 559 -40.61 -2.06 17.98
C MET A 559 -39.31 -1.29 18.17
N GLU A 560 -39.33 -0.34 19.09
CA GLU A 560 -38.14 0.43 19.42
C GLU A 560 -37.92 0.42 20.93
N TYR A 561 -36.66 0.34 21.34
CA TYR A 561 -36.32 0.23 22.75
C TYR A 561 -35.12 1.10 23.11
N ARG A 562 -35.24 1.87 24.18
CA ARG A 562 -34.16 2.72 24.66
C ARG A 562 -34.16 2.82 26.17
N LEU A 563 -33.01 2.58 26.78
CA LEU A 563 -32.86 2.62 28.23
C LEU A 563 -32.70 4.05 28.73
N ASP A 564 -32.94 4.25 30.01
CA ASP A 564 -32.72 5.55 30.64
C ASP A 564 -31.30 5.64 31.19
N TYR A 565 -30.46 6.39 30.50
CA TYR A 565 -29.05 6.49 30.84
C TYR A 565 -28.84 7.19 32.19
N ARG A 566 -29.83 7.96 32.61
CA ARG A 566 -29.73 8.70 33.86
C ARG A 566 -29.77 7.77 35.07
N THR A 567 -30.71 6.83 35.06
CA THR A 567 -30.88 5.91 36.17
C THR A 567 -29.94 4.71 36.07
N ALA A 568 -29.09 4.71 35.05
CA ALA A 568 -28.16 3.60 34.84
C ALA A 568 -26.75 3.94 35.33
N ALA A 569 -26.60 5.12 35.94
CA ALA A 569 -25.30 5.56 36.43
C ALA A 569 -24.71 4.55 37.41
N ASP A 570 -23.42 4.71 37.72
CA ASP A 570 -22.72 3.75 38.58
C ASP A 570 -22.13 4.39 39.83
N THR A 571 -21.25 5.37 39.66
CA THR A 571 -20.53 5.95 40.78
C THR A 571 -20.71 7.47 40.84
N THR A 572 -20.00 8.18 39.97
CA THR A 572 -20.06 9.63 39.94
C THR A 572 -21.10 10.12 38.94
N GLY A 573 -21.78 9.17 38.29
CA GLY A 573 -22.78 9.52 37.29
C GLY A 573 -22.40 9.04 35.90
N LEU A 574 -21.36 8.23 35.81
CA LEU A 574 -20.92 7.70 34.52
C LEU A 574 -22.04 6.93 33.84
N GLN A 575 -22.49 7.43 32.69
CA GLN A 575 -23.56 6.79 31.95
C GLN A 575 -23.02 5.65 31.10
N PRO A 576 -23.71 4.49 31.13
CA PRO A 576 -23.31 3.33 30.33
C PRO A 576 -23.52 3.54 28.83
N ILE A 577 -23.24 2.51 28.05
CA ILE A 577 -23.45 2.55 26.60
C ILE A 577 -23.72 1.15 26.07
N LEU A 578 -24.62 1.05 25.09
CA LEU A 578 -24.95 -0.24 24.50
C LEU A 578 -23.80 -0.79 23.67
N ASN A 579 -23.83 -2.09 23.42
CA ASN A 579 -22.82 -2.73 22.61
C ASN A 579 -22.69 -2.02 21.26
N GLN A 580 -21.45 -1.82 20.83
CA GLN A 580 -21.17 -1.05 19.62
C GLN A 580 -22.12 -1.40 18.48
N PHE A 581 -22.35 -2.69 18.26
CA PHE A 581 -23.22 -3.14 17.19
C PHE A 581 -24.47 -3.82 17.73
N THR A 582 -25.55 -3.05 17.82
CA THR A 582 -26.84 -3.59 18.23
C THR A 582 -27.95 -2.86 17.50
N PRO A 583 -28.91 -3.61 16.95
CA PRO A 583 -30.04 -2.98 16.25
C PRO A 583 -30.77 -1.99 17.15
N ALA A 584 -30.91 -0.75 16.70
CA ALA A 584 -31.65 0.26 17.46
C ALA A 584 -33.13 -0.12 17.51
N ASN A 585 -33.55 -0.93 16.55
CA ASN A 585 -34.94 -1.35 16.47
C ASN A 585 -35.08 -2.59 15.58
N ILE A 586 -36.16 -3.34 15.79
CA ILE A 586 -36.48 -4.48 14.95
C ILE A 586 -37.95 -4.44 14.59
N SER A 587 -38.30 -5.06 13.46
CA SER A 587 -39.67 -5.03 12.99
C SER A 587 -40.04 -6.28 12.19
N ARG A 588 -41.26 -6.75 12.39
CA ARG A 588 -41.80 -7.86 11.61
C ARG A 588 -42.95 -7.34 10.76
N GLN A 589 -43.58 -8.21 9.99
CA GLN A 589 -44.68 -7.80 9.13
C GLN A 589 -45.74 -8.88 8.96
N ALA A 590 -47.00 -8.45 8.89
CA ALA A 590 -48.11 -9.36 8.65
C ALA A 590 -48.68 -9.13 7.26
N HIS A 591 -49.64 -9.96 6.87
CA HIS A 591 -50.22 -9.88 5.54
C HIS A 591 -51.69 -10.30 5.55
N ILE A 592 -52.41 -9.95 4.49
CA ILE A 592 -53.82 -10.28 4.38
C ILE A 592 -54.08 -11.20 3.17
N LEU A 593 -54.56 -12.40 3.45
CA LEU A 593 -54.85 -13.36 2.39
C LEU A 593 -56.18 -13.03 1.72
N LEU A 594 -56.24 -13.26 0.41
CA LEU A 594 -57.45 -13.01 -0.37
C LEU A 594 -57.38 -13.78 -1.67
N ASP A 595 -58.53 -13.90 -2.34
CA ASP A 595 -58.63 -14.62 -3.62
C ASP A 595 -58.38 -16.12 -3.46
N CYS A 596 -58.23 -16.57 -2.21
CA CYS A 596 -58.08 -17.99 -1.94
C CYS A 596 -59.39 -18.69 -2.29
N GLY A 597 -60.46 -17.91 -2.39
CA GLY A 597 -61.74 -18.41 -2.85
C GLY A 597 -62.49 -19.19 -1.79
N GLU A 598 -62.62 -20.48 -2.02
CA GLU A 598 -63.44 -21.35 -1.18
C GLU A 598 -62.77 -21.67 0.15
N ASP A 599 -61.64 -22.37 0.09
CA ASP A 599 -60.99 -22.88 1.29
C ASP A 599 -60.43 -21.75 2.16
N ASN A 600 -60.19 -20.58 1.57
CA ASN A 600 -59.64 -19.45 2.29
C ASN A 600 -58.34 -19.81 3.01
N VAL A 601 -57.59 -20.73 2.44
CA VAL A 601 -56.30 -21.14 2.97
C VAL A 601 -55.30 -21.31 1.84
N CYS A 602 -54.29 -20.44 1.82
CA CYS A 602 -53.32 -20.44 0.73
C CYS A 602 -52.16 -21.40 0.97
N LYS A 603 -51.97 -22.32 0.02
CA LYS A 603 -50.86 -23.25 0.06
C LYS A 603 -49.83 -22.87 -1.00
N PRO A 604 -48.69 -22.32 -0.58
CA PRO A 604 -47.63 -21.89 -1.50
C PRO A 604 -47.22 -22.97 -2.51
N LYS A 605 -46.86 -24.15 -2.03
CA LYS A 605 -46.37 -25.22 -2.89
C LYS A 605 -45.21 -24.72 -3.76
N LEU A 606 -44.05 -24.54 -3.14
CA LEU A 606 -42.89 -24.00 -3.83
C LEU A 606 -41.89 -25.10 -4.18
N GLU A 607 -41.33 -25.03 -5.38
CA GLU A 607 -40.30 -25.96 -5.81
C GLU A 607 -39.05 -25.21 -6.25
N VAL A 608 -37.90 -25.89 -6.18
CA VAL A 608 -36.64 -25.28 -6.59
C VAL A 608 -35.72 -26.34 -7.19
N SER A 609 -35.01 -25.97 -8.26
CA SER A 609 -34.11 -26.90 -8.93
C SER A 609 -32.87 -26.18 -9.44
N VAL A 610 -31.74 -26.88 -9.43
CA VAL A 610 -30.48 -26.34 -9.92
C VAL A 610 -29.89 -27.24 -10.99
N ASP A 611 -29.71 -26.69 -12.18
CA ASP A 611 -29.15 -27.46 -13.29
C ASP A 611 -27.65 -27.63 -13.14
N SER A 612 -27.19 -28.88 -13.21
CA SER A 612 -25.77 -29.17 -13.11
C SER A 612 -25.02 -28.56 -14.30
N ASP A 613 -23.97 -27.81 -13.99
CA ASP A 613 -23.19 -27.12 -15.02
C ASP A 613 -22.37 -28.10 -15.85
N GLN A 614 -22.04 -29.24 -15.25
CA GLN A 614 -21.21 -30.26 -15.91
C GLN A 614 -19.75 -29.80 -15.99
N LYS A 615 -19.49 -28.55 -15.61
CA LYS A 615 -18.16 -27.98 -15.75
C LYS A 615 -17.39 -28.14 -14.45
N LYS A 616 -16.37 -28.98 -14.49
CA LYS A 616 -15.56 -29.26 -13.31
C LYS A 616 -14.79 -28.02 -12.86
N ILE A 617 -14.70 -27.83 -11.55
CA ILE A 617 -13.97 -26.70 -10.99
C ILE A 617 -12.54 -27.09 -10.66
N TYR A 618 -11.59 -26.38 -11.27
CA TYR A 618 -10.18 -26.69 -11.11
C TYR A 618 -9.59 -25.92 -9.94
N ILE A 619 -8.66 -26.55 -9.21
CA ILE A 619 -8.01 -25.91 -8.08
C ILE A 619 -7.19 -24.71 -8.54
N ASP A 621 -6.23 -21.62 -7.72
CA ASP A 621 -6.65 -20.24 -7.87
C ASP A 621 -8.14 -20.10 -7.60
N ASP A 622 -8.68 -18.91 -7.87
CA ASP A 622 -10.12 -18.69 -7.75
C ASP A 622 -10.77 -18.84 -9.13
N ASN A 623 -11.61 -19.85 -9.27
CA ASN A 623 -12.24 -20.14 -10.55
C ASN A 623 -13.68 -19.66 -10.61
N PRO A 624 -14.07 -19.06 -11.73
CA PRO A 624 -15.45 -18.58 -11.93
C PRO A 624 -16.43 -19.73 -12.10
N LEU A 625 -17.57 -19.67 -11.40
CA LEU A 625 -18.58 -20.72 -11.46
C LEU A 625 -19.98 -20.14 -11.49
N THR A 626 -20.78 -20.57 -12.46
CA THR A 626 -22.15 -20.11 -12.59
C THR A 626 -23.14 -21.24 -12.30
N LEU A 627 -24.23 -20.91 -11.61
CA LEU A 627 -25.24 -21.91 -11.27
C LEU A 627 -26.63 -21.51 -11.77
N ILE A 628 -27.26 -22.40 -12.52
CA ILE A 628 -28.61 -22.17 -13.02
C ILE A 628 -29.62 -22.56 -11.96
N VAL A 629 -30.63 -21.72 -11.76
CA VAL A 629 -31.66 -21.97 -10.76
C VAL A 629 -33.06 -21.72 -11.31
N LYS A 630 -33.97 -22.63 -11.03
CA LYS A 630 -35.36 -22.50 -11.45
C LYS A 630 -36.29 -22.65 -10.25
N ALA A 631 -36.94 -21.55 -9.88
CA ALA A 631 -37.88 -21.55 -8.77
C ALA A 631 -39.28 -21.21 -9.26
N GLN A 632 -40.22 -22.13 -9.03
CA GLN A 632 -41.58 -21.96 -9.50
C GLN A 632 -42.58 -22.06 -8.35
N ASN A 633 -43.59 -21.20 -8.37
CA ASN A 633 -44.65 -21.23 -7.37
C ASN A 633 -45.89 -21.91 -7.93
N GLN A 634 -46.07 -23.17 -7.56
CA GLN A 634 -47.15 -23.99 -8.11
C GLN A 634 -48.50 -23.64 -7.48
N GLY A 635 -48.50 -23.39 -6.19
CA GLY A 635 -49.74 -23.14 -5.46
C GLY A 635 -50.08 -21.67 -5.35
N GLU A 636 -50.82 -21.31 -4.31
CA GLU A 636 -51.26 -19.95 -4.10
C GLU A 636 -50.12 -19.05 -3.62
N GLY A 637 -50.42 -17.78 -3.41
CA GLY A 637 -49.41 -16.80 -3.06
C GLY A 637 -48.47 -17.21 -1.95
N ALA A 638 -47.24 -16.73 -2.02
CA ALA A 638 -46.24 -16.97 -0.98
C ALA A 638 -45.65 -15.65 -0.53
N TYR A 639 -45.77 -15.34 0.75
CA TYR A 639 -45.35 -14.05 1.27
C TYR A 639 -43.91 -14.05 1.78
N GLU A 640 -43.25 -12.90 1.64
CA GLU A 640 -41.85 -12.76 2.02
C GLU A 640 -41.02 -13.84 1.37
N ALA A 641 -41.40 -14.24 0.16
CA ALA A 641 -40.70 -15.28 -0.57
C ALA A 641 -39.25 -14.86 -0.80
N GLU A 642 -38.32 -15.68 -0.35
CA GLU A 642 -36.89 -15.40 -0.49
C GLU A 642 -36.12 -16.70 -0.66
N LEU A 643 -35.19 -16.71 -1.61
CA LEU A 643 -34.36 -17.88 -1.85
C LEU A 643 -33.14 -17.86 -0.93
N ILE A 644 -33.01 -18.90 -0.12
CA ILE A 644 -31.90 -19.00 0.82
C ILE A 644 -30.96 -20.13 0.42
N VAL A 645 -29.66 -19.83 0.42
CA VAL A 645 -28.65 -20.79 -0.02
C VAL A 645 -27.48 -20.85 0.96
N SER A 646 -27.11 -22.07 1.36
CA SER A 646 -25.99 -22.28 2.26
C SER A 646 -24.75 -22.67 1.47
N ILE A 647 -23.79 -21.75 1.40
CA ILE A 647 -22.55 -22.00 0.67
C ILE A 647 -21.46 -22.49 1.61
N PRO A 648 -20.56 -23.35 1.10
CA PRO A 648 -19.43 -23.85 1.90
C PRO A 648 -18.39 -22.76 2.13
N LEU A 649 -17.26 -23.13 2.72
CA LEU A 649 -16.21 -22.17 3.03
C LEU A 649 -15.37 -21.83 1.81
N GLN A 650 -15.36 -22.73 0.84
CA GLN A 650 -14.57 -22.54 -0.38
C GLN A 650 -15.19 -21.47 -1.28
N ALA A 651 -16.48 -21.21 -1.08
CA ALA A 651 -17.23 -20.34 -2.00
C ALA A 651 -17.35 -18.91 -1.50
N ASP A 652 -17.12 -17.96 -2.41
CA ASP A 652 -17.35 -16.55 -2.14
C ASP A 652 -18.33 -16.01 -3.18
N PHE A 653 -19.41 -15.39 -2.72
CA PHE A 653 -20.44 -14.89 -3.62
C PHE A 653 -19.94 -13.63 -4.33
N ILE A 654 -19.75 -13.72 -5.64
CA ILE A 654 -19.22 -12.58 -6.41
C ILE A 654 -20.34 -11.67 -6.89
N GLY A 655 -21.52 -12.22 -7.14
CA GLY A 655 -22.66 -11.41 -7.54
C GLY A 655 -23.68 -12.14 -8.39
N VAL A 656 -24.78 -11.45 -8.68
CA VAL A 656 -25.89 -12.00 -9.46
C VAL A 656 -25.71 -11.69 -10.94
N VAL A 657 -26.25 -12.56 -11.79
CA VAL A 657 -26.10 -12.39 -13.24
C VAL A 657 -27.20 -11.53 -13.83
N ARG A 658 -26.86 -10.29 -14.16
CA ARG A 658 -27.79 -9.37 -14.82
C ARG A 658 -27.40 -9.19 -16.27
N ASN A 659 -26.42 -9.98 -16.72
CA ASN A 659 -25.92 -9.88 -18.08
C ASN A 659 -26.85 -10.53 -19.09
N ASN A 660 -27.44 -11.65 -18.70
CA ASN A 660 -28.33 -12.39 -19.60
C ASN A 660 -29.77 -11.88 -19.51
N GLU A 661 -30.40 -11.73 -20.67
CA GLU A 661 -31.77 -11.23 -20.73
C GLU A 661 -32.76 -12.33 -20.33
N ALA A 662 -32.53 -13.54 -20.83
CA ALA A 662 -33.37 -14.68 -20.52
C ALA A 662 -33.45 -14.87 -19.01
N LEU A 663 -32.31 -14.75 -18.34
CA LEU A 663 -32.27 -14.85 -16.89
C LEU A 663 -32.82 -13.59 -16.26
N ALA A 664 -33.90 -13.72 -15.50
CA ALA A 664 -34.50 -12.59 -14.82
C ALA A 664 -33.52 -12.00 -13.83
N ARG A 665 -33.35 -10.67 -13.90
CA ARG A 665 -32.47 -9.96 -12.99
C ARG A 665 -33.07 -9.94 -11.58
N LEU A 666 -32.35 -10.51 -10.62
CA LEU A 666 -32.83 -10.59 -9.25
C LEU A 666 -31.91 -9.84 -8.28
N SER A 667 -32.50 -9.32 -7.20
CA SER A 667 -31.73 -8.65 -6.18
C SER A 667 -31.35 -9.63 -5.08
N CYS A 668 -30.06 -9.75 -4.81
CA CYS A 668 -29.57 -10.68 -3.80
C CYS A 668 -28.48 -10.06 -2.94
N ALA A 669 -28.39 -10.52 -1.70
CA ALA A 669 -27.39 -10.01 -0.76
C ALA A 669 -26.75 -11.16 0.00
N PHE A 670 -25.62 -10.88 0.63
CA PHE A 670 -24.90 -11.89 1.40
C PHE A 670 -25.09 -11.66 2.88
N LYS A 671 -25.48 -12.72 3.59
CA LYS A 671 -25.75 -12.62 5.03
C LYS A 671 -25.05 -13.73 5.80
N THR A 672 -24.26 -13.34 6.80
CA THR A 672 -23.57 -14.31 7.65
C THR A 672 -24.03 -14.16 9.10
N GLU A 673 -24.90 -15.05 9.54
CA GLU A 673 -25.39 -15.04 10.91
C GLU A 673 -24.73 -16.14 11.71
N ASN A 674 -24.37 -15.84 12.95
CA ASN A 674 -23.70 -16.81 13.80
C ASN A 674 -22.50 -17.40 13.06
N GLN A 675 -22.44 -18.73 12.98
CA GLN A 675 -21.39 -19.38 12.21
C GLN A 675 -21.92 -19.83 10.85
N THR A 676 -23.18 -19.52 10.57
CA THR A 676 -23.79 -19.89 9.30
C THR A 676 -23.45 -18.88 8.20
N ARG A 677 -23.32 -19.39 6.98
CA ARG A 677 -22.89 -18.58 5.84
C ARG A 677 -23.95 -18.66 4.74
N GLN A 678 -24.65 -17.55 4.51
CA GLN A 678 -25.86 -17.59 3.69
C GLN A 678 -25.88 -16.57 2.56
N VAL A 679 -26.73 -16.84 1.57
CA VAL A 679 -27.00 -15.91 0.48
C VAL A 679 -28.52 -15.75 0.33
N VAL A 680 -29.00 -14.52 0.46
CA VAL A 680 -30.44 -14.26 0.41
C VAL A 680 -30.83 -13.48 -0.84
N CYS A 681 -31.80 -14.01 -1.57
CA CYS A 681 -32.31 -13.35 -2.77
C CYS A 681 -33.82 -13.17 -2.69
N ASP A 682 -34.29 -11.97 -3.02
CA ASP A 682 -35.72 -11.66 -2.93
C ASP A 682 -36.48 -12.27 -4.11
N LEU A 683 -37.49 -13.07 -3.81
CA LEU A 683 -38.32 -13.69 -4.83
C LEU A 683 -39.66 -12.97 -4.99
N GLY A 684 -39.76 -11.79 -4.41
CA GLY A 684 -40.99 -11.02 -4.48
C GLY A 684 -41.83 -11.19 -3.23
N ASN A 685 -42.43 -10.09 -2.78
CA ASN A 685 -43.24 -10.10 -1.57
C ASN A 685 -44.65 -9.58 -1.85
N PRO A 686 -45.59 -10.49 -2.10
CA PRO A 686 -45.42 -11.95 -2.13
C PRO A 686 -45.06 -12.47 -3.52
N MET A 687 -44.76 -13.75 -3.60
CA MET A 687 -44.57 -14.42 -4.88
C MET A 687 -45.91 -15.01 -5.32
N LYS A 688 -46.55 -14.34 -6.27
CA LYS A 688 -47.90 -14.70 -6.68
C LYS A 688 -47.99 -16.15 -7.17
N ALA A 689 -49.20 -16.63 -7.36
CA ALA A 689 -49.43 -18.00 -7.79
C ALA A 689 -49.02 -18.20 -9.25
N GLY A 690 -48.50 -19.39 -9.56
CA GLY A 690 -48.12 -19.74 -10.91
C GLY A 690 -46.98 -18.90 -11.46
N THR A 691 -46.14 -18.40 -10.56
CA THR A 691 -45.00 -17.57 -10.95
C THR A 691 -43.74 -18.42 -11.09
N GLN A 692 -43.13 -18.37 -12.27
CA GLN A 692 -41.92 -19.14 -12.53
C GLN A 692 -40.77 -18.22 -12.94
N LEU A 693 -39.69 -18.24 -12.16
CA LEU A 693 -38.51 -17.43 -12.46
C LEU A 693 -37.30 -18.31 -12.77
N LEU A 694 -36.40 -17.77 -13.57
CA LEU A 694 -35.16 -18.46 -13.91
C LEU A 694 -34.02 -17.45 -13.97
N ALA A 695 -33.01 -17.66 -13.14
CA ALA A 695 -31.87 -16.75 -13.06
C ALA A 695 -30.59 -17.53 -12.77
N GLY A 696 -29.49 -16.81 -12.54
CA GLY A 696 -28.22 -17.45 -12.26
C GLY A 696 -27.34 -16.63 -11.34
N LEU A 697 -26.48 -17.32 -10.59
CA LEU A 697 -25.58 -16.68 -9.65
C LEU A 697 -24.14 -17.10 -9.91
N ARG A 698 -23.20 -16.17 -9.73
CA ARG A 698 -21.79 -16.46 -9.95
C ARG A 698 -21.04 -16.60 -8.63
N PHE A 699 -19.92 -17.31 -8.67
CA PHE A 699 -19.09 -17.52 -7.48
C PHE A 699 -17.63 -17.69 -7.85
N SER A 700 -16.75 -17.17 -7.00
CA SER A 700 -15.31 -17.39 -7.15
C SER A 700 -14.85 -18.35 -6.07
N VAL A 701 -14.43 -19.54 -6.47
CA VAL A 701 -14.13 -20.61 -5.52
C VAL A 701 -12.65 -20.96 -5.48
N HIS A 702 -12.11 -21.03 -4.27
CA HIS A 702 -10.73 -21.43 -4.05
C HIS A 702 -10.70 -22.54 -3.00
N GLN A 703 -10.03 -23.63 -3.33
CA GLN A 703 -9.99 -24.79 -2.45
C GLN A 703 -9.61 -24.40 -1.02
N GLN A 704 -10.28 -24.99 -0.05
CA GLN A 704 -9.98 -24.75 1.35
C GLN A 704 -9.19 -25.92 1.91
N SER A 705 -9.80 -27.10 1.87
CA SER A 705 -9.13 -28.32 2.31
C SER A 705 -8.18 -28.81 1.22
N GLU A 706 -6.99 -29.24 1.63
CA GLU A 706 -5.98 -29.69 0.68
C GLU A 706 -6.53 -30.77 -0.24
N MET A 707 -7.35 -31.67 0.31
CA MET A 707 -7.92 -32.75 -0.47
C MET A 707 -9.44 -32.81 -0.27
N ASP A 708 -10.18 -32.65 -1.36
CA ASP A 708 -11.63 -32.64 -1.31
C ASP A 708 -12.22 -33.21 -2.60
N THR A 709 -13.19 -34.10 -2.47
CA THR A 709 -13.82 -34.72 -3.63
C THR A 709 -14.70 -33.71 -4.37
N SER A 710 -15.57 -33.03 -3.63
CA SER A 710 -16.48 -32.06 -4.23
C SER A 710 -16.88 -31.00 -3.22
N VAL A 711 -17.68 -30.04 -3.67
CA VAL A 711 -18.18 -28.97 -2.80
C VAL A 711 -19.71 -28.94 -2.85
N LYS A 712 -20.33 -29.20 -1.70
CA LYS A 712 -21.78 -29.33 -1.63
C LYS A 712 -22.47 -27.99 -1.34
N PHE A 713 -23.63 -27.80 -1.95
CA PHE A 713 -24.45 -26.62 -1.72
C PHE A 713 -25.87 -27.03 -1.33
N ASP A 714 -26.46 -26.32 -0.38
CA ASP A 714 -27.82 -26.61 0.06
C ASP A 714 -28.73 -25.42 -0.22
N LEU A 715 -29.76 -25.64 -1.04
CA LEU A 715 -30.66 -24.58 -1.46
C LEU A 715 -32.10 -24.89 -1.08
N GLN A 716 -32.84 -23.85 -0.70
CA GLN A 716 -34.27 -23.99 -0.43
C GLN A 716 -34.95 -22.63 -0.43
N ILE A 717 -36.27 -22.63 -0.58
CA ILE A 717 -37.06 -21.41 -0.56
C ILE A 717 -37.79 -21.30 0.77
N GLN A 718 -37.98 -20.09 1.25
CA GLN A 718 -38.67 -19.87 2.52
C GLN A 718 -39.72 -18.76 2.41
N SER A 719 -40.79 -18.90 3.20
CA SER A 719 -41.87 -17.92 3.21
C SER A 719 -42.35 -17.71 4.63
N SER A 720 -43.11 -16.63 4.84
CA SER A 720 -43.61 -16.30 6.17
C SER A 720 -44.94 -16.99 6.45
N ASN A 721 -45.41 -17.79 5.50
CA ASN A 721 -46.69 -18.48 5.65
C ASN A 721 -46.66 -19.48 6.80
N LEU A 722 -47.85 -19.95 7.19
CA LEU A 722 -47.96 -20.95 8.26
C LEU A 722 -47.82 -22.37 7.70
N PHE A 723 -48.46 -22.61 6.55
CA PHE A 723 -48.42 -23.93 5.94
C PHE A 723 -47.55 -23.93 4.68
N ASP A 724 -46.82 -25.03 4.49
CA ASP A 724 -45.94 -25.19 3.34
C ASP A 724 -45.09 -23.94 3.15
N LYS A 725 -44.57 -23.43 4.26
CA LYS A 725 -43.81 -22.17 4.25
C LYS A 725 -42.41 -22.33 3.66
N VAL A 726 -41.98 -23.58 3.47
CA VAL A 726 -40.66 -23.84 2.90
C VAL A 726 -40.72 -24.90 1.81
N SER A 727 -39.73 -24.88 0.92
CA SER A 727 -39.63 -25.87 -0.15
C SER A 727 -38.53 -26.87 0.19
N PRO A 728 -38.47 -27.98 -0.55
CA PRO A 728 -37.47 -29.04 -0.31
C PRO A 728 -36.03 -28.51 -0.40
N VAL A 729 -35.11 -29.19 0.27
CA VAL A 729 -33.70 -28.81 0.24
C VAL A 729 -32.94 -29.61 -0.81
N VAL A 730 -32.31 -28.91 -1.74
CA VAL A 730 -31.57 -29.55 -2.81
C VAL A 730 -30.06 -29.50 -2.57
N SER A 731 -29.43 -30.66 -2.53
CA SER A 731 -27.98 -30.75 -2.34
C SER A 731 -27.28 -31.00 -3.67
N HIS A 732 -26.63 -29.97 -4.20
CA HIS A 732 -25.92 -30.08 -5.47
C HIS A 732 -24.41 -30.01 -5.25
N LYS A 733 -23.73 -31.12 -5.51
CA LYS A 733 -22.29 -31.20 -5.31
C LYS A 733 -21.55 -30.94 -6.63
N VAL A 734 -20.44 -30.22 -6.54
CA VAL A 734 -19.61 -29.95 -7.71
C VAL A 734 -18.22 -30.55 -7.52
N ASP A 735 -17.86 -31.48 -8.40
CA ASP A 735 -16.59 -32.18 -8.29
C ASP A 735 -15.42 -31.25 -8.59
N LEU A 736 -14.37 -31.34 -7.78
CA LEU A 736 -13.16 -30.56 -8.00
C LEU A 736 -12.18 -31.33 -8.87
N ALA A 737 -11.59 -30.64 -9.85
CA ALA A 737 -10.65 -31.26 -10.76
C ALA A 737 -9.24 -30.70 -10.56
N VAL A 738 -8.25 -31.41 -11.10
CA VAL A 738 -6.86 -30.98 -11.01
C VAL A 738 -6.35 -30.51 -12.37
N LEU A 739 -6.02 -29.23 -12.46
CA LEU A 739 -5.51 -28.66 -13.71
C LEU A 739 -4.17 -27.97 -13.51
N ALA A 740 -3.11 -28.55 -14.07
CA ALA A 740 -1.77 -27.99 -13.94
C ALA A 740 -1.09 -27.92 -15.30
N ALA A 741 -1.21 -26.78 -15.97
CA ALA A 741 -0.52 -26.54 -17.22
C ALA A 741 0.97 -26.35 -16.98
N VAL A 742 1.73 -27.43 -17.09
CA VAL A 742 3.16 -27.39 -16.85
C VAL A 742 3.91 -27.43 -18.17
N GLU A 743 4.70 -26.41 -18.44
CA GLU A 743 5.52 -26.37 -19.64
C GLU A 743 7.00 -26.35 -19.28
N ILE A 744 7.83 -26.71 -20.24
CA ILE A 744 9.29 -26.65 -20.06
C ILE A 744 9.91 -25.83 -21.17
N ARG A 745 10.63 -24.78 -20.79
CA ARG A 745 11.28 -23.90 -21.77
C ARG A 745 12.79 -24.07 -21.71
N GLY A 746 13.46 -23.73 -22.82
CA GLY A 746 14.91 -23.85 -22.89
C GLY A 746 15.54 -22.75 -23.72
N VAL A 747 16.84 -22.56 -23.55
CA VAL A 747 17.57 -21.53 -24.28
C VAL A 747 19.07 -21.82 -24.28
N SER A 748 19.78 -21.25 -25.26
CA SER A 748 21.22 -21.39 -25.33
C SER A 748 21.90 -20.03 -25.28
N SER A 749 22.82 -19.86 -24.35
CA SER A 749 23.55 -18.61 -24.20
C SER A 749 25.05 -18.84 -24.30
N PRO A 750 25.66 -18.45 -25.42
CA PRO A 750 25.00 -17.86 -26.60
C PRO A 750 24.29 -18.91 -27.43
N ASP A 751 23.38 -18.47 -28.31
CA ASP A 751 22.63 -19.38 -29.15
C ASP A 751 23.33 -19.64 -30.47
N HIS A 752 24.41 -18.90 -30.73
CA HIS A 752 25.14 -19.02 -31.99
C HIS A 752 26.63 -18.75 -31.78
N VAL A 753 27.46 -19.74 -32.07
CA VAL A 753 28.91 -19.61 -31.92
C VAL A 753 29.59 -19.58 -33.29
N PHE A 754 30.53 -18.65 -33.46
CA PHE A 754 31.21 -18.49 -34.73
C PHE A 754 32.67 -18.96 -34.66
N LEU A 755 33.14 -19.56 -35.76
CA LEU A 755 34.50 -20.06 -35.82
C LEU A 755 35.33 -19.30 -36.84
N PRO A 756 36.66 -19.29 -36.67
CA PRO A 756 37.36 -19.92 -35.55
C PRO A 756 37.22 -19.12 -34.25
N ILE A 757 37.84 -19.62 -33.19
CA ILE A 757 37.81 -18.93 -31.90
C ILE A 757 38.97 -17.94 -31.82
N PRO A 758 38.67 -16.66 -31.57
CA PRO A 758 39.70 -15.60 -31.53
C PRO A 758 40.86 -15.94 -30.61
N ASN A 759 42.08 -15.89 -31.15
CA ASN A 759 43.29 -16.12 -30.38
C ASN A 759 43.23 -17.42 -29.58
N TRP A 760 42.69 -18.47 -30.19
CA TRP A 760 42.63 -19.78 -29.53
C TRP A 760 43.80 -20.65 -29.96
N GLU A 761 44.28 -21.49 -29.05
CA GLU A 761 45.38 -22.40 -29.33
C GLU A 761 45.12 -23.77 -28.72
N HIS A 762 45.33 -24.82 -29.50
CA HIS A 762 45.15 -26.18 -29.02
C HIS A 762 46.13 -26.49 -27.90
N LYS A 763 45.66 -27.27 -26.93
CA LYS A 763 46.52 -27.69 -25.82
C LYS A 763 46.51 -29.21 -25.69
N GLU A 764 47.69 -29.80 -25.81
CA GLU A 764 47.83 -31.25 -25.64
C GLU A 764 47.33 -31.63 -24.24
N ASN A 765 47.51 -30.72 -23.30
CA ASN A 765 47.02 -30.90 -21.94
C ASN A 765 46.25 -29.67 -21.47
N PRO A 766 44.97 -29.55 -21.86
CA PRO A 766 44.11 -28.42 -21.54
C PRO A 766 44.06 -28.14 -20.03
N GLU A 767 43.94 -26.87 -19.66
CA GLU A 767 43.94 -26.50 -18.25
C GLU A 767 42.79 -25.55 -17.90
N THR A 768 42.73 -24.40 -18.58
CA THR A 768 41.72 -23.40 -18.31
C THR A 768 40.60 -23.42 -19.35
N GLU A 769 39.56 -22.63 -19.12
CA GLU A 769 38.45 -22.53 -20.06
C GLU A 769 38.94 -22.04 -21.41
N GLU A 770 39.93 -21.15 -21.39
CA GLU A 770 40.45 -20.56 -22.60
C GLU A 770 41.15 -21.60 -23.47
N ASP A 771 41.69 -22.63 -22.82
CA ASP A 771 42.38 -23.70 -23.53
C ASP A 771 41.38 -24.57 -24.28
N VAL A 772 40.20 -24.74 -23.69
CA VAL A 772 39.16 -25.57 -24.30
C VAL A 772 38.41 -24.79 -25.36
N GLY A 773 37.61 -23.81 -24.93
CA GLY A 773 36.84 -23.00 -25.84
C GLY A 773 35.85 -22.11 -25.12
N PRO A 774 34.94 -21.48 -25.88
CA PRO A 774 33.93 -20.55 -25.34
C PRO A 774 32.96 -21.23 -24.39
N VAL A 775 32.24 -20.44 -23.62
CA VAL A 775 31.27 -20.95 -22.66
C VAL A 775 29.89 -21.03 -23.29
N VAL A 776 29.33 -22.23 -23.31
CA VAL A 776 27.99 -22.45 -23.85
C VAL A 776 27.08 -22.94 -22.73
N GLN A 777 26.08 -22.13 -22.40
CA GLN A 777 25.16 -22.49 -21.32
C GLN A 777 23.78 -22.85 -21.85
N HIS A 778 23.37 -24.08 -21.61
CA HIS A 778 22.00 -24.50 -21.89
C HIS A 778 21.18 -24.39 -20.62
N ILE A 779 20.05 -23.71 -20.71
CA ILE A 779 19.23 -23.45 -19.54
C ILE A 779 17.79 -23.89 -19.77
N TYR A 780 17.33 -24.83 -18.95
CA TYR A 780 15.96 -25.33 -19.02
C TYR A 780 15.16 -24.92 -17.79
N GLU A 781 13.90 -24.56 -17.98
CA GLU A 781 13.03 -24.16 -16.87
C GLU A 781 11.72 -24.93 -16.89
N LEU A 782 11.38 -25.56 -15.78
CA LEU A 782 10.12 -26.27 -15.63
C LEU A 782 9.18 -25.46 -14.75
N ARG A 783 8.13 -24.91 -15.35
CA ARG A 783 7.21 -24.04 -14.63
C ARG A 783 5.78 -24.56 -14.67
N ASN A 784 5.11 -24.50 -13.53
CA ASN A 784 3.71 -24.91 -13.44
C ASN A 784 2.79 -23.70 -13.43
N ASN A 785 2.08 -23.50 -14.54
CA ASN A 785 1.20 -22.34 -14.70
C ASN A 785 -0.18 -22.59 -14.12
N GLY A 786 -0.69 -23.81 -14.32
CA GLY A 786 -2.05 -24.13 -13.95
C GLY A 786 -2.39 -23.80 -12.51
N PRO A 787 -3.68 -23.60 -12.22
CA PRO A 787 -4.16 -23.33 -10.86
C PRO A 787 -3.69 -24.39 -9.87
N SER A 788 -3.76 -25.65 -10.29
CA SER A 788 -3.41 -26.77 -9.42
C SER A 788 -1.89 -26.90 -9.28
N SER A 789 -1.47 -27.65 -8.27
CA SER A 789 -0.06 -27.86 -7.99
C SER A 789 0.25 -29.35 -8.04
N PHE A 790 1.49 -29.70 -8.35
CA PHE A 790 1.92 -31.10 -8.29
C PHE A 790 3.02 -31.27 -7.26
N SER A 791 3.03 -32.42 -6.59
CA SER A 791 3.94 -32.66 -5.48
C SER A 791 5.31 -33.15 -5.94
N LYS A 792 5.32 -33.99 -6.97
CA LYS A 792 6.57 -34.54 -7.48
C LYS A 792 6.53 -34.72 -9.00
N ALA A 793 7.71 -34.67 -9.62
CA ALA A 793 7.83 -34.85 -11.06
C ALA A 793 9.26 -35.25 -11.42
N MET A 794 9.44 -35.82 -12.61
CA MET A 794 10.77 -36.21 -13.07
C MET A 794 11.12 -35.47 -14.35
N LEU A 795 12.43 -35.23 -14.54
CA LEU A 795 12.89 -34.51 -15.71
C LEU A 795 14.14 -35.17 -16.29
N HIS A 796 14.10 -35.49 -17.58
CA HIS A 796 15.20 -36.18 -18.24
C HIS A 796 15.89 -35.27 -19.25
N LEU A 797 17.21 -35.36 -19.31
CA LEU A 797 18.00 -34.54 -20.21
C LEU A 797 18.91 -35.39 -21.09
N GLN A 798 18.86 -35.13 -22.39
CA GLN A 798 19.75 -35.79 -23.34
C GLN A 798 20.78 -34.79 -23.86
N TRP A 799 22.03 -34.99 -23.49
CA TRP A 799 23.09 -34.06 -23.85
C TRP A 799 23.98 -34.62 -24.97
N PRO A 800 24.31 -33.77 -25.96
CA PRO A 800 25.24 -34.17 -27.01
C PRO A 800 26.65 -34.36 -26.46
N TYR A 801 26.87 -35.48 -25.80
CA TYR A 801 28.13 -35.78 -25.14
C TYR A 801 29.29 -35.81 -26.12
N LYS A 802 29.23 -36.72 -27.08
CA LYS A 802 30.31 -36.88 -28.05
C LYS A 802 29.79 -37.26 -29.43
N TYR A 803 30.67 -37.14 -30.42
CA TYR A 803 30.37 -37.59 -31.77
C TYR A 803 31.62 -38.25 -32.36
N ASN A 804 31.54 -39.56 -32.59
CA ASN A 804 32.70 -40.31 -33.06
C ASN A 804 33.92 -40.07 -32.19
N ASN A 805 33.74 -40.27 -30.88
CA ASN A 805 34.83 -40.13 -29.93
C ASN A 805 35.40 -38.72 -29.91
N ASN A 806 34.53 -37.73 -30.08
CA ASN A 806 34.92 -36.33 -30.02
C ASN A 806 34.07 -35.56 -29.02
N THR A 807 34.73 -34.74 -28.21
CA THR A 807 34.13 -34.18 -26.98
C THR A 807 32.87 -33.34 -27.18
N LEU A 808 32.73 -32.70 -28.34
CA LEU A 808 31.59 -31.80 -28.58
C LEU A 808 31.46 -30.75 -27.48
N LEU A 809 30.42 -30.88 -26.65
CA LEU A 809 30.21 -29.95 -25.55
C LEU A 809 30.68 -30.55 -24.23
N TYR A 810 31.57 -29.84 -23.55
CA TYR A 810 32.19 -30.31 -22.33
C TYR A 810 31.56 -29.64 -21.12
N ILE A 811 30.72 -30.39 -20.40
CA ILE A 811 30.02 -29.83 -19.25
C ILE A 811 31.00 -29.59 -18.10
N LEU A 812 31.11 -28.34 -17.69
CA LEU A 812 32.03 -27.96 -16.62
C LEU A 812 31.34 -28.10 -15.26
N HIS A 813 30.12 -27.59 -15.16
CA HIS A 813 29.35 -27.67 -13.93
C HIS A 813 27.89 -27.35 -14.21
N TYR A 814 27.00 -27.72 -13.29
CA TYR A 814 25.58 -27.46 -13.44
C TYR A 814 24.97 -26.99 -12.12
N ASP A 815 24.21 -25.90 -12.17
CA ASP A 815 23.58 -25.32 -10.99
C ASP A 815 22.07 -25.45 -11.06
N ILE A 816 21.41 -25.35 -9.90
CA ILE A 816 19.96 -25.46 -9.84
C ILE A 816 19.35 -24.44 -8.88
N ASP A 817 18.22 -23.87 -9.29
CA ASP A 817 17.43 -23.02 -8.42
C ASP A 817 16.00 -23.54 -8.37
N GLY A 818 15.66 -24.18 -7.26
CA GLY A 818 14.35 -24.79 -7.09
C GLY A 818 14.44 -26.06 -6.26
N PRO A 819 13.31 -26.78 -6.13
CA PRO A 819 13.24 -28.02 -5.35
C PRO A 819 13.93 -29.19 -6.03
N MET A 820 14.21 -29.05 -7.33
CA MET A 820 14.77 -30.13 -8.13
C MET A 820 16.16 -30.57 -7.67
N ASN A 821 16.38 -31.88 -7.70
CA ASN A 821 17.70 -32.45 -7.41
C ASN A 821 18.09 -33.39 -8.56
N CYS A 822 19.32 -33.27 -9.04
CA CYS A 822 19.73 -33.97 -10.25
C CYS A 822 20.98 -34.86 -10.09
N THR A 823 21.12 -35.78 -11.03
CA THR A 823 22.29 -36.66 -11.09
C THR A 823 22.71 -36.84 -12.55
N SER A 824 24.03 -36.89 -12.78
CA SER A 824 24.54 -37.17 -14.11
C SER A 824 25.08 -38.59 -14.17
N ASP A 825 24.85 -39.26 -15.31
CA ASP A 825 25.33 -40.63 -15.48
C ASP A 825 26.81 -40.66 -15.79
N MET A 826 27.40 -39.49 -16.02
CA MET A 826 28.83 -39.38 -16.25
C MET A 826 29.43 -38.29 -15.35
N GLU A 827 30.67 -38.49 -14.94
CA GLU A 827 31.34 -37.54 -14.04
C GLU A 827 31.49 -36.18 -14.70
N ILE A 828 30.98 -35.16 -14.05
CA ILE A 828 31.05 -33.79 -14.58
C ILE A 828 32.46 -33.24 -14.44
N ASN A 829 32.96 -32.63 -15.52
CA ASN A 829 34.29 -32.04 -15.52
C ASN A 829 35.35 -33.02 -15.03
N PRO A 830 35.61 -34.08 -15.80
CA PRO A 830 36.61 -35.09 -15.44
C PRO A 830 38.02 -34.50 -15.36
N LEU A 831 38.35 -33.63 -16.30
CA LEU A 831 39.69 -33.03 -16.37
C LEU A 831 39.94 -32.08 -15.19
N ARG A 832 38.90 -31.85 -14.38
CA ARG A 832 39.04 -31.05 -13.18
C ARG A 832 39.45 -29.63 -13.53
N ILE A 833 38.90 -29.11 -14.62
CA ILE A 833 39.15 -27.74 -15.04
C ILE A 833 38.53 -26.76 -14.04
N LYS A 834 39.30 -25.74 -13.66
CA LYS A 834 38.84 -24.75 -12.68
C LYS A 834 37.74 -23.87 -13.26
N ILE A 835 36.83 -23.44 -12.38
CA ILE A 835 35.69 -22.62 -12.79
C ILE A 835 36.03 -21.14 -12.58
N SER A 836 35.66 -20.30 -13.55
CA SER A 836 35.98 -18.88 -13.49
C SER A 836 34.75 -18.00 -13.75
N SER A 837 34.30 -17.99 -15.00
CA SER A 837 33.18 -17.14 -15.41
C SER A 837 31.92 -17.43 -14.60
N LEU A 838 30.97 -16.50 -14.64
CA LEU A 838 29.70 -16.68 -13.94
C LEU A 838 29.08 -18.05 -14.23
N THR A 841 23.95 -17.02 -11.91
CA THR A 841 23.43 -17.13 -10.56
C THR A 841 22.90 -15.78 -10.07
N GLU A 842 23.41 -14.70 -10.65
CA GLU A 842 23.11 -13.37 -10.13
C GLU A 842 22.59 -12.39 -11.18
N LYS A 843 21.56 -11.66 -10.76
CA LYS A 843 21.16 -10.40 -11.40
C LYS A 843 20.41 -10.51 -12.73
N ASN A 844 20.99 -9.94 -13.77
CA ASN A 844 20.21 -9.40 -14.87
C ASN A 844 19.67 -10.38 -15.90
N ASP A 845 18.37 -10.66 -15.77
CA ASP A 845 17.57 -11.16 -16.87
C ASP A 845 16.51 -10.09 -17.16
N THR A 846 16.63 -8.95 -16.49
CA THR A 846 15.66 -7.86 -16.63
C THR A 846 15.99 -6.97 -17.83
N VAL A 847 17.11 -7.28 -18.50
CA VAL A 847 17.52 -6.52 -19.67
C VAL A 847 16.49 -6.70 -20.79
N ALA A 848 16.06 -5.59 -21.38
CA ALA A 848 15.10 -5.63 -22.47
C ALA A 848 15.04 -4.28 -23.18
N GLY A 867 28.12 -25.07 -45.69
CA GLY A 867 27.94 -26.51 -45.53
C GLY A 867 26.55 -26.85 -45.03
N ASP A 868 25.55 -26.09 -45.48
CA ASP A 868 24.17 -26.29 -45.06
C ASP A 868 24.10 -26.38 -43.54
N ILE A 869 23.22 -27.24 -43.04
CA ILE A 869 23.10 -27.42 -41.59
C ILE A 869 22.82 -28.87 -41.25
N HIS A 870 23.50 -29.38 -40.22
CA HIS A 870 23.29 -30.74 -39.76
C HIS A 870 23.16 -30.78 -38.25
N THR A 871 21.99 -31.19 -37.76
CA THR A 871 21.72 -31.23 -36.33
C THR A 871 22.36 -32.45 -35.69
N LEU A 872 23.08 -32.23 -34.59
CA LEU A 872 23.68 -33.34 -33.84
C LEU A 872 22.86 -33.63 -32.59
N GLY A 873 21.87 -34.50 -32.74
CA GLY A 873 21.03 -34.90 -31.62
C GLY A 873 21.67 -35.99 -30.78
N CYS A 874 21.21 -36.12 -29.55
CA CYS A 874 21.71 -37.14 -28.65
C CYS A 874 21.35 -38.53 -29.18
N GLY A 875 20.45 -38.56 -30.15
CA GLY A 875 20.06 -39.81 -30.78
C GLY A 875 21.07 -40.25 -31.83
N VAL A 876 21.65 -39.28 -32.53
CA VAL A 876 22.62 -39.57 -33.58
C VAL A 876 24.05 -39.39 -33.08
N ALA A 877 24.19 -38.94 -31.83
CA ALA A 877 25.50 -38.73 -31.24
C ALA A 877 25.57 -39.37 -29.87
N GLN A 878 26.79 -39.63 -29.39
CA GLN A 878 26.97 -40.20 -28.07
C GLN A 878 26.26 -39.31 -27.04
N CYS A 879 25.54 -39.94 -26.12
CA CYS A 879 24.65 -39.21 -25.23
C CYS A 879 25.08 -39.23 -23.77
N LEU A 880 25.01 -38.07 -23.13
CA LEU A 880 25.18 -37.96 -21.69
C LEU A 880 23.83 -37.57 -21.09
N LYS A 881 23.40 -38.31 -20.08
CA LYS A 881 22.06 -38.13 -19.52
C LYS A 881 22.12 -37.53 -18.12
N ILE A 882 21.21 -36.58 -17.86
CA ILE A 882 21.04 -36.03 -16.52
C ILE A 882 19.58 -36.11 -16.11
N VAL A 883 19.29 -37.01 -15.18
CA VAL A 883 17.93 -37.17 -14.67
C VAL A 883 17.76 -36.36 -13.39
N CYS A 884 16.58 -35.77 -13.23
CA CYS A 884 16.34 -34.87 -12.11
C CYS A 884 14.99 -35.13 -11.44
N GLN A 885 15.00 -35.09 -10.10
CA GLN A 885 13.79 -35.28 -9.32
C GLN A 885 13.24 -33.93 -8.86
N VAL A 886 12.09 -33.56 -9.40
CA VAL A 886 11.46 -32.28 -9.08
C VAL A 886 10.53 -32.41 -7.88
N GLY A 887 10.52 -31.37 -7.04
CA GLY A 887 9.67 -31.34 -5.86
C GLY A 887 8.30 -30.76 -6.17
N ARG A 888 7.72 -30.08 -5.18
CA ARG A 888 6.39 -29.49 -5.34
C ARG A 888 6.46 -28.15 -6.05
N LEU A 889 5.65 -27.99 -7.10
CA LEU A 889 5.53 -26.72 -7.80
C LEU A 889 4.09 -26.24 -7.82
N ASP A 890 3.85 -25.07 -7.25
CA ASP A 890 2.51 -24.50 -7.19
C ASP A 890 2.29 -23.50 -8.34
N ARG A 891 1.17 -22.81 -8.31
CA ARG A 891 0.87 -21.83 -9.34
C ARG A 891 2.00 -20.81 -9.46
N GLY A 892 2.44 -20.56 -10.69
CA GLY A 892 3.46 -19.55 -10.95
C GLY A 892 4.79 -19.83 -10.29
N LYS A 893 5.11 -21.11 -10.11
CA LYS A 893 6.38 -21.51 -9.53
C LYS A 893 7.12 -22.43 -10.49
N SER A 894 8.45 -22.39 -10.46
CA SER A 894 9.25 -23.18 -11.39
C SER A 894 10.55 -23.69 -10.78
N ALA A 895 11.25 -24.50 -11.55
CA ALA A 895 12.56 -25.01 -11.16
C ALA A 895 13.48 -24.91 -12.37
N ILE A 896 14.69 -24.40 -12.16
CA ILE A 896 15.60 -24.11 -13.26
C ILE A 896 16.91 -24.89 -13.18
N LEU A 897 17.38 -25.34 -14.33
CA LEU A 897 18.66 -26.05 -14.42
C LEU A 897 19.61 -25.31 -15.36
N TYR A 898 20.68 -24.76 -14.80
CA TYR A 898 21.69 -24.05 -15.58
C TYR A 898 22.85 -25.00 -15.88
N VAL A 899 23.00 -25.37 -17.14
CA VAL A 899 24.09 -26.26 -17.55
C VAL A 899 25.20 -25.47 -18.23
N LYS A 900 26.32 -25.31 -17.52
CA LYS A 900 27.47 -24.59 -18.04
C LYS A 900 28.45 -25.54 -18.71
N SER A 901 28.74 -25.30 -19.97
CA SER A 901 29.65 -26.16 -20.73
C SER A 901 30.65 -25.34 -21.54
N LEU A 902 31.67 -26.03 -22.06
CA LEU A 902 32.66 -25.40 -22.90
C LEU A 902 32.74 -26.12 -24.24
N LEU A 903 32.65 -25.36 -25.32
CA LEU A 903 32.77 -25.94 -26.65
C LEU A 903 34.19 -26.45 -26.87
N TRP A 904 34.32 -27.74 -27.15
CA TRP A 904 35.62 -28.35 -27.39
C TRP A 904 36.08 -28.00 -28.80
N THR A 905 36.98 -27.02 -28.90
CA THR A 905 37.34 -26.44 -30.18
C THR A 905 38.02 -27.44 -31.10
N GLU A 906 39.05 -28.13 -30.60
CA GLU A 906 39.83 -29.03 -31.43
C GLU A 906 38.95 -30.09 -32.10
N THR A 907 37.80 -30.38 -31.50
CA THR A 907 36.86 -31.33 -32.09
C THR A 907 36.41 -30.83 -33.45
N PHE A 908 36.10 -29.54 -33.53
CA PHE A 908 35.58 -28.95 -34.76
C PHE A 908 36.70 -28.51 -35.69
N MET A 909 37.94 -28.62 -35.21
CA MET A 909 39.10 -28.29 -36.01
C MET A 909 39.75 -29.56 -36.57
N ASN A 910 39.21 -30.71 -36.20
CA ASN A 910 39.83 -31.99 -36.54
C ASN A 910 38.92 -32.89 -37.37
N LYS A 911 39.54 -33.77 -38.15
CA LYS A 911 38.82 -34.75 -38.96
C LYS A 911 37.93 -34.08 -40.02
N GLU A 912 36.66 -34.51 -40.10
CA GLU A 912 35.76 -34.07 -41.15
C GLU A 912 35.36 -32.61 -41.00
N ASN A 913 35.60 -32.04 -39.83
CA ASN A 913 35.13 -30.70 -39.51
C ASN A 913 36.07 -29.61 -40.01
N GLN A 914 35.66 -28.92 -41.08
CA GLN A 914 36.43 -27.80 -41.59
C GLN A 914 35.51 -26.68 -42.08
N ASN A 915 34.70 -26.97 -43.10
CA ASN A 915 33.82 -25.96 -43.68
C ASN A 915 32.34 -26.23 -43.42
N HIS A 916 32.05 -27.18 -42.53
CA HIS A 916 30.67 -27.59 -42.28
C HIS A 916 30.07 -26.89 -41.08
N SER A 917 28.76 -26.65 -41.13
CA SER A 917 28.04 -26.02 -40.03
C SER A 917 27.07 -27.01 -39.39
N TYR A 918 27.09 -27.08 -38.07
CA TYR A 918 26.25 -28.03 -37.34
C TYR A 918 25.33 -27.32 -36.35
N SER A 919 24.28 -28.03 -35.94
CA SER A 919 23.38 -27.54 -34.92
C SER A 919 23.35 -28.52 -33.75
N LEU A 920 24.02 -28.16 -32.66
CA LEU A 920 24.10 -29.02 -31.49
C LEU A 920 22.75 -29.04 -30.75
N LYS A 921 22.10 -30.20 -30.76
CA LYS A 921 20.77 -30.33 -30.20
C LYS A 921 20.79 -30.97 -28.81
N SER A 922 20.09 -30.34 -27.87
CA SER A 922 19.99 -30.86 -26.51
C SER A 922 18.52 -30.97 -26.12
N SER A 923 18.02 -32.20 -26.02
CA SER A 923 16.62 -32.45 -25.74
C SER A 923 16.38 -32.69 -24.25
N ALA A 924 15.24 -32.24 -23.76
CA ALA A 924 14.86 -32.45 -22.37
C ALA A 924 13.34 -32.60 -22.24
N SER A 925 12.92 -33.65 -21.56
CA SER A 925 11.49 -33.90 -21.35
C SER A 925 11.21 -34.05 -19.86
N PHE A 926 9.95 -33.85 -19.50
CA PHE A 926 9.53 -33.95 -18.10
C PHE A 926 8.28 -34.80 -17.99
N ASN A 927 7.99 -35.27 -16.78
CA ASN A 927 6.76 -36.00 -16.51
C ASN A 927 6.35 -35.90 -15.05
N VAL A 928 5.13 -35.46 -14.82
CA VAL A 928 4.63 -35.29 -13.45
C VAL A 928 4.13 -36.63 -12.91
N ILE A 929 4.69 -37.04 -11.77
CA ILE A 929 4.43 -38.37 -11.22
C ILE A 929 3.37 -38.37 -10.12
N GLU A 930 3.35 -37.34 -9.29
CA GLU A 930 2.40 -37.29 -8.18
C GLU A 930 1.76 -35.92 -8.00
N PHE A 931 0.66 -35.90 -7.25
CA PHE A 931 -0.05 -34.68 -6.92
C PHE A 931 -0.39 -34.69 -5.44
N PRO A 932 -0.51 -33.50 -4.84
CA PRO A 932 -0.84 -33.35 -3.42
C PRO A 932 -2.31 -33.68 -3.11
N TYR A 933 -3.12 -33.83 -4.15
CA TYR A 933 -4.54 -34.12 -3.97
C TYR A 933 -4.79 -35.62 -4.14
N LYS A 934 -5.06 -36.29 -3.01
CA LYS A 934 -5.11 -37.75 -3.00
C LYS A 934 -6.50 -38.30 -3.34
N ASN A 935 -7.55 -37.57 -2.96
CA ASN A 935 -8.91 -38.04 -3.19
C ASN A 935 -9.41 -37.74 -4.60
N LEU A 936 -8.55 -37.17 -5.44
CA LEU A 936 -8.93 -36.82 -6.79
C LEU A 936 -8.20 -37.69 -7.82
N PRO A 937 -8.84 -37.92 -8.98
CA PRO A 937 -8.22 -38.70 -10.07
C PRO A 937 -7.05 -37.96 -10.70
N ILE A 938 -5.84 -38.22 -10.19
CA ILE A 938 -4.64 -37.58 -10.72
C ILE A 938 -4.42 -37.93 -12.19
N GLU A 939 -4.07 -36.93 -12.98
CA GLU A 939 -3.82 -37.11 -14.41
C GLU A 939 -2.38 -36.77 -14.75
N ASP A 940 -1.66 -37.74 -15.28
CA ASP A 940 -0.25 -37.54 -15.65
C ASP A 940 -0.14 -36.59 -16.84
N ILE A 941 0.91 -35.78 -16.84
CA ILE A 941 1.14 -34.82 -17.91
C ILE A 941 2.62 -34.76 -18.26
N THR A 942 2.91 -34.65 -19.56
CA THR A 942 4.29 -34.64 -20.03
C THR A 942 4.42 -33.90 -21.35
N ASN A 943 5.56 -33.23 -21.51
CA ASN A 943 5.91 -32.56 -22.76
C ASN A 943 7.41 -32.52 -22.86
N SER A 944 7.93 -32.00 -23.97
CA SER A 944 9.38 -31.97 -24.18
C SER A 944 9.82 -30.73 -24.96
N THR A 945 11.11 -30.45 -24.91
CA THR A 945 11.67 -29.31 -25.62
C THR A 945 13.16 -29.53 -25.88
N LEU A 946 13.65 -28.93 -26.96
CA LEU A 946 15.05 -29.05 -27.32
C LEU A 946 15.71 -27.67 -27.41
N VAL A 947 17.02 -27.63 -27.20
CA VAL A 947 17.78 -26.40 -27.30
C VAL A 947 18.93 -26.59 -28.27
N THR A 948 18.95 -25.77 -29.32
CA THR A 948 19.94 -25.89 -30.37
C THR A 948 20.99 -24.77 -30.27
N THR A 949 22.24 -25.13 -30.52
CA THR A 949 23.33 -24.16 -30.58
C THR A 949 24.05 -24.30 -31.90
N ASN A 950 23.76 -23.41 -32.83
CA ASN A 950 24.32 -23.50 -34.17
C ASN A 950 25.78 -23.05 -34.22
N VAL A 951 26.66 -23.96 -34.63
CA VAL A 951 28.07 -23.65 -34.83
C VAL A 951 28.33 -23.45 -36.31
N THR A 952 28.80 -22.25 -36.68
CA THR A 952 28.93 -21.88 -38.08
C THR A 952 30.31 -21.31 -38.39
N TRP A 953 30.78 -21.55 -39.63
CA TRP A 953 31.99 -20.94 -40.12
C TRP A 953 31.63 -19.71 -40.96
N GLY A 954 32.51 -18.73 -40.99
CA GLY A 954 32.23 -17.49 -41.70
C GLY A 954 33.21 -17.17 -42.80
N ILE A 955 32.79 -16.26 -43.67
CA ILE A 955 33.67 -15.68 -44.69
C ILE A 955 34.10 -16.67 -45.77
N GLN A 956 33.19 -17.56 -46.17
CA GLN A 956 33.48 -18.50 -47.25
C GLN A 956 32.28 -18.75 -48.17
N PRO A 957 31.56 -17.69 -48.57
CA PRO A 957 30.44 -17.89 -49.51
C PRO A 957 30.87 -17.87 -50.97
N ALA A 958 31.72 -16.91 -51.34
CA ALA A 958 32.13 -16.75 -52.73
C ALA A 958 33.44 -15.96 -52.80
N PRO A 959 34.18 -16.12 -53.92
CA PRO A 959 35.43 -15.37 -54.11
C PRO A 959 35.18 -13.88 -54.35
N CYS A 969 37.61 -26.14 -64.31
CA CYS A 969 38.49 -27.15 -63.72
C CYS A 969 38.40 -27.10 -62.19
N GLU A 970 38.99 -26.07 -61.61
CA GLU A 970 39.01 -25.92 -60.16
C GLU A 970 37.61 -25.61 -59.63
N LYS A 971 36.81 -24.91 -60.44
CA LYS A 971 35.44 -24.59 -60.07
C LYS A 971 34.60 -25.85 -59.93
N GLU A 972 34.55 -26.64 -60.99
CA GLU A 972 33.82 -27.91 -60.97
C GLU A 972 34.38 -28.83 -59.89
N LEU A 973 35.67 -28.70 -59.61
CA LEU A 973 36.32 -29.51 -58.58
C LEU A 973 35.73 -29.17 -57.20
N GLN A 974 35.72 -27.88 -56.87
CA GLN A 974 35.23 -27.42 -55.58
C GLN A 974 33.75 -27.72 -55.40
N ALA A 975 32.99 -27.61 -56.49
CA ALA A 975 31.55 -27.86 -56.44
C ALA A 975 31.25 -29.27 -55.97
N LEU A 976 31.86 -30.25 -56.61
CA LEU A 976 31.65 -31.65 -56.27
C LEU A 976 32.23 -32.01 -54.90
N GLU A 977 33.24 -31.26 -54.47
CA GLU A 977 33.83 -31.48 -53.15
C GLU A 977 32.83 -31.13 -52.05
N LYS A 978 32.05 -30.08 -52.26
CA LYS A 978 31.04 -29.68 -51.29
C LYS A 978 29.85 -30.63 -51.32
N GLU A 979 29.40 -30.98 -52.52
CA GLU A 979 28.31 -31.95 -52.68
C GLU A 979 28.68 -33.25 -52.01
N ASN A 980 29.86 -33.77 -52.34
CA ASN A 980 30.37 -34.99 -51.74
C ASN A 980 30.28 -34.95 -50.22
N ALA A 981 30.99 -34.00 -49.63
CA ALA A 981 31.04 -33.86 -48.18
C ALA A 981 29.64 -33.84 -47.56
N GLN A 982 28.75 -33.05 -48.14
CA GLN A 982 27.39 -32.94 -47.63
C GLN A 982 26.66 -34.28 -47.70
N LEU A 983 26.86 -35.00 -48.80
CA LEU A 983 26.23 -36.31 -48.98
C LEU A 983 26.74 -37.33 -47.98
N GLU A 984 27.99 -37.15 -47.53
CA GLU A 984 28.56 -38.03 -46.53
C GLU A 984 27.80 -37.93 -45.22
N TRP A 985 27.55 -36.70 -44.78
CA TRP A 985 26.88 -36.45 -43.51
C TRP A 985 25.46 -36.98 -43.50
N GLU A 986 24.72 -36.76 -44.58
CA GLU A 986 23.33 -37.18 -44.67
C GLU A 986 23.21 -38.71 -44.55
N LEU A 987 24.19 -39.42 -45.09
CA LEU A 987 24.23 -40.88 -44.98
C LEU A 987 24.57 -41.29 -43.55
N GLN A 988 25.61 -40.68 -43.00
CA GLN A 988 26.03 -40.95 -41.63
C GLN A 988 24.86 -40.77 -40.66
N ALA A 989 23.94 -39.89 -41.01
CA ALA A 989 22.78 -39.62 -40.17
C ALA A 989 21.81 -40.79 -40.20
N LEU A 990 21.39 -41.19 -41.40
CA LEU A 990 20.43 -42.27 -41.55
C LEU A 990 20.92 -43.56 -40.90
N GLU A 991 22.23 -43.79 -40.97
CA GLU A 991 22.84 -44.98 -40.38
C GLU A 991 22.61 -45.01 -38.87
N LYS A 992 23.02 -43.94 -38.19
CA LYS A 992 22.93 -43.88 -36.75
C LYS A 992 21.49 -43.67 -36.28
N GLU A 993 20.62 -43.28 -37.20
CA GLU A 993 19.20 -43.15 -36.89
C GLU A 993 18.51 -44.51 -36.96
N LEU A 994 19.24 -45.52 -37.43
CA LEU A 994 18.71 -46.87 -37.51
C LEU A 994 19.76 -47.89 -37.07
N GLY B 1 -35.18 3.35 -27.05
CA GLY B 1 -35.86 2.34 -26.20
C GLY B 1 -36.09 2.83 -24.79
N PRO B 2 -36.51 1.93 -23.89
CA PRO B 2 -36.79 2.26 -22.49
C PRO B 2 -35.52 2.54 -21.69
N ASN B 3 -34.93 3.71 -21.89
CA ASN B 3 -33.72 4.10 -21.18
C ASN B 3 -33.97 4.28 -19.69
N ILE B 4 -32.89 4.26 -18.91
CA ILE B 4 -32.98 4.34 -17.45
C ILE B 4 -33.45 5.71 -16.99
N CYS B 5 -33.23 6.75 -17.78
CA CYS B 5 -33.65 8.10 -17.42
C CYS B 5 -35.15 8.11 -17.15
N THR B 6 -35.88 7.26 -17.86
CA THR B 6 -37.32 7.16 -17.70
C THR B 6 -37.70 6.57 -16.35
N THR B 7 -36.97 5.54 -15.93
CA THR B 7 -37.30 4.78 -14.73
C THR B 7 -36.71 5.37 -13.46
N ARG B 8 -35.43 5.73 -13.50
CA ARG B 8 -34.71 6.11 -12.30
C ARG B 8 -34.76 7.61 -11.99
N GLY B 9 -35.04 8.41 -13.01
CA GLY B 9 -34.99 9.87 -12.86
C GLY B 9 -36.35 10.56 -12.92
N VAL B 10 -37.42 9.78 -12.82
CA VAL B 10 -38.76 10.34 -12.92
C VAL B 10 -39.14 11.12 -11.65
N SER B 11 -38.40 10.90 -10.58
CA SER B 11 -38.71 11.52 -9.30
C SER B 11 -38.66 13.05 -9.37
N SER B 12 -37.52 13.59 -9.79
CA SER B 12 -37.36 15.03 -9.92
C SER B 12 -36.24 15.37 -10.90
N CYS B 13 -36.05 16.66 -11.14
CA CYS B 13 -35.08 17.12 -12.12
C CYS B 13 -33.65 16.85 -11.66
N GLN B 14 -33.31 17.33 -10.47
CA GLN B 14 -31.97 17.14 -9.93
C GLN B 14 -31.60 15.67 -9.95
N GLN B 15 -32.55 14.82 -9.55
CA GLN B 15 -32.32 13.38 -9.57
C GLN B 15 -32.11 12.91 -10.99
N CYS B 16 -32.97 13.37 -11.90
CA CYS B 16 -32.88 12.99 -13.31
C CYS B 16 -31.48 13.24 -13.87
N LEU B 17 -30.94 14.43 -13.63
CA LEU B 17 -29.63 14.78 -14.14
C LEU B 17 -28.54 13.92 -13.52
N ALA B 18 -28.79 13.48 -12.28
CA ALA B 18 -27.82 12.65 -11.56
C ALA B 18 -27.84 11.21 -12.05
N VAL B 19 -28.95 10.79 -12.66
CA VAL B 19 -29.08 9.43 -13.16
C VAL B 19 -28.00 9.14 -14.20
N SER B 20 -27.78 10.08 -15.11
CA SER B 20 -26.77 9.91 -16.15
C SER B 20 -26.57 11.20 -16.92
N PRO B 21 -25.34 11.42 -17.43
CA PRO B 21 -25.04 12.60 -18.24
C PRO B 21 -25.91 12.68 -19.50
N MET B 22 -26.51 11.57 -19.89
CA MET B 22 -27.35 11.51 -21.08
C MET B 22 -28.80 11.87 -20.79
N CYS B 23 -29.13 11.97 -19.50
CA CYS B 23 -30.50 12.27 -19.08
C CYS B 23 -30.81 13.75 -19.16
N ALA B 24 -32.02 14.07 -19.61
CA ALA B 24 -32.49 15.45 -19.68
C ALA B 24 -33.83 15.57 -18.95
N TRP B 25 -34.23 16.80 -18.66
CA TRP B 25 -35.47 17.05 -17.94
C TRP B 25 -36.25 18.19 -18.55
N CYS B 26 -37.57 18.02 -18.67
CA CYS B 26 -38.45 19.09 -19.17
C CYS B 26 -39.01 19.87 -18.00
N SER B 27 -38.59 21.12 -17.87
CA SER B 27 -38.94 21.93 -16.71
C SER B 27 -40.11 22.89 -16.97
N ASP B 28 -40.87 22.64 -18.02
CA ASP B 28 -41.96 23.53 -18.38
C ASP B 28 -43.16 22.80 -18.98
N GLU B 29 -44.28 23.51 -19.05
CA GLU B 29 -45.52 22.97 -19.59
C GLU B 29 -45.98 21.74 -18.79
N ALA B 30 -46.77 20.88 -19.43
CA ALA B 30 -47.31 19.71 -18.75
C ALA B 30 -47.78 18.68 -19.77
N LEU B 31 -47.17 17.51 -19.73
CA LEU B 31 -47.58 16.41 -20.60
C LEU B 31 -47.48 15.08 -19.85
N PRO B 32 -48.59 14.69 -19.19
CA PRO B 32 -48.61 13.45 -18.39
C PRO B 32 -48.36 12.20 -19.23
N LEU B 33 -47.43 11.37 -18.79
CA LEU B 33 -47.08 10.14 -19.50
C LEU B 33 -46.73 10.43 -20.95
N PRO B 36 -42.81 10.57 -19.68
CA PRO B 36 -41.57 10.63 -18.89
C PRO B 36 -40.98 12.03 -18.84
N ARG B 37 -40.98 12.65 -17.67
CA ARG B 37 -40.46 14.00 -17.52
C ARG B 37 -38.93 13.97 -17.54
N CYS B 38 -38.36 12.79 -17.37
CA CYS B 38 -36.91 12.60 -17.48
C CYS B 38 -36.61 11.61 -18.59
N ASP B 39 -35.94 12.08 -19.64
CA ASP B 39 -35.66 11.25 -20.81
C ASP B 39 -34.49 11.83 -21.60
N LEU B 40 -34.14 11.18 -22.70
CA LEU B 40 -33.06 11.67 -23.56
C LEU B 40 -33.49 12.97 -24.23
N LYS B 41 -32.50 13.80 -24.58
CA LYS B 41 -32.76 15.08 -25.21
C LYS B 41 -33.65 14.92 -26.44
N GLU B 42 -33.27 13.99 -27.32
CA GLU B 42 -34.00 13.78 -28.57
C GLU B 42 -35.39 13.23 -28.30
N ASN B 43 -35.48 12.31 -27.35
CA ASN B 43 -36.76 11.71 -26.99
C ASN B 43 -37.74 12.75 -26.49
N LEU B 44 -37.23 13.73 -25.75
CA LEU B 44 -38.06 14.82 -25.22
C LEU B 44 -38.54 15.72 -26.36
N LEU B 45 -37.73 15.83 -27.41
CA LEU B 45 -38.12 16.61 -28.57
C LEU B 45 -39.28 15.94 -29.31
N LYS B 46 -39.27 14.62 -29.34
CA LYS B 46 -40.34 13.87 -29.97
C LYS B 46 -41.62 13.98 -29.16
N ASP B 47 -41.47 14.27 -27.86
CA ASP B 47 -42.62 14.48 -26.99
C ASP B 47 -43.04 15.95 -26.99
N ASN B 48 -42.47 16.73 -27.90
CA ASN B 48 -42.85 18.13 -28.08
C ASN B 48 -42.61 18.98 -26.85
N CYS B 49 -41.59 18.64 -26.07
CA CYS B 49 -41.19 19.46 -24.95
C CYS B 49 -40.46 20.69 -25.46
N ALA B 50 -40.84 21.87 -24.96
CA ALA B 50 -40.23 23.12 -25.40
C ALA B 50 -38.71 23.02 -25.32
N PRO B 51 -38.03 23.30 -26.45
CA PRO B 51 -36.57 23.21 -26.51
C PRO B 51 -35.88 23.99 -25.40
N GLU B 52 -36.34 25.21 -25.15
CA GLU B 52 -35.72 26.09 -24.16
C GLU B 52 -36.07 25.66 -22.73
N SER B 53 -36.94 24.67 -22.60
CA SER B 53 -37.33 24.17 -21.28
C SER B 53 -36.54 22.92 -20.90
N ILE B 54 -35.66 22.48 -21.79
CA ILE B 54 -34.87 21.28 -21.54
C ILE B 54 -33.67 21.58 -20.63
N GLU B 55 -33.66 20.98 -19.45
CA GLU B 55 -32.52 21.06 -18.56
C GLU B 55 -31.55 19.95 -18.91
N PHE B 56 -30.54 20.29 -19.71
CA PHE B 56 -29.58 19.30 -20.18
C PHE B 56 -28.17 19.86 -20.18
N PRO B 57 -27.49 19.83 -19.02
CA PRO B 57 -26.11 20.30 -18.90
C PRO B 57 -25.16 19.55 -19.82
N VAL B 58 -23.99 20.12 -20.07
CA VAL B 58 -23.00 19.48 -20.94
C VAL B 58 -21.60 19.70 -20.39
N SER B 59 -20.89 18.60 -20.15
CA SER B 59 -19.52 18.67 -19.68
C SER B 59 -18.62 19.20 -20.79
N GLU B 60 -17.80 20.20 -20.45
CA GLU B 60 -16.93 20.82 -21.44
C GLU B 60 -15.67 21.36 -20.77
N ALA B 61 -14.59 21.42 -21.55
CA ALA B 61 -13.33 21.96 -21.06
C ALA B 61 -12.81 23.03 -22.02
N ARG B 62 -13.02 24.29 -21.67
CA ARG B 62 -12.58 25.40 -22.50
C ARG B 62 -11.16 25.83 -22.13
N VAL B 63 -10.37 26.17 -23.15
CA VAL B 63 -9.02 26.66 -22.92
C VAL B 63 -9.08 28.17 -22.68
N LEU B 64 -8.79 28.57 -21.44
CA LEU B 64 -8.84 29.98 -21.06
C LEU B 64 -7.59 30.72 -21.52
N GLU B 65 -6.44 30.06 -21.42
CA GLU B 65 -5.19 30.65 -21.85
C GLU B 65 -4.36 29.64 -22.63
N ASP B 66 -4.10 29.95 -23.90
CA ASP B 66 -3.33 29.07 -24.77
C ASP B 66 -2.13 29.82 -25.34
N ARG B 67 -0.99 29.73 -24.66
CA ARG B 67 0.23 30.37 -25.14
C ARG B 67 1.06 29.36 -25.93
N PRO B 68 1.66 29.81 -27.04
CA PRO B 68 2.54 28.94 -27.83
C PRO B 68 3.83 28.63 -27.08
N LEU B 69 4.40 27.45 -27.31
CA LEU B 69 5.64 27.07 -26.66
C LEU B 69 6.81 27.87 -27.22
N SER B 70 7.89 27.93 -26.46
CA SER B 70 9.08 28.68 -26.87
C SER B 70 10.12 27.76 -27.48
N ASP B 71 10.88 28.29 -28.43
CA ASP B 71 11.98 27.55 -29.04
C ASP B 71 13.23 27.71 -28.19
N LYS B 72 13.45 28.94 -27.72
CA LYS B 72 14.58 29.24 -26.85
C LYS B 72 14.10 30.03 -25.63
N GLY B 73 14.83 29.90 -24.53
CA GLY B 73 14.44 30.54 -23.29
C GLY B 73 15.40 31.63 -22.83
N SER B 74 16.26 32.08 -23.75
CA SER B 74 17.22 33.11 -23.44
C SER B 74 16.69 34.50 -23.79
N GLY B 75 15.53 34.54 -24.44
CA GLY B 75 14.92 35.79 -24.86
C GLY B 75 14.33 36.57 -23.69
N ASP B 76 14.74 37.82 -23.56
CA ASP B 76 14.20 38.71 -22.53
C ASP B 76 13.09 39.58 -23.10
N SER B 77 12.74 39.35 -24.35
CA SER B 77 11.76 40.17 -25.04
C SER B 77 10.37 39.55 -25.03
N SER B 78 10.25 38.37 -24.42
CA SER B 78 8.96 37.69 -24.36
C SER B 78 8.89 36.73 -23.17
N GLN B 79 7.66 36.34 -22.81
CA GLN B 79 7.45 35.39 -21.72
C GLN B 79 7.76 33.97 -22.17
N VAL B 80 8.46 33.22 -21.32
CA VAL B 80 8.84 31.85 -21.64
C VAL B 80 7.71 30.88 -21.31
N THR B 81 7.34 30.06 -22.28
CA THR B 81 6.28 29.07 -22.10
C THR B 81 6.80 27.65 -22.34
N GLN B 82 6.73 26.82 -21.30
CA GLN B 82 7.17 25.44 -21.40
C GLN B 82 5.97 24.48 -21.37
N VAL B 83 4.79 25.03 -21.15
CA VAL B 83 3.59 24.21 -21.01
C VAL B 83 2.40 24.87 -21.70
N SER B 84 1.60 24.08 -22.41
CA SER B 84 0.41 24.60 -23.07
C SER B 84 -0.70 23.55 -23.08
N PRO B 85 -1.95 23.97 -22.84
CA PRO B 85 -2.31 25.35 -22.50
C PRO B 85 -2.01 25.67 -21.04
N GLN B 86 -2.21 26.93 -20.64
CA GLN B 86 -1.91 27.36 -19.27
C GLN B 86 -3.14 27.31 -18.39
N ARG B 87 -4.30 27.64 -18.96
CA ARG B 87 -5.55 27.65 -18.19
C ARG B 87 -6.66 26.93 -18.93
N ILE B 88 -7.44 26.16 -18.18
CA ILE B 88 -8.59 25.46 -18.73
C ILE B 88 -9.77 25.53 -17.76
N ALA B 89 -10.93 25.95 -18.27
CA ALA B 89 -12.14 25.97 -17.48
C ALA B 89 -12.92 24.69 -17.72
N LEU B 90 -13.08 23.90 -16.66
CA LEU B 90 -13.69 22.59 -16.77
C LEU B 90 -15.09 22.54 -16.13
N ARG B 91 -16.08 22.25 -16.96
CA ARG B 91 -17.45 22.06 -16.49
C ARG B 91 -17.79 20.57 -16.53
N LEU B 92 -18.43 20.07 -15.49
CA LEU B 92 -18.73 18.64 -15.40
C LEU B 92 -20.13 18.34 -14.87
N ARG B 93 -20.72 17.26 -15.38
CA ARG B 93 -21.98 16.75 -14.87
C ARG B 93 -21.72 15.69 -13.82
N PRO B 94 -22.74 15.37 -13.01
CA PRO B 94 -22.60 14.30 -12.02
C PRO B 94 -22.18 12.99 -12.68
N ASP B 95 -21.10 12.39 -12.17
CA ASP B 95 -20.62 11.11 -12.68
C ASP B 95 -20.33 11.17 -14.17
N ASP B 96 -19.68 12.23 -14.61
CA ASP B 96 -19.35 12.39 -16.02
C ASP B 96 -17.85 12.57 -16.22
N SER B 97 -17.40 12.59 -17.47
CA SER B 97 -15.97 12.71 -17.76
C SER B 97 -15.70 13.47 -19.06
N LYS B 98 -14.52 14.04 -19.17
CA LYS B 98 -14.11 14.77 -20.36
C LYS B 98 -12.61 14.59 -20.60
N ASN B 99 -12.21 14.60 -21.87
CA ASN B 99 -10.81 14.43 -22.22
C ASN B 99 -10.19 15.71 -22.75
N PHE B 100 -9.04 16.08 -22.19
CA PHE B 100 -8.26 17.20 -22.70
C PHE B 100 -6.78 16.82 -22.69
N SER B 101 -5.95 17.66 -23.31
CA SER B 101 -4.54 17.35 -23.44
C SER B 101 -3.63 18.47 -22.93
N ILE B 102 -2.35 18.15 -22.79
CA ILE B 102 -1.35 19.13 -22.36
C ILE B 102 0.00 18.80 -22.97
N GLN B 103 0.70 19.82 -23.45
CA GLN B 103 2.01 19.63 -24.08
C GLN B 103 3.11 20.30 -23.26
N VAL B 104 4.26 19.64 -23.19
CA VAL B 104 5.39 20.16 -22.43
C VAL B 104 6.66 20.10 -23.27
N ARG B 105 7.52 21.11 -23.10
CA ARG B 105 8.79 21.14 -23.83
C ARG B 105 9.89 21.75 -22.98
N GLN B 106 11.09 21.17 -23.07
CA GLN B 106 12.26 21.74 -22.42
C GLN B 106 12.98 22.63 -23.43
N VAL B 107 12.84 23.94 -23.26
CA VAL B 107 13.35 24.89 -24.23
C VAL B 107 14.87 24.97 -24.20
N GLU B 108 15.45 25.48 -25.27
CA GLU B 108 16.89 25.60 -25.40
C GLU B 108 17.39 26.88 -24.75
N ASP B 109 18.65 26.88 -24.33
CA ASP B 109 19.27 28.06 -23.71
C ASP B 109 18.39 28.59 -22.58
N TYR B 110 17.95 27.68 -21.71
CA TYR B 110 17.11 28.05 -20.58
C TYR B 110 17.97 28.42 -19.38
N PRO B 111 17.75 29.61 -18.81
CA PRO B 111 18.58 30.07 -17.68
C PRO B 111 18.58 29.09 -16.52
N VAL B 112 19.65 29.09 -15.74
CA VAL B 112 19.81 28.12 -14.67
C VAL B 112 20.24 28.78 -13.36
N ASP B 113 19.74 28.24 -12.25
CA ASP B 113 20.17 28.66 -10.92
C ASP B 113 20.85 27.48 -10.23
N ILE B 114 22.07 27.70 -9.76
CA ILE B 114 22.82 26.64 -9.08
C ILE B 114 23.37 27.12 -7.74
N TYR B 115 22.79 26.61 -6.66
CA TYR B 115 23.25 26.96 -5.32
C TYR B 115 24.04 25.80 -4.73
N TYR B 116 25.30 26.05 -4.41
CA TYR B 116 26.18 25.00 -3.92
C TYR B 116 26.07 24.86 -2.40
N LEU B 117 25.92 23.61 -1.95
CA LEU B 117 25.77 23.32 -0.53
C LEU B 117 26.68 22.17 -0.13
N MET B 118 27.64 22.45 0.75
CA MET B 118 28.68 21.47 1.08
C MET B 118 28.76 21.14 2.57
N ASP B 119 28.97 19.87 2.86
CA ASP B 119 29.22 19.42 4.22
C ASP B 119 30.60 19.91 4.66
N LEU B 120 30.64 20.65 5.76
CA LEU B 120 31.89 21.23 6.25
C LEU B 120 32.47 20.45 7.43
N SER B 121 32.05 19.20 7.60
CA SER B 121 32.66 18.35 8.60
C SER B 121 34.16 18.26 8.33
N TYR B 122 34.94 17.98 9.35
CA TYR B 122 36.40 17.98 9.21
C TYR B 122 36.83 17.00 8.12
N SER B 123 36.03 15.96 7.90
CA SER B 123 36.32 14.97 6.87
C SER B 123 36.26 15.59 5.49
N MET B 124 35.60 16.73 5.37
CA MET B 124 35.46 17.43 4.10
C MET B 124 36.40 18.62 3.98
N LYS B 125 37.39 18.69 4.88
CA LYS B 125 38.35 19.79 4.88
C LYS B 125 39.03 19.93 3.52
N ASP B 126 39.56 18.82 3.01
CA ASP B 126 40.28 18.82 1.75
C ASP B 126 39.37 19.19 0.58
N ASP B 127 38.12 18.74 0.64
CA ASP B 127 37.17 18.98 -0.45
C ASP B 127 36.96 20.47 -0.70
N LEU B 128 37.10 21.28 0.34
CA LEU B 128 36.93 22.72 0.22
C LEU B 128 38.01 23.35 -0.64
N TRP B 129 39.25 22.92 -0.42
CA TRP B 129 40.40 23.47 -1.14
C TRP B 129 40.34 23.09 -2.62
N SER B 130 39.68 21.98 -2.94
CA SER B 130 39.64 21.48 -4.30
C SER B 130 38.62 22.21 -5.18
N ILE B 131 37.62 22.83 -4.54
CA ILE B 131 36.57 23.53 -5.29
C ILE B 131 36.82 25.04 -5.34
N GLN B 132 38.02 25.45 -4.96
CA GLN B 132 38.36 26.86 -4.94
C GLN B 132 38.27 27.50 -6.33
N ASN B 133 38.55 26.71 -7.36
CA ASN B 133 38.50 27.21 -8.74
C ASN B 133 37.37 26.56 -9.52
N LEU B 134 36.47 25.87 -8.82
CA LEU B 134 35.39 25.14 -9.46
C LEU B 134 34.41 26.05 -10.19
N GLY B 135 34.05 27.16 -9.55
CA GLY B 135 33.07 28.08 -10.10
C GLY B 135 33.30 28.39 -11.57
N THR B 136 34.40 29.08 -11.85
CA THR B 136 34.70 29.51 -13.21
C THR B 136 34.99 28.31 -14.13
N LYS B 137 35.73 27.34 -13.61
CA LYS B 137 36.10 26.17 -14.40
C LYS B 137 34.85 25.47 -14.94
N LEU B 138 33.79 25.48 -14.15
CA LEU B 138 32.52 24.92 -14.57
C LEU B 138 31.76 25.93 -15.41
N ALA B 139 31.87 27.20 -15.05
CA ALA B 139 31.19 28.27 -15.78
C ALA B 139 31.50 28.20 -17.28
N THR B 140 32.77 27.97 -17.61
CA THR B 140 33.18 27.84 -19.00
C THR B 140 32.56 26.59 -19.60
N GLN B 141 32.42 25.54 -18.79
CA GLN B 141 31.82 24.29 -19.24
C GLN B 141 30.31 24.44 -19.44
N MET B 142 29.74 25.48 -18.85
CA MET B 142 28.30 25.72 -18.95
C MET B 142 27.95 26.71 -20.05
N ARG B 143 28.96 27.25 -20.72
CA ARG B 143 28.73 28.16 -21.84
C ARG B 143 27.96 27.43 -22.93
N LYS B 144 28.28 26.16 -23.12
CA LYS B 144 27.70 25.36 -24.19
C LYS B 144 26.25 24.99 -23.90
N LEU B 145 25.91 24.86 -22.61
CA LEU B 145 24.58 24.46 -22.22
C LEU B 145 23.62 25.65 -22.14
N THR B 146 24.14 26.80 -21.73
CA THR B 146 23.32 28.01 -21.65
C THR B 146 24.18 29.26 -21.57
N SER B 147 23.57 30.39 -21.94
CA SER B 147 24.25 31.68 -21.87
C SER B 147 23.78 32.48 -20.67
N ASN B 148 22.87 31.90 -19.89
CA ASN B 148 22.33 32.55 -18.70
C ASN B 148 22.45 31.64 -17.49
N LEU B 149 23.17 32.11 -16.46
CA LEU B 149 23.43 31.29 -15.28
C LEU B 149 23.77 32.14 -14.06
N ARG B 150 23.21 31.74 -12.90
CA ARG B 150 23.56 32.37 -11.64
C ARG B 150 23.98 31.30 -10.64
N ILE B 151 24.88 31.67 -9.73
CA ILE B 151 25.35 30.74 -8.71
C ILE B 151 25.51 31.39 -7.35
N GLY B 152 25.55 30.56 -6.31
CA GLY B 152 25.77 31.03 -4.96
C GLY B 152 26.43 29.93 -4.13
N PHE B 153 26.47 30.11 -2.82
CA PHE B 153 27.06 29.10 -1.95
C PHE B 153 26.41 29.08 -0.56
N GLY B 154 26.35 27.89 0.02
CA GLY B 154 25.83 27.70 1.35
C GLY B 154 26.60 26.60 2.05
N ALA B 155 26.53 26.55 3.37
CA ALA B 155 27.30 25.56 4.12
C ALA B 155 26.54 25.07 5.35
N PHE B 156 26.80 23.82 5.72
CA PHE B 156 26.15 23.21 6.87
C PHE B 156 27.10 22.24 7.56
N VAL B 157 26.89 22.02 8.85
CA VAL B 157 27.64 21.02 9.59
C VAL B 157 26.66 20.06 10.25
N ASP B 158 25.96 20.55 11.26
CA ASP B 158 24.98 19.77 12.00
C ASP B 158 24.45 20.65 13.12
N LYS B 159 23.29 20.29 13.67
CA LYS B 159 22.70 21.07 14.74
C LYS B 159 23.72 21.34 15.84
N PRO B 160 24.12 22.62 16.00
CA PRO B 160 25.16 22.99 16.97
C PRO B 160 24.71 22.77 18.41
N VAL B 161 24.58 21.51 18.79
CA VAL B 161 24.11 21.17 20.13
C VAL B 161 24.52 19.74 20.48
N SER B 162 24.63 19.46 21.77
CA SER B 162 24.95 18.12 22.24
C SER B 162 23.90 17.14 21.75
N PRO B 163 24.32 15.90 21.44
CA PRO B 163 25.70 15.40 21.51
C PRO B 163 26.52 15.70 20.25
N TYR B 164 25.87 16.20 19.21
CA TYR B 164 26.53 16.38 17.91
C TYR B 164 27.74 17.29 18.01
N MET B 165 27.70 18.23 18.95
CA MET B 165 28.75 19.23 19.09
C MET B 165 29.59 18.99 20.34
N TYR B 166 30.86 19.39 20.26
CA TYR B 166 31.75 19.31 21.41
C TYR B 166 31.38 20.41 22.40
N ILE B 167 30.86 20.01 23.55
CA ILE B 167 30.39 20.97 24.55
C ILE B 167 31.52 21.41 25.47
N SER B 168 32.49 20.52 25.68
CA SER B 168 33.62 20.80 26.56
C SER B 168 34.88 20.15 26.02
N PRO B 169 36.04 20.73 26.32
CA PRO B 169 36.22 21.95 27.12
C PRO B 169 35.77 23.21 26.39
N PRO B 170 35.85 24.36 27.06
CA PRO B 170 35.47 25.66 26.48
C PRO B 170 36.20 25.96 25.17
N GLU B 171 37.45 25.53 25.06
CA GLU B 171 38.23 25.78 23.86
C GLU B 171 37.78 24.88 22.71
N ALA B 172 36.97 23.89 23.00
CA ALA B 172 36.47 22.97 21.99
C ALA B 172 35.38 23.64 21.15
N LEU B 173 34.38 24.21 21.81
CA LEU B 173 33.29 24.87 21.10
C LEU B 173 33.79 26.04 20.27
N GLU B 174 34.91 26.62 20.66
CA GLU B 174 35.52 27.69 19.88
C GLU B 174 36.38 27.09 18.78
N ASN B 175 37.12 26.04 19.11
CA ASN B 175 37.98 25.37 18.16
C ASN B 175 37.92 23.85 18.35
N PRO B 176 36.95 23.19 17.69
CA PRO B 176 36.79 21.74 17.79
C PRO B 176 38.07 20.98 17.44
N CYS B 177 38.99 21.64 16.75
CA CYS B 177 40.25 21.03 16.35
C CYS B 177 41.38 21.43 17.30
N TYR B 178 41.02 21.89 18.50
CA TYR B 178 42.02 22.26 19.50
C TYR B 178 42.99 21.11 19.74
N ASP B 179 42.46 19.91 19.93
CA ASP B 179 43.28 18.72 20.13
C ASP B 179 43.86 18.27 18.80
N MET B 180 43.09 18.44 17.74
CA MET B 180 43.53 18.10 16.39
C MET B 180 44.67 19.01 15.98
N LYS B 181 45.44 18.59 14.98
CA LYS B 181 46.50 19.41 14.43
C LYS B 181 45.88 20.67 13.81
N THR B 182 46.66 21.74 13.71
CA THR B 182 46.17 23.01 13.21
C THR B 182 44.91 23.44 13.97
N THR B 183 43.93 24.00 13.26
CA THR B 183 42.72 24.50 13.89
C THR B 183 41.50 24.29 12.99
N CYS B 184 40.33 24.65 13.49
CA CYS B 184 39.08 24.52 12.73
C CYS B 184 37.98 25.41 13.31
N LEU B 185 37.02 25.79 12.47
CA LEU B 185 35.94 26.69 12.88
C LEU B 185 35.02 26.04 13.90
N PRO B 186 34.26 26.87 14.64
CA PRO B 186 33.20 26.38 15.52
C PRO B 186 32.14 25.62 14.72
N MET B 187 31.07 25.22 15.39
CA MET B 187 30.03 24.42 14.76
C MET B 187 28.76 25.23 14.53
N PHE B 188 28.06 24.92 13.44
CA PHE B 188 26.82 25.63 13.11
C PHE B 188 25.93 24.75 12.24
N GLY B 189 24.62 24.92 12.38
CA GLY B 189 23.67 24.15 11.61
C GLY B 189 23.80 24.42 10.13
N TYR B 190 23.49 25.64 9.73
CA TYR B 190 23.58 26.05 8.33
C TYR B 190 23.79 27.56 8.22
N LYS B 191 24.56 27.99 7.23
CA LYS B 191 24.81 29.40 7.02
C LYS B 191 24.84 29.75 5.53
N HIS B 192 24.19 30.86 5.19
CA HIS B 192 24.17 31.36 3.82
C HIS B 192 25.39 32.22 3.55
N VAL B 193 26.03 32.00 2.41
CA VAL B 193 27.24 32.73 2.06
C VAL B 193 27.02 33.68 0.88
N LEU B 194 26.75 33.12 -0.28
CA LEU B 194 26.59 33.92 -1.50
C LEU B 194 25.23 33.68 -2.16
N THR B 195 24.53 34.78 -2.45
CA THR B 195 23.24 34.71 -3.12
C THR B 195 23.44 34.41 -4.61
N LEU B 196 22.46 33.73 -5.21
CA LEU B 196 22.51 33.41 -6.63
C LEU B 196 22.72 34.67 -7.46
N THR B 197 23.88 34.75 -8.11
CA THR B 197 24.24 35.93 -8.88
C THR B 197 24.89 35.54 -10.21
N ASP B 198 24.79 36.44 -11.18
CA ASP B 198 25.33 36.19 -12.52
C ASP B 198 26.85 36.29 -12.54
N GLN B 199 27.43 36.86 -11.48
CA GLN B 199 28.88 37.03 -11.42
C GLN B 199 29.54 35.82 -10.77
N VAL B 200 30.30 35.07 -11.57
CA VAL B 200 30.96 33.86 -11.09
C VAL B 200 32.20 34.20 -10.28
N THR B 201 32.73 35.41 -10.45
CA THR B 201 33.94 35.83 -9.77
C THR B 201 33.78 35.79 -8.25
N ARG B 202 32.73 36.45 -7.76
CA ARG B 202 32.51 36.58 -6.32
C ARG B 202 32.37 35.22 -5.65
N PHE B 203 32.01 34.21 -6.42
CA PHE B 203 31.86 32.85 -5.90
C PHE B 203 33.18 32.32 -5.37
N ASN B 204 34.16 32.19 -6.26
CA ASN B 204 35.47 31.62 -5.90
C ASN B 204 36.13 32.37 -4.75
N GLU B 205 35.83 33.65 -4.63
CA GLU B 205 36.40 34.47 -3.57
C GLU B 205 35.82 34.04 -2.21
N GLU B 206 34.56 33.63 -2.22
CA GLU B 206 33.90 33.19 -1.00
C GLU B 206 34.34 31.78 -0.59
N VAL B 207 34.68 30.95 -1.58
CA VAL B 207 35.13 29.59 -1.30
C VAL B 207 36.35 29.63 -0.39
N LYS B 208 37.29 30.51 -0.72
CA LYS B 208 38.47 30.72 0.10
C LYS B 208 38.08 31.29 1.45
N LYS B 209 37.10 32.18 1.45
CA LYS B 209 36.66 32.86 2.66
C LYS B 209 36.10 31.88 3.69
N GLN B 210 35.44 30.83 3.22
CA GLN B 210 34.85 29.84 4.11
C GLN B 210 35.90 28.82 4.56
N SER B 211 35.63 28.16 5.68
CA SER B 211 36.57 27.20 6.25
C SER B 211 35.85 25.91 6.67
N VAL B 212 36.56 25.06 7.42
CA VAL B 212 36.02 23.76 7.80
C VAL B 212 35.82 23.64 9.31
N SER B 213 34.90 22.76 9.71
CA SER B 213 34.59 22.54 11.12
C SER B 213 34.47 21.05 11.40
N ARG B 214 34.80 20.62 12.61
CA ARG B 214 34.68 19.22 12.99
C ARG B 214 33.45 19.00 13.87
N ASN B 215 32.96 17.76 13.90
CA ASN B 215 31.80 17.41 14.71
C ASN B 215 31.78 15.92 15.05
N ARG B 216 31.40 15.61 16.28
CA ARG B 216 31.29 14.23 16.73
C ARG B 216 30.05 13.59 16.11
N ASP B 217 30.06 12.27 15.97
CA ASP B 217 28.94 11.56 15.35
C ASP B 217 28.86 11.93 13.88
N ALA B 218 29.25 10.99 13.01
CA ALA B 218 29.44 11.26 11.59
C ALA B 218 28.18 11.79 10.89
N PRO B 219 27.01 11.17 11.16
CA PRO B 219 25.77 11.66 10.54
C PRO B 219 25.58 13.16 10.73
N GLU B 220 25.25 13.87 9.66
CA GLU B 220 25.19 15.32 9.72
C GLU B 220 23.76 15.85 9.58
N GLY B 221 23.59 17.17 9.70
CA GLY B 221 22.28 17.78 9.66
C GLY B 221 22.02 18.49 8.33
N GLY B 222 22.33 17.82 7.24
CA GLY B 222 22.15 18.40 5.91
C GLY B 222 20.72 18.76 5.59
N PHE B 223 19.79 17.94 6.04
CA PHE B 223 18.37 18.13 5.72
C PHE B 223 17.88 19.52 6.14
N ASP B 224 18.36 20.02 7.27
CA ASP B 224 18.02 21.37 7.71
C ASP B 224 18.41 22.38 6.65
N ALA B 225 19.63 22.24 6.13
CA ALA B 225 20.13 23.14 5.12
C ALA B 225 19.33 23.02 3.82
N ILE B 226 19.01 21.78 3.45
CA ILE B 226 18.23 21.54 2.25
C ILE B 226 16.87 22.21 2.33
N MET B 227 16.16 21.96 3.43
CA MET B 227 14.85 22.54 3.65
C MET B 227 14.90 24.06 3.54
N GLN B 228 15.77 24.68 4.32
CA GLN B 228 15.88 26.13 4.37
C GLN B 228 16.23 26.73 3.01
N ALA B 229 17.24 26.17 2.35
CA ALA B 229 17.67 26.66 1.05
C ALA B 229 16.52 26.61 0.05
N THR B 230 15.64 25.63 0.21
CA THR B 230 14.49 25.48 -0.68
C THR B 230 13.42 26.52 -0.36
N VAL B 231 12.97 26.54 0.88
CA VAL B 231 11.85 27.38 1.28
C VAL B 231 12.21 28.86 1.31
N CYS B 232 13.50 29.16 1.48
CA CYS B 232 13.96 30.54 1.52
C CYS B 232 14.31 31.02 0.11
N ASP B 233 13.41 31.79 -0.49
CA ASP B 233 13.56 32.21 -1.87
C ASP B 233 14.40 33.49 -1.98
N GLU B 234 14.18 34.41 -1.04
CA GLU B 234 14.85 35.70 -1.06
C GLU B 234 16.35 35.55 -0.81
N LYS B 235 16.70 34.91 0.30
CA LYS B 235 18.09 34.81 0.72
C LYS B 235 18.93 34.06 -0.30
N ILE B 236 18.35 33.03 -0.91
CA ILE B 236 19.05 32.24 -1.90
C ILE B 236 19.01 32.92 -3.26
N GLY B 237 17.85 33.51 -3.58
CA GLY B 237 17.70 34.28 -4.81
C GLY B 237 17.34 33.43 -6.01
N TRP B 238 16.41 32.50 -5.83
CA TRP B 238 15.94 31.68 -6.94
C TRP B 238 15.18 32.53 -7.94
N ARG B 239 15.50 32.39 -9.21
CA ARG B 239 14.86 33.16 -10.26
C ARG B 239 13.66 32.44 -10.85
N ASN B 240 12.61 33.21 -11.16
CA ASN B 240 11.47 32.66 -11.88
C ASN B 240 11.88 32.39 -13.32
N ASP B 241 11.26 31.39 -13.92
CA ASP B 241 11.62 30.98 -15.28
C ASP B 241 13.11 30.65 -15.33
N ALA B 242 13.55 29.78 -14.43
CA ALA B 242 14.93 29.32 -14.41
C ALA B 242 15.01 27.92 -13.82
N SER B 243 16.05 27.18 -14.22
CA SER B 243 16.26 25.83 -13.72
C SER B 243 16.82 25.88 -12.30
N HIS B 244 16.06 25.38 -11.33
CA HIS B 244 16.49 25.40 -9.95
C HIS B 244 17.27 24.13 -9.61
N LEU B 245 18.58 24.28 -9.42
CA LEU B 245 19.44 23.15 -9.13
C LEU B 245 20.09 23.29 -7.76
N LEU B 246 19.78 22.36 -6.87
CA LEU B 246 20.39 22.33 -5.54
C LEU B 246 21.30 21.12 -5.41
N VAL B 247 22.58 21.35 -5.23
CA VAL B 247 23.56 20.27 -5.12
C VAL B 247 23.96 20.03 -3.68
N PHE B 248 23.95 18.75 -3.29
CA PHE B 248 24.22 18.35 -1.91
C PHE B 248 25.44 17.44 -1.85
N THR B 249 26.52 17.94 -1.28
CA THR B 249 27.76 17.16 -1.19
C THR B 249 28.06 16.77 0.26
N THR B 250 28.26 15.48 0.49
CA THR B 250 28.64 14.99 1.80
C THR B 250 29.31 13.63 1.69
N ASP B 251 30.24 13.36 2.61
CA ASP B 251 30.99 12.11 2.59
C ASP B 251 30.49 11.14 3.66
N ALA B 252 29.46 11.56 4.40
CA ALA B 252 28.96 10.75 5.50
C ALA B 252 27.44 10.57 5.43
N LYS B 253 26.90 9.84 6.39
CA LYS B 253 25.46 9.63 6.48
C LYS B 253 24.75 10.93 6.77
N THR B 254 23.43 10.86 6.96
CA THR B 254 22.64 12.03 7.28
C THR B 254 21.63 11.74 8.38
N HIS B 255 21.37 12.73 9.22
CA HIS B 255 20.34 12.61 10.24
C HIS B 255 18.97 12.70 9.61
N ILE B 256 17.99 12.08 10.25
CA ILE B 256 16.61 12.08 9.75
C ILE B 256 15.67 12.59 10.82
N ALA B 257 14.43 12.86 10.44
CA ALA B 257 13.42 13.36 11.37
C ALA B 257 13.34 12.44 12.59
N LEU B 258 13.04 13.04 13.74
CA LEU B 258 12.89 12.32 15.00
C LEU B 258 14.23 11.97 15.66
N ASP B 259 15.33 12.27 14.98
CA ASP B 259 16.66 12.08 15.57
C ASP B 259 16.91 13.17 16.61
N GLY B 260 16.11 14.23 16.55
CA GLY B 260 16.28 15.36 17.45
C GLY B 260 15.82 15.06 18.86
N ARG B 261 14.94 14.08 19.03
CA ARG B 261 14.42 13.77 20.36
C ARG B 261 15.55 13.40 21.32
N LEU B 262 16.64 12.86 20.79
CA LEU B 262 17.80 12.55 21.60
C LEU B 262 18.42 13.82 22.15
N ALA B 263 18.37 14.88 21.34
CA ALA B 263 18.90 16.18 21.74
C ALA B 263 17.85 17.02 22.47
N GLY B 264 16.66 16.44 22.66
CA GLY B 264 15.59 17.12 23.35
C GLY B 264 14.83 18.08 22.44
N ILE B 265 14.71 17.72 21.17
CA ILE B 265 13.96 18.52 20.22
C ILE B 265 12.70 17.78 19.81
N VAL B 266 11.54 18.34 20.17
CA VAL B 266 10.26 17.68 19.94
C VAL B 266 9.37 18.46 18.97
N GLN B 267 9.89 19.55 18.41
CA GLN B 267 9.11 20.36 17.48
C GLN B 267 9.38 19.95 16.03
N PRO B 268 8.35 19.46 15.33
CA PRO B 268 8.49 19.09 13.92
C PRO B 268 8.87 20.28 13.05
N ASN B 269 9.51 20.01 11.92
CA ASN B 269 9.87 21.08 10.99
C ASN B 269 8.61 21.72 10.40
N ASP B 270 8.60 23.05 10.34
CA ASP B 270 7.40 23.77 9.89
C ASP B 270 7.49 24.15 8.41
N GLY B 271 8.64 23.90 7.79
CA GLY B 271 8.82 24.21 6.38
C GLY B 271 8.87 25.71 6.12
N GLN B 272 9.12 26.48 7.18
CA GLN B 272 9.19 27.93 7.08
C GLN B 272 10.64 28.39 7.12
N CYS B 273 10.96 29.46 6.41
CA CYS B 273 12.31 30.01 6.38
C CYS B 273 12.61 30.77 7.67
N HIS B 274 13.63 30.32 8.40
CA HIS B 274 14.01 30.96 9.65
C HIS B 274 15.40 31.58 9.57
N VAL B 275 15.92 31.72 8.35
CA VAL B 275 17.20 32.37 8.15
C VAL B 275 17.00 33.88 8.10
N GLY B 276 17.83 34.60 8.86
CA GLY B 276 17.72 36.04 8.95
C GLY B 276 18.83 36.77 8.20
N SER B 277 19.08 38.01 8.60
CA SER B 277 20.12 38.82 7.98
C SER B 277 21.50 38.37 8.43
N ASP B 278 21.55 37.58 9.49
CA ASP B 278 22.81 37.01 9.98
C ASP B 278 23.26 35.88 9.06
N ASN B 279 22.35 35.44 8.19
CA ASN B 279 22.65 34.37 7.24
C ASN B 279 22.99 33.06 7.95
N HIS B 280 22.15 32.67 8.90
CA HIS B 280 22.30 31.40 9.60
C HIS B 280 20.93 30.83 9.94
N TYR B 281 20.84 29.50 10.02
CA TYR B 281 19.59 28.84 10.34
C TYR B 281 19.25 29.06 11.81
N SER B 282 18.18 29.80 12.06
CA SER B 282 17.80 30.17 13.42
C SER B 282 17.21 28.98 14.18
N ALA B 283 16.33 28.24 13.53
CA ALA B 283 15.64 27.13 14.18
C ALA B 283 16.46 25.84 14.18
N SER B 284 17.72 25.95 13.78
CA SER B 284 18.61 24.79 13.74
C SER B 284 18.55 23.99 15.03
N THR B 285 18.69 24.67 16.16
CA THR B 285 18.73 24.02 17.45
C THR B 285 17.34 23.77 18.04
N THR B 286 16.39 24.61 17.65
CA THR B 286 15.06 24.58 18.26
C THR B 286 14.11 23.59 17.58
N MET B 287 14.27 23.41 16.27
CA MET B 287 13.34 22.62 15.49
C MET B 287 13.99 21.33 14.98
N ASP B 288 13.19 20.27 14.90
CA ASP B 288 13.68 18.95 14.53
C ASP B 288 13.91 18.84 13.03
N TYR B 289 14.70 17.83 12.63
CA TYR B 289 14.97 17.59 11.22
C TYR B 289 13.68 17.42 10.43
N PRO B 290 13.66 17.90 9.18
CA PRO B 290 12.47 17.81 8.33
C PRO B 290 12.11 16.39 7.95
N SER B 291 10.81 16.11 7.87
CA SER B 291 10.32 14.83 7.39
C SER B 291 10.47 14.79 5.87
N LEU B 292 10.77 13.62 5.33
CA LEU B 292 10.98 13.48 3.89
C LEU B 292 9.78 13.96 3.11
N GLY B 293 8.58 13.68 3.63
CA GLY B 293 7.36 14.12 2.99
C GLY B 293 7.32 15.63 2.89
N LEU B 294 7.79 16.29 3.95
CA LEU B 294 7.83 17.75 3.98
C LEU B 294 8.85 18.25 2.97
N MET B 295 10.00 17.60 2.92
CA MET B 295 11.05 17.98 1.99
C MET B 295 10.57 17.81 0.55
N THR B 296 9.87 16.72 0.30
CA THR B 296 9.32 16.46 -1.02
C THR B 296 8.34 17.55 -1.40
N GLU B 297 7.48 17.92 -0.45
CA GLU B 297 6.45 18.92 -0.66
C GLU B 297 7.07 20.25 -1.06
N LYS B 298 8.03 20.72 -0.26
CA LYS B 298 8.64 22.03 -0.48
C LYS B 298 9.47 22.06 -1.76
N LEU B 299 10.29 21.03 -1.97
CA LEU B 299 11.06 20.91 -3.19
C LEU B 299 10.12 21.00 -4.38
N SER B 300 8.99 20.31 -4.29
CA SER B 300 7.99 20.32 -5.36
C SER B 300 7.42 21.72 -5.54
N GLN B 301 6.99 22.34 -4.45
CA GLN B 301 6.39 23.67 -4.51
C GLN B 301 7.36 24.69 -5.11
N LYS B 302 8.55 24.78 -4.53
CA LYS B 302 9.55 25.74 -4.99
C LYS B 302 10.18 25.29 -6.30
N ASN B 303 9.80 24.10 -6.78
CA ASN B 303 10.30 23.59 -8.05
C ASN B 303 11.81 23.45 -8.06
N ILE B 304 12.35 22.87 -7.01
CA ILE B 304 13.79 22.70 -6.86
C ILE B 304 14.20 21.27 -7.18
N ASN B 305 15.17 21.12 -8.09
CA ASN B 305 15.72 19.81 -8.42
C ASN B 305 16.89 19.48 -7.51
N LEU B 306 16.71 18.49 -6.63
CA LEU B 306 17.72 18.13 -5.65
C LEU B 306 18.65 17.05 -6.19
N ILE B 307 19.96 17.28 -6.04
CA ILE B 307 20.97 16.33 -6.49
C ILE B 307 21.79 15.81 -5.32
N PHE B 308 22.07 14.50 -5.33
CA PHE B 308 22.85 13.88 -4.27
C PHE B 308 24.27 13.52 -4.74
N ALA B 309 25.22 14.38 -4.40
CA ALA B 309 26.63 14.10 -4.67
C ALA B 309 27.23 13.46 -3.42
N VAL B 310 27.36 12.14 -3.45
CA VAL B 310 27.74 11.40 -2.25
C VAL B 310 28.84 10.37 -2.55
N THR B 311 29.69 10.14 -1.56
CA THR B 311 30.82 9.23 -1.73
C THR B 311 30.35 7.78 -1.88
N GLU B 312 31.19 6.97 -2.51
CA GLU B 312 30.88 5.57 -2.80
C GLU B 312 30.16 4.87 -1.65
N ASN B 313 30.70 4.99 -0.45
CA ASN B 313 30.17 4.29 0.71
C ASN B 313 28.70 4.61 0.98
N VAL B 314 28.28 5.83 0.70
CA VAL B 314 26.91 6.25 0.98
C VAL B 314 26.05 6.32 -0.28
N VAL B 315 26.66 6.06 -1.44
CA VAL B 315 25.93 6.09 -2.70
C VAL B 315 24.64 5.28 -2.61
N ASN B 316 24.75 4.05 -2.11
CA ASN B 316 23.61 3.17 -1.97
C ASN B 316 22.53 3.74 -1.06
N LEU B 317 22.96 4.34 0.05
CA LEU B 317 22.04 4.92 1.01
C LEU B 317 21.21 6.02 0.37
N TYR B 318 21.84 6.86 -0.43
CA TYR B 318 21.16 7.97 -1.08
C TYR B 318 20.44 7.53 -2.35
N GLN B 319 20.85 6.38 -2.89
CA GLN B 319 20.13 5.79 -4.01
C GLN B 319 18.70 5.47 -3.57
N ASN B 320 18.57 4.78 -2.45
CA ASN B 320 17.26 4.42 -1.91
C ASN B 320 16.47 5.66 -1.52
N TYR B 321 17.15 6.62 -0.91
CA TYR B 321 16.51 7.88 -0.52
C TYR B 321 15.95 8.60 -1.74
N SER B 322 16.78 8.75 -2.76
CA SER B 322 16.39 9.47 -3.98
C SER B 322 15.13 8.85 -4.59
N GLU B 323 15.04 7.52 -4.55
CA GLU B 323 13.90 6.81 -5.10
C GLU B 323 12.60 7.23 -4.44
N LEU B 324 12.69 7.80 -3.23
CA LEU B 324 11.50 8.23 -2.51
C LEU B 324 11.11 9.66 -2.87
N ILE B 325 12.04 10.42 -3.42
CA ILE B 325 11.77 11.80 -3.78
C ILE B 325 11.93 12.00 -5.29
N PRO B 326 10.81 12.19 -6.00
CA PRO B 326 10.85 12.43 -7.45
C PRO B 326 11.63 13.69 -7.83
N GLY B 327 12.17 13.71 -9.03
CA GLY B 327 12.92 14.86 -9.51
C GLY B 327 14.27 14.99 -8.84
N THR B 328 14.84 13.85 -8.44
CA THR B 328 16.13 13.83 -7.78
C THR B 328 17.04 12.75 -8.36
N THR B 329 18.33 13.04 -8.43
CA THR B 329 19.31 12.11 -8.99
C THR B 329 20.38 11.78 -7.96
N VAL B 330 21.15 10.73 -8.24
CA VAL B 330 22.26 10.33 -7.39
C VAL B 330 23.53 10.15 -8.20
N GLY B 331 24.63 10.69 -7.72
CA GLY B 331 25.92 10.56 -8.36
C GLY B 331 27.01 10.30 -7.34
N VAL B 332 28.14 9.77 -7.79
CA VAL B 332 29.22 9.40 -6.89
C VAL B 332 30.25 10.52 -6.80
N LEU B 333 30.29 11.19 -5.66
CA LEU B 333 31.29 12.23 -5.42
C LEU B 333 32.60 11.63 -4.93
N SER B 334 33.68 11.94 -5.64
CA SER B 334 35.00 11.45 -5.26
C SER B 334 35.40 12.04 -3.92
N MET B 335 36.27 11.33 -3.19
CA MET B 335 36.69 11.79 -1.87
C MET B 335 37.38 13.14 -1.95
N ASP B 336 38.12 13.36 -3.04
CA ASP B 336 38.84 14.62 -3.24
C ASP B 336 37.94 15.69 -3.84
N SER B 337 36.70 15.32 -4.14
CA SER B 337 35.74 16.25 -4.73
C SER B 337 36.31 16.91 -5.99
N SER B 338 36.97 16.11 -6.83
CA SER B 338 37.56 16.61 -8.06
C SER B 338 36.58 16.45 -9.23
N ASN B 339 35.87 15.33 -9.24
CA ASN B 339 34.97 15.01 -10.35
C ASN B 339 33.62 15.70 -10.26
N VAL B 340 33.42 16.49 -9.21
CA VAL B 340 32.15 17.17 -9.01
C VAL B 340 31.67 17.87 -10.28
N LEU B 341 32.58 18.55 -10.96
CA LEU B 341 32.25 19.31 -12.15
C LEU B 341 31.55 18.42 -13.18
N GLN B 342 32.12 17.24 -13.42
CA GLN B 342 31.53 16.29 -14.34
C GLN B 342 30.17 15.82 -13.85
N LEU B 343 30.08 15.55 -12.55
CA LEU B 343 28.82 15.10 -11.95
C LEU B 343 27.70 16.10 -12.23
N ILE B 344 28.05 17.38 -12.18
CA ILE B 344 27.08 18.44 -12.45
C ILE B 344 26.50 18.29 -13.85
N VAL B 345 27.37 18.36 -14.84
CA VAL B 345 26.94 18.30 -16.24
C VAL B 345 26.15 17.03 -16.53
N ASP B 346 26.61 15.91 -15.98
CA ASP B 346 25.97 14.62 -16.21
C ASP B 346 24.60 14.57 -15.55
N ALA B 347 24.53 14.98 -14.30
CA ALA B 347 23.29 14.98 -13.55
C ALA B 347 22.24 15.83 -14.26
N TYR B 348 22.67 16.99 -14.74
CA TYR B 348 21.79 17.89 -15.47
C TYR B 348 21.18 17.17 -16.66
N GLY B 349 22.01 16.40 -17.36
CA GLY B 349 21.56 15.64 -18.51
C GLY B 349 20.48 14.63 -18.13
N LYS B 350 20.64 14.01 -16.96
CA LYS B 350 19.68 13.02 -16.49
C LYS B 350 18.34 13.68 -16.19
N ILE B 351 18.37 14.87 -15.61
CA ILE B 351 17.16 15.57 -15.24
C ILE B 351 16.40 16.06 -16.48
N ARG B 352 17.14 16.61 -17.44
CA ARG B 352 16.53 17.12 -18.66
C ARG B 352 16.24 15.99 -19.66
N SER B 353 16.59 14.77 -19.30
CA SER B 353 16.28 13.62 -20.12
C SER B 353 14.90 13.06 -19.77
N LYS B 354 14.29 13.62 -18.72
CA LYS B 354 13.03 13.11 -18.22
C LYS B 354 12.07 14.23 -17.85
N VAL B 355 10.79 14.01 -18.10
CA VAL B 355 9.74 14.98 -17.74
C VAL B 355 8.64 14.27 -16.96
N GLU B 356 8.39 14.75 -15.74
CA GLU B 356 7.39 14.16 -14.87
C GLU B 356 6.32 15.19 -14.52
N LEU B 357 5.07 14.76 -14.48
CA LEU B 357 3.97 15.65 -14.13
C LEU B 357 3.49 15.42 -12.71
N GLU B 358 3.06 16.49 -12.05
CA GLU B 358 2.55 16.42 -10.69
C GLU B 358 1.22 17.16 -10.59
N VAL B 359 0.41 16.82 -9.61
CA VAL B 359 -0.90 17.43 -9.43
C VAL B 359 -1.03 18.04 -8.04
N ARG B 360 -1.60 19.24 -7.99
CA ARG B 360 -1.79 19.94 -6.72
C ARG B 360 -3.25 20.36 -6.53
N ASP B 361 -3.73 20.24 -5.30
CA ASP B 361 -5.06 20.72 -4.93
C ASP B 361 -6.18 20.00 -5.68
N LEU B 362 -6.00 18.71 -5.94
CA LEU B 362 -7.01 17.92 -6.62
C LEU B 362 -8.10 17.48 -5.64
N PRO B 363 -9.37 17.81 -5.94
CA PRO B 363 -10.49 17.40 -5.08
C PRO B 363 -10.55 15.88 -4.91
N GLU B 364 -11.05 15.43 -3.77
CA GLU B 364 -11.13 14.00 -3.48
C GLU B 364 -12.12 13.31 -4.40
N GLU B 365 -13.13 14.05 -4.86
CA GLU B 365 -14.19 13.50 -5.68
C GLU B 365 -13.76 13.42 -7.13
N LEU B 366 -12.60 13.99 -7.45
CA LEU B 366 -12.13 14.07 -8.83
C LEU B 366 -10.90 13.20 -9.05
N SER B 367 -10.91 12.45 -10.15
CA SER B 367 -9.79 11.59 -10.51
C SER B 367 -9.33 11.85 -11.94
N LEU B 368 -8.11 11.44 -12.26
CA LEU B 368 -7.53 11.70 -13.57
C LEU B 368 -6.91 10.47 -14.19
N SER B 369 -6.90 10.43 -15.53
CA SER B 369 -6.27 9.35 -16.28
C SER B 369 -5.30 9.95 -17.28
N PHE B 370 -4.40 9.13 -17.82
CA PHE B 370 -3.37 9.64 -18.74
C PHE B 370 -3.07 8.68 -19.89
N ASN B 371 -2.69 9.25 -21.03
CA ASN B 371 -2.11 8.50 -22.12
C ASN B 371 -0.90 9.26 -22.64
N ALA B 372 0.29 8.84 -22.23
CA ALA B 372 1.51 9.58 -22.52
C ALA B 372 2.02 9.33 -23.93
N THR B 373 2.26 10.41 -24.66
CA THR B 373 2.83 10.33 -26.00
C THR B 373 4.25 10.91 -25.99
N CYS B 374 5.24 10.04 -26.17
CA CYS B 374 6.63 10.44 -26.11
C CYS B 374 7.21 10.73 -27.49
N LEU B 375 7.41 9.68 -28.29
CA LEU B 375 7.93 9.86 -29.64
C LEU B 375 6.98 9.27 -30.69
N ASN B 376 6.66 10.08 -31.69
CA ASN B 376 5.83 9.64 -32.81
C ASN B 376 4.46 9.12 -32.35
N ASN B 377 4.11 7.91 -32.78
CA ASN B 377 2.81 7.34 -32.46
C ASN B 377 2.80 6.59 -31.13
N GLU B 378 3.90 6.65 -30.40
CA GLU B 378 3.99 5.97 -29.12
C GLU B 378 2.98 6.54 -28.12
N VAL B 379 2.12 5.66 -27.61
CA VAL B 379 1.12 6.04 -26.62
C VAL B 379 1.20 5.08 -25.43
N ILE B 380 1.29 5.64 -24.22
CA ILE B 380 1.44 4.83 -23.02
C ILE B 380 0.36 5.19 -22.00
N PRO B 381 -0.74 4.43 -21.99
CA PRO B 381 -1.86 4.68 -21.08
C PRO B 381 -1.46 4.68 -19.61
N GLY B 382 -2.16 5.49 -18.80
CA GLY B 382 -1.91 5.56 -17.38
C GLY B 382 -0.66 6.32 -16.97
N LEU B 383 0.25 6.54 -17.92
CA LEU B 383 1.55 7.12 -17.59
C LEU B 383 1.52 8.65 -17.65
N LYS B 384 2.19 9.28 -16.70
CA LYS B 384 2.20 10.73 -16.58
C LYS B 384 3.61 11.32 -16.66
N SER B 385 4.54 10.55 -17.21
CA SER B 385 5.91 11.02 -17.41
C SER B 385 6.56 10.34 -18.61
N CYS B 386 7.69 10.86 -19.06
CA CYS B 386 8.43 10.28 -20.18
C CYS B 386 9.93 10.27 -19.89
N MET B 387 10.61 9.25 -20.42
CA MET B 387 12.02 9.03 -20.13
C MET B 387 12.88 9.18 -21.38
N GLY B 388 14.16 9.50 -21.18
CA GLY B 388 15.12 9.57 -22.27
C GLY B 388 14.78 10.65 -23.28
N LEU B 389 15.03 11.90 -22.91
CA LEU B 389 14.71 13.04 -23.77
C LEU B 389 15.93 13.92 -23.97
N LYS B 390 15.75 14.98 -24.75
CA LYS B 390 16.81 15.94 -25.02
C LYS B 390 16.28 17.36 -24.91
N ILE B 391 17.09 18.34 -25.32
CA ILE B 391 16.67 19.72 -25.32
C ILE B 391 15.85 20.05 -26.56
N GLY B 392 14.86 20.93 -26.39
CA GLY B 392 14.01 21.33 -27.50
C GLY B 392 12.99 20.27 -27.88
N ASP B 393 12.99 19.15 -27.16
CA ASP B 393 12.06 18.06 -27.42
C ASP B 393 10.70 18.34 -26.79
N THR B 394 9.64 18.05 -27.53
CA THR B 394 8.29 18.28 -27.03
C THR B 394 7.57 16.96 -26.76
N VAL B 395 6.78 16.94 -25.70
CA VAL B 395 6.03 15.75 -25.31
C VAL B 395 4.57 16.11 -25.07
N SER B 396 3.67 15.14 -25.27
CA SER B 396 2.25 15.38 -25.08
C SER B 396 1.64 14.36 -24.13
N PHE B 397 0.55 14.74 -23.47
CA PHE B 397 -0.17 13.85 -22.56
C PHE B 397 -1.67 14.02 -22.72
N SER B 398 -2.37 12.92 -22.99
CA SER B 398 -3.81 12.94 -23.13
C SER B 398 -4.47 12.61 -21.80
N ILE B 399 -5.14 13.61 -21.22
CA ILE B 399 -5.73 13.47 -19.89
C ILE B 399 -7.25 13.30 -19.96
N GLU B 400 -7.79 12.49 -19.07
CA GLU B 400 -9.24 12.34 -18.94
C GLU B 400 -9.65 12.46 -17.48
N ALA B 401 -10.47 13.47 -17.19
CA ALA B 401 -10.94 13.72 -15.85
C ALA B 401 -12.29 13.07 -15.61
N LYS B 402 -12.39 12.30 -14.53
CA LYS B 402 -13.64 11.63 -14.19
C LYS B 402 -14.02 11.95 -12.75
N VAL B 403 -15.22 12.53 -12.58
CA VAL B 403 -15.67 12.96 -11.26
C VAL B 403 -16.69 11.97 -10.68
N ARG B 404 -16.57 11.72 -9.39
CA ARG B 404 -17.48 10.82 -8.69
C ARG B 404 -18.55 11.63 -7.94
N GLY B 405 -19.73 11.69 -8.51
CA GLY B 405 -20.82 12.45 -7.92
C GLY B 405 -20.78 13.91 -8.34
N CYS B 406 -21.43 14.76 -7.56
CA CYS B 406 -21.44 16.19 -7.84
C CYS B 406 -21.31 16.98 -6.54
N PRO B 407 -20.07 17.29 -6.15
CA PRO B 407 -19.75 17.93 -4.87
C PRO B 407 -20.54 19.21 -4.60
N GLN B 408 -20.56 19.63 -3.33
CA GLN B 408 -21.28 20.83 -2.91
C GLN B 408 -20.63 22.09 -3.47
N GLU B 409 -19.38 22.32 -3.09
CA GLU B 409 -18.66 23.53 -3.48
C GLU B 409 -18.85 23.83 -4.96
N LYS B 410 -18.89 25.12 -5.30
CA LYS B 410 -19.16 25.54 -6.67
C LYS B 410 -17.91 25.49 -7.53
N GLU B 411 -16.80 25.96 -6.98
CA GLU B 411 -15.57 26.13 -7.77
C GLU B 411 -14.34 25.62 -7.04
N LYS B 412 -13.43 25.03 -7.81
CA LYS B 412 -12.17 24.51 -7.28
C LYS B 412 -11.07 24.72 -8.31
N SER B 413 -9.83 24.78 -7.85
CA SER B 413 -8.69 24.97 -8.75
C SER B 413 -7.54 24.06 -8.38
N PHE B 414 -7.19 23.16 -9.29
CA PHE B 414 -6.07 22.26 -9.09
C PHE B 414 -5.04 22.46 -10.21
N THR B 415 -3.77 22.22 -9.88
CA THR B 415 -2.68 22.51 -10.81
C THR B 415 -2.01 21.24 -11.33
N ILE B 416 -1.75 21.22 -12.64
CA ILE B 416 -0.98 20.14 -13.25
C ILE B 416 0.26 20.74 -13.89
N LYS B 417 1.44 20.30 -13.44
CA LYS B 417 2.69 20.90 -13.88
C LYS B 417 3.82 19.88 -13.95
N PRO B 418 4.82 20.16 -14.79
CA PRO B 418 6.04 19.34 -14.81
C PRO B 418 6.89 19.57 -13.57
N VAL B 419 7.45 18.50 -13.00
CA VAL B 419 8.25 18.62 -11.80
C VAL B 419 9.51 19.45 -12.08
N GLY B 420 9.66 20.55 -11.34
CA GLY B 420 10.83 21.39 -11.47
C GLY B 420 10.61 22.60 -12.35
N PHE B 421 9.61 22.53 -13.22
CA PHE B 421 9.31 23.63 -14.13
C PHE B 421 8.34 24.64 -13.52
N LYS B 422 8.55 25.91 -13.83
CA LYS B 422 7.70 26.98 -13.33
C LYS B 422 6.35 26.95 -14.04
N ASP B 423 6.38 26.89 -15.36
CA ASP B 423 5.16 26.90 -16.15
C ASP B 423 4.26 25.72 -15.80
N SER B 424 2.96 25.88 -15.97
CA SER B 424 2.01 24.87 -15.55
C SER B 424 0.66 25.03 -16.23
N LEU B 425 -0.25 24.12 -15.93
CA LEU B 425 -1.62 24.17 -16.42
C LEU B 425 -2.59 24.20 -15.25
N ILE B 426 -3.20 25.36 -15.01
CA ILE B 426 -4.17 25.50 -13.93
C ILE B 426 -5.58 25.24 -14.43
N VAL B 427 -6.21 24.20 -13.89
CA VAL B 427 -7.55 23.82 -14.30
C VAL B 427 -8.61 24.32 -13.31
N GLN B 428 -9.48 25.21 -13.78
CA GLN B 428 -10.57 25.72 -12.97
C GLN B 428 -11.81 24.86 -13.19
N VAL B 429 -12.18 24.09 -12.18
CA VAL B 429 -13.28 23.14 -12.32
C VAL B 429 -14.55 23.61 -11.62
N THR B 430 -15.69 23.43 -12.30
CA THR B 430 -16.99 23.76 -11.74
C THR B 430 -17.92 22.55 -11.89
N PHE B 431 -19.04 22.56 -11.17
CA PHE B 431 -19.96 21.43 -11.19
C PHE B 431 -21.41 21.89 -11.31
N ASP B 432 -22.15 21.26 -12.20
CA ASP B 432 -23.57 21.53 -12.37
C ASP B 432 -24.40 20.43 -11.71
N CYS B 433 -24.78 20.66 -10.45
CA CYS B 433 -25.56 19.68 -9.71
C CYS B 433 -27.04 20.01 -9.75
N ASP B 434 -27.37 21.19 -10.25
CA ASP B 434 -28.74 21.69 -10.14
C ASP B 434 -29.27 22.24 -11.46
N CYS B 435 -30.59 22.20 -11.61
CA CYS B 435 -31.26 22.79 -12.76
C CYS B 435 -31.53 24.27 -12.48
N ALA B 436 -31.56 25.07 -13.54
CA ALA B 436 -31.79 26.50 -13.41
C ALA B 436 -33.19 26.78 -12.87
N CYS B 437 -34.09 25.81 -13.03
CA CYS B 437 -35.47 25.96 -12.58
C CYS B 437 -35.61 25.73 -11.09
N GLN B 438 -34.56 25.22 -10.45
CA GLN B 438 -34.60 24.95 -9.02
C GLN B 438 -34.63 26.24 -8.23
N ALA B 439 -33.93 27.26 -8.73
CA ALA B 439 -33.93 28.57 -8.07
C ALA B 439 -35.29 29.24 -8.20
N GLN B 440 -36.10 28.74 -9.13
CA GLN B 440 -37.42 29.30 -9.39
C GLN B 440 -38.51 28.46 -8.73
N ALA B 441 -38.11 27.60 -7.79
CA ALA B 441 -39.06 26.73 -7.11
C ALA B 441 -40.10 27.51 -6.33
N GLU B 442 -41.28 26.93 -6.14
CA GLU B 442 -42.37 27.56 -5.42
C GLU B 442 -42.87 26.69 -4.28
N PRO B 443 -42.33 26.92 -3.07
CA PRO B 443 -42.70 26.15 -1.87
C PRO B 443 -44.20 26.22 -1.57
N ASN B 444 -44.82 25.05 -1.42
CA ASN B 444 -46.23 24.97 -1.08
C ASN B 444 -47.09 25.87 -1.96
N SER B 445 -46.80 25.87 -3.26
CA SER B 445 -47.56 26.68 -4.21
C SER B 445 -48.98 26.13 -4.32
N HIS B 446 -49.91 26.98 -4.75
CA HIS B 446 -51.29 26.57 -4.90
C HIS B 446 -51.46 25.63 -6.08
N ARG B 447 -50.38 25.43 -6.82
CA ARG B 447 -50.39 24.55 -7.98
C ARG B 447 -50.50 23.08 -7.59
N CYS B 448 -50.16 22.77 -6.35
CA CYS B 448 -50.24 21.39 -5.87
C CYS B 448 -51.21 21.27 -4.70
N ASN B 449 -52.43 20.86 -5.00
CA ASN B 449 -53.46 20.64 -3.99
C ASN B 449 -53.50 21.75 -2.94
N ASN B 450 -53.84 22.95 -3.38
CA ASN B 450 -53.99 24.10 -2.48
C ASN B 450 -52.84 24.23 -1.49
N GLY B 451 -51.61 24.17 -2.00
CA GLY B 451 -50.43 24.39 -1.17
C GLY B 451 -50.01 23.19 -0.35
N ASN B 452 -50.53 22.01 -0.67
CA ASN B 452 -50.14 20.79 0.03
C ASN B 452 -48.96 20.12 -0.65
N GLY B 453 -48.36 20.80 -1.62
CA GLY B 453 -47.19 20.30 -2.31
C GLY B 453 -46.37 21.43 -2.92
N THR B 454 -45.09 21.19 -3.11
CA THR B 454 -44.21 22.20 -3.69
C THR B 454 -44.07 21.99 -5.20
N PHE B 455 -44.00 23.08 -5.94
CA PHE B 455 -43.93 23.02 -7.40
C PHE B 455 -42.63 23.61 -7.94
N GLU B 456 -41.81 22.75 -8.53
CA GLU B 456 -40.55 23.18 -9.14
C GLU B 456 -40.30 22.43 -10.44
N CYS B 457 -39.48 23.03 -11.30
CA CYS B 457 -39.09 22.40 -12.56
C CYS B 457 -40.29 21.76 -13.26
N GLY B 458 -41.42 22.47 -13.25
CA GLY B 458 -42.61 22.04 -13.96
C GLY B 458 -43.21 20.74 -13.44
N VAL B 459 -43.02 20.46 -12.16
CA VAL B 459 -43.59 19.26 -11.56
C VAL B 459 -43.90 19.49 -10.08
N CYS B 460 -44.99 18.89 -9.61
CA CYS B 460 -45.40 19.01 -8.21
C CYS B 460 -44.82 17.88 -7.37
N ARG B 461 -43.89 18.22 -6.49
CA ARG B 461 -43.35 17.25 -5.54
C ARG B 461 -44.18 17.31 -4.26
N CYS B 462 -45.08 16.34 -4.11
CA CYS B 462 -46.06 16.37 -3.02
C CYS B 462 -45.44 15.95 -1.68
N GLY B 463 -46.04 16.43 -0.60
CA GLY B 463 -45.61 16.08 0.74
C GLY B 463 -46.19 14.75 1.18
N PRO B 464 -45.77 14.26 2.35
CA PRO B 464 -46.22 12.97 2.88
C PRO B 464 -47.74 12.89 3.02
N GLY B 465 -48.33 11.78 2.60
CA GLY B 465 -49.76 11.57 2.74
C GLY B 465 -50.48 11.49 1.41
N TRP B 466 -49.97 12.22 0.42
CA TRP B 466 -50.60 12.25 -0.89
C TRP B 466 -49.75 11.47 -1.91
N LEU B 467 -50.34 10.41 -2.45
CA LEU B 467 -49.60 9.49 -3.32
C LEU B 467 -49.86 9.76 -4.81
N GLY B 468 -50.63 10.79 -5.12
CA GLY B 468 -50.93 11.13 -6.49
C GLY B 468 -50.30 12.44 -6.93
N SER B 469 -50.13 12.59 -8.23
CA SER B 469 -49.59 13.84 -8.78
C SER B 469 -50.54 14.98 -8.42
N GLN B 470 -50.00 16.19 -8.34
CA GLN B 470 -50.78 17.35 -7.97
C GLN B 470 -51.22 17.24 -6.50
N CYS B 471 -50.72 16.22 -5.82
CA CYS B 471 -51.05 15.99 -4.41
C CYS B 471 -52.56 15.86 -4.20
N GLU B 472 -53.24 15.24 -5.14
CA GLU B 472 -54.69 15.12 -5.09
C GLU B 472 -55.14 13.92 -4.28
N CYS B 473 -54.88 12.72 -4.78
CA CYS B 473 -55.47 11.51 -4.24
C CYS B 473 -54.69 10.91 -3.07
N SER B 474 -55.43 10.56 -2.02
CA SER B 474 -54.90 9.80 -0.90
C SER B 474 -55.86 8.67 -0.56
N GLU B 475 -55.56 7.47 -1.06
CA GLU B 475 -56.43 6.32 -0.87
C GLU B 475 -57.79 6.54 -1.51
N GLU B 476 -57.78 7.04 -2.74
CA GLU B 476 -59.02 7.27 -3.48
C GLU B 476 -59.21 6.17 -4.52
N ASP B 477 -60.17 6.39 -5.43
CA ASP B 477 -60.42 5.43 -6.51
C ASP B 477 -59.86 5.94 -7.83
N TYR B 478 -58.82 5.26 -8.32
CA TYR B 478 -58.20 5.61 -9.59
C TYR B 478 -58.05 4.37 -10.46
N GLN B 483 -55.18 3.91 -11.57
CA GLN B 483 -54.61 2.76 -12.26
C GLN B 483 -53.25 3.10 -12.86
N ASP B 484 -53.26 3.92 -13.90
CA ASP B 484 -52.03 4.32 -14.57
C ASP B 484 -51.21 3.08 -14.93
N GLU B 485 -49.89 3.17 -14.82
CA GLU B 485 -49.02 2.03 -15.09
C GLU B 485 -47.98 1.87 -14.00
N CYS B 486 -48.15 0.84 -13.18
CA CYS B 486 -47.18 0.50 -12.15
C CYS B 486 -46.27 -0.63 -12.66
N SER B 487 -46.43 -0.97 -13.94
CA SER B 487 -45.66 -2.03 -14.55
C SER B 487 -45.21 -1.60 -15.94
N PRO B 488 -44.02 -2.05 -16.37
CA PRO B 488 -43.50 -1.69 -17.70
C PRO B 488 -44.43 -2.15 -18.82
N ARG B 489 -45.08 -3.29 -18.62
CA ARG B 489 -46.01 -3.82 -19.61
C ARG B 489 -47.12 -4.61 -18.91
N GLU B 490 -48.23 -4.79 -19.61
CA GLU B 490 -49.39 -5.47 -19.04
C GLU B 490 -49.11 -6.94 -18.73
N GLY B 491 -48.03 -7.47 -19.31
CA GLY B 491 -47.65 -8.86 -19.09
C GLY B 491 -46.52 -9.00 -18.09
N GLN B 492 -46.46 -8.07 -17.14
CA GLN B 492 -45.41 -8.08 -16.12
C GLN B 492 -45.98 -7.66 -14.77
N PRO B 493 -45.36 -8.12 -13.67
CA PRO B 493 -45.87 -7.90 -12.31
C PRO B 493 -45.92 -6.42 -11.91
N VAL B 494 -46.38 -6.17 -10.68
CA VAL B 494 -46.57 -4.80 -10.20
C VAL B 494 -45.41 -4.34 -9.33
N CYS B 495 -44.70 -3.31 -9.79
CA CYS B 495 -43.59 -2.73 -9.04
C CYS B 495 -42.58 -3.78 -8.60
N SER B 496 -42.40 -4.81 -9.41
CA SER B 496 -41.46 -5.89 -9.08
C SER B 496 -41.78 -6.51 -7.73
N GLN B 497 -43.06 -6.44 -7.35
CA GLN B 497 -43.51 -6.96 -6.06
C GLN B 497 -42.71 -6.34 -4.90
N ARG B 498 -42.14 -5.16 -5.15
CA ARG B 498 -41.49 -4.38 -4.11
C ARG B 498 -42.40 -3.23 -3.70
N GLY B 499 -43.60 -3.21 -4.26
CA GLY B 499 -44.57 -2.17 -3.99
C GLY B 499 -45.86 -2.47 -4.73
N GLU B 500 -46.83 -1.58 -4.61
CA GLU B 500 -48.10 -1.74 -5.31
C GLU B 500 -48.59 -0.43 -5.88
N CYS B 501 -49.64 -0.50 -6.69
CA CYS B 501 -50.19 0.69 -7.34
C CYS B 501 -51.17 1.41 -6.43
N LEU B 502 -50.80 2.62 -6.03
CA LEU B 502 -51.69 3.48 -5.26
C LEU B 502 -51.79 4.83 -5.95
N CYS B 503 -53.02 5.22 -6.28
CA CYS B 503 -53.25 6.43 -7.07
C CYS B 503 -52.49 6.34 -8.39
N GLY B 504 -52.25 5.11 -8.85
CA GLY B 504 -51.58 4.87 -10.11
C GLY B 504 -50.09 5.11 -10.05
N GLN B 505 -49.45 4.61 -8.98
CA GLN B 505 -48.01 4.78 -8.82
C GLN B 505 -47.45 3.72 -7.87
N CYS B 506 -46.17 3.38 -8.06
CA CYS B 506 -45.52 2.37 -7.24
C CYS B 506 -44.98 2.95 -5.95
N VAL B 507 -45.29 2.29 -4.84
CA VAL B 507 -44.75 2.68 -3.54
C VAL B 507 -43.75 1.62 -3.07
N CYS B 508 -42.47 1.95 -3.17
CA CYS B 508 -41.40 1.02 -2.83
C CYS B 508 -41.38 0.71 -1.33
N HIS B 509 -41.08 -0.54 -1.01
CA HIS B 509 -40.91 -0.94 0.38
C HIS B 509 -39.54 -0.50 0.87
N SER B 510 -39.23 -0.81 2.13
CA SER B 510 -37.93 -0.50 2.69
C SER B 510 -37.38 -1.70 3.45
N SER B 511 -36.38 -2.35 2.87
CA SER B 511 -35.77 -3.52 3.49
C SER B 511 -34.69 -3.08 4.47
N ASP B 512 -34.33 -3.96 5.40
CA ASP B 512 -33.28 -3.68 6.36
C ASP B 512 -31.92 -3.66 5.66
N PHE B 513 -31.89 -4.15 4.42
CA PHE B 513 -30.65 -4.18 3.64
C PHE B 513 -30.30 -2.82 3.07
N GLY B 514 -31.29 -2.11 2.53
CA GLY B 514 -31.04 -0.81 1.94
C GLY B 514 -32.30 -0.07 1.53
N LYS B 515 -32.15 0.85 0.58
CA LYS B 515 -33.26 1.68 0.11
C LYS B 515 -33.72 1.23 -1.27
N ILE B 516 -34.99 0.84 -1.38
CA ILE B 516 -35.56 0.48 -2.67
C ILE B 516 -36.10 1.72 -3.36
N THR B 517 -35.58 2.00 -4.55
CA THR B 517 -35.97 3.19 -5.29
C THR B 517 -36.27 2.84 -6.74
N GLY B 518 -36.62 3.86 -7.53
CA GLY B 518 -36.93 3.66 -8.93
C GLY B 518 -38.42 3.78 -9.18
N LYS B 519 -38.79 4.06 -10.43
CA LYS B 519 -40.19 4.19 -10.80
C LYS B 519 -40.96 2.93 -10.45
N TYR B 520 -40.41 1.78 -10.83
CA TYR B 520 -41.07 0.50 -10.59
C TYR B 520 -40.38 -0.27 -9.47
N CYS B 521 -39.69 0.45 -8.59
CA CYS B 521 -39.03 -0.16 -7.44
C CYS B 521 -38.10 -1.29 -7.90
N GLU B 522 -37.16 -0.97 -8.79
CA GLU B 522 -36.27 -1.97 -9.35
C GLU B 522 -34.82 -1.74 -8.91
N CYS B 523 -34.61 -0.71 -8.09
CA CYS B 523 -33.25 -0.36 -7.66
C CYS B 523 -33.07 -0.51 -6.16
N ASP B 524 -31.81 -0.61 -5.74
CA ASP B 524 -31.47 -0.74 -4.33
C ASP B 524 -29.97 -0.56 -4.13
N ASP B 525 -29.54 -0.62 -2.88
CA ASP B 525 -28.13 -0.39 -2.55
C ASP B 525 -27.36 -1.70 -2.38
N PHE B 526 -28.07 -2.82 -2.35
CA PHE B 526 -27.46 -4.09 -2.00
C PHE B 526 -27.42 -5.10 -3.16
N SER B 527 -27.95 -4.70 -4.32
CA SER B 527 -28.00 -5.59 -5.47
C SER B 527 -26.63 -5.73 -6.12
N CYS B 528 -25.77 -4.74 -5.92
CA CYS B 528 -24.47 -4.68 -6.60
C CYS B 528 -23.61 -5.91 -6.35
N VAL B 529 -22.74 -6.20 -7.31
CA VAL B 529 -21.81 -7.32 -7.20
C VAL B 529 -20.77 -7.06 -6.12
N ARG B 530 -20.16 -8.13 -5.63
CA ARG B 530 -19.15 -8.04 -4.58
C ARG B 530 -17.91 -8.79 -5.02
N TYR B 531 -16.75 -8.15 -4.93
CA TYR B 531 -15.51 -8.78 -5.36
C TYR B 531 -15.05 -9.84 -4.36
N LYS B 532 -14.47 -9.40 -3.25
CA LYS B 532 -14.02 -10.33 -2.21
C LYS B 532 -14.39 -9.80 -0.83
N GLY B 533 -15.52 -10.27 -0.30
CA GLY B 533 -15.94 -9.91 1.04
C GLY B 533 -16.58 -8.53 1.13
N GLU B 534 -16.53 -7.76 0.04
CA GLU B 534 -17.08 -6.41 0.05
C GLU B 534 -17.76 -6.08 -1.27
N MET B 535 -18.82 -5.30 -1.19
CA MET B 535 -19.59 -4.89 -2.36
C MET B 535 -18.82 -3.83 -3.14
N CYS B 536 -18.69 -4.04 -4.45
CA CYS B 536 -17.92 -3.15 -5.30
C CYS B 536 -16.49 -3.03 -4.80
N SER B 537 -16.03 -4.07 -4.11
CA SER B 537 -14.67 -4.10 -3.57
C SER B 537 -14.46 -3.01 -2.54
N GLY B 538 -15.55 -2.41 -2.07
CA GLY B 538 -15.47 -1.29 -1.14
C GLY B 538 -14.97 -0.02 -1.80
N HIS B 539 -14.59 -0.12 -3.07
CA HIS B 539 -14.08 1.04 -3.80
C HIS B 539 -15.16 1.66 -4.68
N GLY B 540 -16.42 1.32 -4.40
CA GLY B 540 -17.52 1.87 -5.14
C GLY B 540 -18.81 1.78 -4.34
N GLN B 541 -19.76 2.65 -4.66
CA GLN B 541 -21.06 2.63 -4.00
C GLN B 541 -22.13 2.17 -4.98
N CYS B 542 -23.03 1.31 -4.50
CA CYS B 542 -24.02 0.66 -5.35
C CYS B 542 -25.21 1.55 -5.64
N SER B 543 -25.68 1.51 -6.89
CA SER B 543 -26.88 2.23 -7.29
C SER B 543 -27.67 1.42 -8.32
N CYS B 544 -28.80 0.88 -7.90
CA CYS B 544 -29.66 0.08 -8.78
C CYS B 544 -28.88 -1.10 -9.36
N GLY B 545 -28.02 -1.69 -8.53
CA GLY B 545 -27.26 -2.86 -8.93
C GLY B 545 -26.03 -2.54 -9.77
N ASP B 546 -25.62 -1.27 -9.76
CA ASP B 546 -24.47 -0.83 -10.53
C ASP B 546 -23.40 -0.23 -9.62
N CYS B 547 -22.21 -0.83 -9.65
CA CYS B 547 -21.09 -0.33 -8.85
C CYS B 547 -20.48 0.91 -9.48
N LEU B 548 -20.51 2.01 -8.76
CA LEU B 548 -19.89 3.25 -9.23
C LEU B 548 -18.54 3.42 -8.54
N CYS B 549 -17.47 3.18 -9.30
CA CYS B 549 -16.12 3.18 -8.75
C CYS B 549 -15.70 4.55 -8.25
N ASP B 550 -15.03 4.57 -7.10
CA ASP B 550 -14.53 5.82 -6.52
C ASP B 550 -13.34 6.33 -7.32
N SER B 551 -12.73 7.41 -6.84
CA SER B 551 -11.60 8.02 -7.53
C SER B 551 -10.47 7.02 -7.72
N ASP B 552 -9.91 7.00 -8.93
CA ASP B 552 -8.77 6.14 -9.27
C ASP B 552 -9.13 4.66 -9.23
N TRP B 553 -10.40 4.36 -9.48
CA TRP B 553 -10.86 2.97 -9.54
C TRP B 553 -11.75 2.76 -10.75
N THR B 554 -11.60 1.60 -11.39
CA THR B 554 -12.33 1.30 -12.62
C THR B 554 -12.72 -0.17 -12.65
N GLY B 555 -13.40 -0.57 -13.72
CA GLY B 555 -13.82 -1.94 -13.90
C GLY B 555 -15.26 -2.12 -13.46
N TYR B 556 -15.82 -3.29 -13.76
CA TYR B 556 -17.19 -3.59 -13.38
C TYR B 556 -17.32 -3.72 -11.87
N TYR B 557 -16.35 -4.40 -11.26
CA TYR B 557 -16.36 -4.62 -9.82
C TYR B 557 -15.57 -3.54 -9.08
N CYS B 558 -15.08 -2.55 -9.83
CA CYS B 558 -14.27 -1.50 -9.27
C CYS B 558 -13.04 -2.08 -8.57
N ASN B 559 -12.60 -3.24 -9.04
CA ASN B 559 -11.42 -3.89 -8.49
C ASN B 559 -10.19 -3.68 -9.36
N CYS B 560 -10.28 -2.74 -10.29
CA CYS B 560 -9.16 -2.40 -11.17
C CYS B 560 -8.75 -0.95 -10.97
N THR B 561 -7.53 -0.74 -10.50
CA THR B 561 -7.02 0.59 -10.23
C THR B 561 -6.46 1.25 -11.49
N THR B 562 -6.35 2.58 -11.45
CA THR B 562 -5.79 3.34 -12.55
C THR B 562 -4.30 3.54 -12.36
N ARG B 563 -3.77 3.00 -11.26
CA ARG B 563 -2.36 3.20 -10.91
C ARG B 563 -1.40 2.49 -11.87
N THR B 564 -0.16 2.96 -11.88
CA THR B 564 0.85 2.48 -12.82
C THR B 564 2.19 2.17 -12.14
N ASP B 565 2.56 2.97 -11.15
CA ASP B 565 3.88 2.88 -10.51
C ASP B 565 4.24 1.45 -10.09
N THR B 566 3.25 0.62 -9.78
CA THR B 566 3.50 -0.75 -9.37
C THR B 566 3.97 -1.62 -10.54
N CYS B 567 3.79 -1.11 -11.76
CA CYS B 567 4.21 -1.81 -12.96
C CYS B 567 5.60 -1.39 -13.43
N MET B 568 6.17 -0.40 -12.74
CA MET B 568 7.49 0.12 -13.10
C MET B 568 8.60 -0.79 -12.55
N SER B 569 9.67 -0.92 -13.32
CA SER B 569 10.78 -1.77 -12.93
C SER B 569 11.94 -0.94 -12.40
N SER B 570 12.97 -1.63 -11.89
CA SER B 570 14.14 -0.96 -11.34
C SER B 570 14.80 -0.09 -12.41
N ASN B 571 14.77 -0.56 -13.66
CA ASN B 571 15.38 0.16 -14.76
C ASN B 571 14.61 1.42 -15.16
N GLY B 572 13.36 1.52 -14.69
CA GLY B 572 12.53 2.67 -15.00
C GLY B 572 11.66 2.43 -16.22
N LEU B 573 11.39 1.16 -16.51
CA LEU B 573 10.56 0.78 -17.64
C LEU B 573 9.28 0.10 -17.18
N LEU B 574 8.24 0.18 -18.01
CA LEU B 574 6.95 -0.40 -17.68
C LEU B 574 6.97 -1.91 -17.92
N CYS B 575 6.82 -2.68 -16.85
CA CYS B 575 6.85 -4.13 -16.93
C CYS B 575 8.15 -4.60 -17.57
N SER B 576 9.22 -3.83 -17.36
CA SER B 576 10.53 -4.15 -17.93
C SER B 576 10.49 -4.22 -19.44
N GLY B 577 9.49 -3.55 -20.03
CA GLY B 577 9.34 -3.52 -21.47
C GLY B 577 8.92 -4.86 -22.05
N ARG B 578 8.69 -5.85 -21.18
CA ARG B 578 8.31 -7.18 -21.63
C ARG B 578 6.88 -7.51 -21.24
N GLY B 579 6.13 -6.50 -20.82
CA GLY B 579 4.73 -6.69 -20.46
C GLY B 579 3.97 -5.39 -20.49
N LYS B 580 2.65 -5.48 -20.33
CA LYS B 580 1.80 -4.30 -20.27
C LYS B 580 1.07 -4.25 -18.93
N CYS B 581 1.00 -3.05 -18.34
CA CYS B 581 0.37 -2.88 -17.05
C CYS B 581 -1.14 -2.91 -17.16
N GLU B 582 -1.77 -3.80 -16.40
CA GLU B 582 -3.23 -3.87 -16.35
C GLU B 582 -3.69 -4.00 -14.90
N CYS B 583 -4.47 -3.02 -14.45
CA CYS B 583 -5.00 -3.00 -13.10
C CYS B 583 -3.89 -3.03 -12.05
N GLY B 584 -2.79 -2.35 -12.35
CA GLY B 584 -1.70 -2.22 -11.40
C GLY B 584 -0.65 -3.31 -11.51
N SER B 585 -1.05 -4.47 -12.03
CA SER B 585 -0.12 -5.58 -12.18
C SER B 585 0.29 -5.74 -13.65
N CYS B 586 1.56 -6.06 -13.87
CA CYS B 586 2.07 -6.25 -15.23
C CYS B 586 1.57 -7.56 -15.81
N VAL B 587 1.14 -7.50 -17.07
CA VAL B 587 0.77 -8.69 -17.81
C VAL B 587 1.91 -9.03 -18.78
N CYS B 588 2.73 -9.99 -18.39
CA CYS B 588 3.93 -10.32 -19.16
C CYS B 588 3.60 -10.88 -20.53
N ILE B 589 4.28 -10.35 -21.54
CA ILE B 589 4.08 -10.77 -22.93
C ILE B 589 5.25 -11.62 -23.41
N GLN B 590 6.47 -11.12 -23.23
CA GLN B 590 7.67 -11.85 -23.63
C GLN B 590 7.62 -13.28 -23.09
N PRO B 591 7.89 -14.26 -23.97
CA PRO B 591 7.91 -15.67 -23.55
C PRO B 591 8.91 -15.93 -22.42
N GLY B 592 8.56 -16.84 -21.52
CA GLY B 592 9.45 -17.22 -20.44
C GLY B 592 9.73 -16.10 -19.46
N SER B 593 8.92 -15.05 -19.50
CA SER B 593 9.07 -13.93 -18.58
C SER B 593 7.91 -13.89 -17.60
N TYR B 594 8.18 -13.43 -16.38
CA TYR B 594 7.16 -13.35 -15.35
C TYR B 594 7.64 -12.50 -14.17
N GLY B 595 6.81 -12.39 -13.14
CA GLY B 595 7.15 -11.59 -11.98
C GLY B 595 6.26 -10.36 -11.88
N ASP B 596 6.42 -9.61 -10.79
CA ASP B 596 5.61 -8.43 -10.56
C ASP B 596 5.71 -7.45 -11.72
N THR B 597 6.94 -7.10 -12.06
CA THR B 597 7.19 -6.18 -13.17
C THR B 597 7.76 -6.93 -14.37
N CYS B 598 7.43 -8.22 -14.47
CA CYS B 598 7.94 -9.06 -15.55
C CYS B 598 9.46 -8.96 -15.62
N GLU B 599 10.09 -8.90 -14.45
CA GLU B 599 11.54 -8.72 -14.35
C GLU B 599 12.27 -10.06 -14.42
N LYS B 600 11.56 -11.15 -14.19
CA LYS B 600 12.16 -12.47 -14.18
C LYS B 600 11.95 -13.18 -15.51
N CYS B 601 13.04 -13.40 -16.24
CA CYS B 601 12.96 -14.12 -17.51
C CYS B 601 14.21 -14.97 -17.71
N PRO B 602 14.21 -16.18 -17.13
CA PRO B 602 15.35 -17.10 -17.23
C PRO B 602 15.61 -17.58 -18.65
N THR B 603 14.55 -17.98 -19.36
CA THR B 603 14.71 -18.66 -20.64
C THR B 603 14.68 -17.72 -21.85
N CYS B 604 14.45 -16.43 -21.62
CA CYS B 604 14.49 -15.48 -22.73
C CYS B 604 15.94 -15.30 -23.18
N PRO B 605 16.14 -14.95 -24.46
CA PRO B 605 17.47 -14.86 -25.07
C PRO B 605 18.47 -14.10 -24.20
N ASP B 606 19.76 -14.38 -24.40
CA ASP B 606 20.81 -13.73 -23.62
C ASP B 606 20.95 -12.27 -24.00
N ALA B 607 21.62 -11.50 -23.15
CA ALA B 607 21.77 -10.06 -23.36
C ALA B 607 22.35 -9.74 -24.74
N CYS B 608 23.26 -10.59 -25.21
CA CYS B 608 23.90 -10.37 -26.50
C CYS B 608 22.87 -10.29 -27.62
N THR B 609 21.79 -11.07 -27.50
CA THR B 609 20.77 -11.12 -28.52
C THR B 609 19.91 -9.87 -28.50
N PHE B 610 19.76 -9.26 -27.33
CA PHE B 610 18.96 -8.05 -27.18
C PHE B 610 19.73 -6.81 -27.63
N LYS B 611 21.03 -6.79 -27.36
CA LYS B 611 21.85 -5.62 -27.64
C LYS B 611 22.42 -5.61 -29.05
N LYS B 612 22.34 -6.75 -29.75
CA LYS B 612 22.78 -6.81 -31.14
C LYS B 612 21.86 -5.94 -31.99
N GLU B 613 20.61 -5.79 -31.54
CA GLU B 613 19.64 -4.95 -32.23
C GLU B 613 19.95 -3.49 -31.96
N CYS B 614 20.44 -3.21 -30.75
CA CYS B 614 20.79 -1.84 -30.37
C CYS B 614 22.03 -1.37 -31.12
N VAL B 615 23.01 -2.26 -31.27
CA VAL B 615 24.20 -1.94 -32.05
C VAL B 615 23.80 -1.76 -33.50
N GLU B 616 22.96 -2.66 -34.00
CA GLU B 616 22.53 -2.64 -35.39
C GLU B 616 21.76 -1.36 -35.72
N CYS B 617 21.14 -0.75 -34.70
CA CYS B 617 20.37 0.46 -34.92
C CYS B 617 21.22 1.70 -34.72
N LYS B 618 21.77 1.85 -33.52
CA LYS B 618 22.57 3.04 -33.19
C LYS B 618 23.77 3.19 -34.12
N LYS B 619 24.50 2.10 -34.34
CA LYS B 619 25.74 2.17 -35.12
C LYS B 619 25.52 1.96 -36.62
N PHE B 620 24.60 1.07 -36.98
CA PHE B 620 24.38 0.74 -38.39
C PHE B 620 23.10 1.33 -38.96
N ASP B 621 22.33 2.01 -38.13
CA ASP B 621 21.12 2.69 -38.57
C ASP B 621 20.20 1.74 -39.34
N ARG B 622 20.02 0.54 -38.80
CA ARG B 622 19.18 -0.45 -39.44
C ARG B 622 18.74 -1.51 -38.43
N GLY B 623 18.09 -2.56 -38.92
CA GLY B 623 17.60 -3.62 -38.07
C GLY B 623 16.13 -3.43 -37.75
N ALA B 624 15.50 -4.46 -37.20
CA ALA B 624 14.08 -4.41 -36.86
C ALA B 624 13.80 -3.29 -35.88
N LEU B 625 14.79 -2.95 -35.06
CA LEU B 625 14.64 -1.91 -34.05
C LEU B 625 14.61 -0.52 -34.68
N HIS B 626 15.47 -0.30 -35.67
CA HIS B 626 15.56 0.99 -36.32
C HIS B 626 14.31 1.31 -37.15
N ASP B 627 13.69 0.26 -37.68
CA ASP B 627 12.52 0.42 -38.53
C ASP B 627 11.34 1.03 -37.76
N GLU B 628 11.35 0.84 -36.44
CA GLU B 628 10.25 1.31 -35.60
C GLU B 628 10.60 2.60 -34.87
N ASN B 629 11.79 3.14 -35.15
CA ASN B 629 12.23 4.40 -34.56
C ASN B 629 12.19 4.38 -33.04
N THR B 630 12.33 3.19 -32.46
CA THR B 630 12.36 3.04 -31.01
C THR B 630 13.79 2.82 -30.53
N CYS B 631 14.73 2.82 -31.47
CA CYS B 631 16.14 2.58 -31.16
C CYS B 631 16.67 3.57 -30.13
N ASN B 632 16.27 4.83 -30.25
CA ASN B 632 16.78 5.89 -29.39
C ASN B 632 16.39 5.72 -27.92
N ARG B 633 15.15 5.28 -27.68
CA ARG B 633 14.66 5.13 -26.32
C ARG B 633 15.02 3.77 -25.74
N TYR B 634 15.10 2.75 -26.59
CA TYR B 634 15.45 1.41 -26.14
C TYR B 634 16.90 1.32 -25.69
N CYS B 635 17.81 1.68 -26.58
CA CYS B 635 19.24 1.56 -26.29
C CYS B 635 19.76 2.82 -25.58
N ARG B 636 19.72 2.78 -24.25
CA ARG B 636 20.21 3.89 -23.44
C ARG B 636 21.67 3.68 -23.06
N ASP B 637 22.26 2.59 -23.54
CA ASP B 637 23.64 2.27 -23.23
C ASP B 637 24.59 3.16 -24.03
N GLU B 638 25.50 3.82 -23.36
CA GLU B 638 26.56 4.57 -24.02
C GLU B 638 27.32 3.59 -24.90
N ILE B 639 27.45 3.91 -26.19
CA ILE B 639 28.10 3.00 -27.12
C ILE B 639 29.15 3.72 -27.95
N GLU B 640 30.33 3.10 -28.07
CA GLU B 640 31.42 3.69 -28.84
C GLU B 640 32.17 2.60 -29.62
N SER B 641 32.85 3.03 -30.68
CA SER B 641 33.60 2.10 -31.51
C SER B 641 35.03 1.96 -31.01
N VAL B 642 35.42 0.73 -30.68
CA VAL B 642 36.76 0.47 -30.18
C VAL B 642 37.60 -0.28 -31.20
N LYS B 643 38.90 -0.06 -31.15
CA LYS B 643 39.84 -0.74 -32.05
C LYS B 643 39.85 -2.24 -31.80
N GLU B 644 39.85 -2.62 -30.52
CA GLU B 644 39.86 -4.03 -30.11
C GLU B 644 39.03 -4.22 -28.85
N LEU B 645 38.47 -5.41 -28.68
CA LEU B 645 37.67 -5.75 -27.51
C LEU B 645 38.57 -6.22 -26.37
N LYS B 646 38.47 -5.54 -25.23
CA LYS B 646 39.41 -5.77 -24.14
C LYS B 646 38.70 -6.29 -22.91
N ASP B 647 39.48 -6.87 -22.02
CA ASP B 647 38.96 -7.38 -20.76
C ASP B 647 38.69 -6.28 -19.74
N THR B 648 37.44 -5.84 -19.68
CA THR B 648 37.03 -4.78 -18.79
C THR B 648 36.62 -5.35 -17.43
N GLY B 649 36.06 -6.57 -17.43
CA GLY B 649 35.66 -7.19 -16.19
C GLY B 649 35.15 -8.61 -16.34
N LYS B 650 35.18 -9.37 -15.24
CA LYS B 650 34.59 -10.69 -15.22
C LYS B 650 33.10 -10.57 -15.54
N ASP B 651 32.55 -9.39 -15.29
CA ASP B 651 31.15 -9.10 -15.54
C ASP B 651 30.89 -8.88 -17.03
N ALA B 652 31.84 -8.23 -17.69
CA ALA B 652 31.71 -7.93 -19.12
C ALA B 652 31.49 -9.19 -19.94
N VAL B 653 30.74 -9.07 -21.02
CA VAL B 653 30.43 -10.21 -21.88
C VAL B 653 30.77 -9.90 -23.33
N ASN B 654 31.67 -10.68 -23.91
CA ASN B 654 31.99 -10.54 -25.32
C ASN B 654 30.89 -11.14 -26.19
N CYS B 655 30.36 -10.33 -27.10
CA CYS B 655 29.28 -10.76 -27.97
C CYS B 655 29.70 -10.74 -29.43
N THR B 656 29.09 -11.61 -30.23
CA THR B 656 29.41 -11.71 -31.65
C THR B 656 28.16 -12.05 -32.45
N TYR B 657 28.02 -11.44 -33.62
CA TYR B 657 26.86 -11.72 -34.48
C TYR B 657 27.15 -11.33 -35.92
N LYS B 658 26.38 -11.90 -36.85
CA LYS B 658 26.51 -11.59 -38.26
C LYS B 658 25.42 -10.61 -38.69
N ASN B 659 25.83 -9.44 -39.16
CA ASN B 659 24.89 -8.40 -39.56
C ASN B 659 24.24 -8.70 -40.91
N GLU B 660 23.45 -7.76 -41.40
CA GLU B 660 22.73 -7.93 -42.65
C GLU B 660 23.70 -8.00 -43.84
N ASP B 661 24.92 -7.50 -43.63
CA ASP B 661 25.94 -7.53 -44.66
C ASP B 661 26.77 -8.81 -44.61
N ASP B 662 26.32 -9.78 -43.82
CA ASP B 662 27.01 -11.07 -43.70
C ASP B 662 28.42 -10.89 -43.14
N CYS B 663 28.60 -9.88 -42.30
CA CYS B 663 29.90 -9.60 -41.70
C CYS B 663 29.86 -9.89 -40.20
N VAL B 664 30.95 -10.45 -39.68
CA VAL B 664 31.04 -10.75 -38.26
C VAL B 664 31.32 -9.50 -37.44
N VAL B 665 30.40 -9.18 -36.54
CA VAL B 665 30.53 -8.01 -35.70
C VAL B 665 30.74 -8.43 -34.25
N ARG B 666 31.73 -7.84 -33.59
CA ARG B 666 32.01 -8.14 -32.19
C ARG B 666 31.84 -6.91 -31.31
N PHE B 667 31.30 -7.12 -30.12
CA PHE B 667 31.16 -6.05 -29.14
C PHE B 667 31.05 -6.66 -27.75
N GLN B 668 31.00 -5.82 -26.72
CA GLN B 668 30.82 -6.31 -25.36
C GLN B 668 29.91 -5.39 -24.55
N TYR B 669 29.38 -5.94 -23.46
CA TYR B 669 28.42 -5.22 -22.62
C TYR B 669 28.93 -5.14 -21.19
N TYR B 670 29.01 -3.94 -20.65
CA TYR B 670 29.44 -3.75 -19.28
C TYR B 670 28.30 -3.22 -18.42
N GLU B 671 28.06 -3.89 -17.30
CA GLU B 671 26.94 -3.53 -16.42
C GLU B 671 27.35 -2.53 -15.33
N ASP B 672 28.55 -2.69 -14.80
CA ASP B 672 28.93 -2.02 -13.55
C ASP B 672 29.84 -0.79 -13.70
N SER B 673 30.83 -0.66 -12.81
CA SER B 673 31.72 0.51 -12.78
C SER B 673 30.92 1.74 -12.42
N SER B 674 30.37 1.69 -11.21
CA SER B 674 29.70 2.84 -10.62
C SER B 674 28.22 2.94 -11.01
N GLY B 675 27.75 2.05 -11.89
CA GLY B 675 26.33 1.98 -12.18
C GLY B 675 25.88 2.48 -13.55
N LYS B 676 26.77 2.38 -14.55
CA LYS B 676 26.47 2.81 -15.92
C LYS B 676 26.87 1.75 -16.94
N SER B 677 25.96 1.47 -17.87
CA SER B 677 26.15 0.46 -18.90
C SER B 677 26.77 1.08 -20.15
N ILE B 678 27.73 0.37 -20.74
CA ILE B 678 28.40 0.83 -21.94
C ILE B 678 28.58 -0.32 -22.93
N LEU B 679 28.49 0.00 -24.21
CA LEU B 679 28.72 -0.97 -25.28
C LEU B 679 29.98 -0.61 -26.05
N TYR B 680 30.90 -1.56 -26.16
CA TYR B 680 32.14 -1.36 -26.90
C TYR B 680 32.16 -2.26 -28.13
N VAL B 681 32.11 -1.66 -29.31
CA VAL B 681 32.03 -2.40 -30.56
C VAL B 681 33.35 -2.32 -31.34
N VAL B 682 33.90 -3.46 -31.71
CA VAL B 682 35.12 -3.48 -32.52
C VAL B 682 34.84 -2.79 -33.84
N GLU B 683 35.70 -1.84 -34.21
CA GLU B 683 35.43 -0.95 -35.33
C GLU B 683 35.59 -1.65 -36.69
N GLU B 684 36.27 -2.78 -36.71
CA GLU B 684 36.49 -3.50 -37.96
C GLU B 684 35.89 -4.89 -37.96
N PRO B 685 34.57 -4.98 -38.23
CA PRO B 685 33.92 -6.28 -38.42
C PRO B 685 34.56 -7.04 -39.57
N GLU B 686 34.65 -8.36 -39.46
CA GLU B 686 35.25 -9.17 -40.50
C GLU B 686 34.25 -9.45 -41.62
N CYS B 687 34.66 -9.16 -42.84
CA CYS B 687 33.79 -9.31 -44.02
C CYS B 687 34.46 -10.18 -45.08
N PRO B 688 33.65 -10.68 -46.03
CA PRO B 688 34.16 -11.45 -47.17
C PRO B 688 35.34 -10.77 -47.87
N LYS B 689 36.27 -11.59 -48.37
CA LYS B 689 37.47 -11.06 -49.02
C LYS B 689 37.32 -11.04 -50.54
N GLY B 690 37.41 -9.85 -51.12
CA GLY B 690 37.37 -9.70 -52.56
C GLY B 690 38.70 -10.07 -53.18
N PRO B 691 38.68 -10.90 -54.24
CA PRO B 691 39.92 -11.37 -54.88
C PRO B 691 40.69 -10.24 -55.54
N ALA B 706 44.43 -32.34 -67.55
CA ALA B 706 45.48 -33.30 -67.25
C ALA B 706 45.14 -34.07 -65.97
N GLN B 707 45.84 -33.76 -64.88
CA GLN B 707 45.58 -34.41 -63.59
C GLN B 707 44.24 -33.95 -63.02
N CYS B 708 43.86 -32.71 -63.32
CA CYS B 708 42.60 -32.16 -62.83
C CYS B 708 41.43 -33.02 -63.29
N LYS B 709 41.59 -33.69 -64.42
CA LYS B 709 40.56 -34.57 -64.95
C LYS B 709 40.35 -35.78 -64.05
N LYS B 710 41.46 -36.35 -63.57
CA LYS B 710 41.40 -37.51 -62.68
C LYS B 710 40.70 -37.13 -61.38
N LYS B 711 40.89 -35.89 -60.94
CA LYS B 711 40.31 -35.42 -59.69
C LYS B 711 38.80 -35.25 -59.80
N LEU B 712 38.35 -34.69 -60.92
CA LEU B 712 36.93 -34.53 -61.19
C LEU B 712 36.26 -35.89 -61.23
N GLN B 713 36.83 -36.79 -62.03
CA GLN B 713 36.30 -38.14 -62.19
C GLN B 713 36.22 -38.85 -60.84
N ALA B 714 37.24 -38.66 -60.01
CA ALA B 714 37.29 -39.27 -58.69
C ALA B 714 36.07 -38.86 -57.87
N LEU B 715 35.66 -37.60 -58.02
CA LEU B 715 34.50 -37.09 -57.30
C LEU B 715 33.20 -37.56 -57.96
N LYS B 716 33.23 -37.71 -59.29
CA LYS B 716 32.07 -38.18 -60.02
C LYS B 716 31.69 -39.59 -59.58
N LYS B 717 32.69 -40.44 -59.40
CA LYS B 717 32.46 -41.79 -58.90
C LYS B 717 31.73 -41.75 -57.57
N LYS B 718 32.21 -40.89 -56.67
CA LYS B 718 31.62 -40.76 -55.35
C LYS B 718 30.17 -40.30 -55.42
N ASN B 719 29.91 -39.31 -56.28
CA ASN B 719 28.56 -38.79 -56.45
C ASN B 719 27.59 -39.86 -56.92
N ALA B 720 28.01 -40.65 -57.91
CA ALA B 720 27.19 -41.73 -58.44
C ALA B 720 26.79 -42.70 -57.33
N GLN B 721 27.76 -43.06 -56.50
CA GLN B 721 27.52 -43.96 -55.37
C GLN B 721 26.59 -43.30 -54.35
N LEU B 722 26.98 -42.11 -53.90
CA LEU B 722 26.23 -41.40 -52.88
C LEU B 722 24.76 -41.23 -53.25
N LYS B 723 24.51 -40.93 -54.52
CA LYS B 723 23.14 -40.74 -55.00
C LYS B 723 22.37 -42.05 -55.00
N TRP B 724 23.03 -43.13 -55.44
CA TRP B 724 22.40 -44.45 -55.48
C TRP B 724 22.17 -44.98 -54.07
N LYS B 725 23.01 -44.56 -53.14
CA LYS B 725 22.90 -45.02 -51.76
C LYS B 725 21.74 -44.35 -51.02
N LEU B 726 21.05 -43.44 -51.69
CA LEU B 726 19.87 -42.79 -51.11
C LEU B 726 18.68 -43.74 -51.22
N GLN B 727 18.25 -44.27 -50.09
CA GLN B 727 17.23 -45.31 -50.07
C GLN B 727 16.42 -45.31 -48.77
N ALA B 728 15.64 -46.35 -48.56
CA ALA B 728 14.88 -46.54 -47.33
C ALA B 728 13.82 -45.44 -47.17
N LEU B 729 13.64 -44.96 -45.94
CA LEU B 729 12.63 -43.94 -45.66
C LEU B 729 11.24 -44.46 -46.02
#